data_2GNS
# 
_entry.id   2GNS 
# 
_audit_conform.dict_name       mmcif_pdbx.dic 
_audit_conform.dict_version    5.397 
_audit_conform.dict_location   http://mmcif.pdb.org/dictionaries/ascii/mmcif_pdbx.dic 
# 
loop_
_database_2.database_id 
_database_2.database_code 
_database_2.pdbx_database_accession 
_database_2.pdbx_DOI 
PDB   2GNS         pdb_00002gns 10.2210/pdb2gns/pdb 
RCSB  RCSB037338   ?            ?                   
WWPDB D_1000037338 ?            ?                   
# 
loop_
_pdbx_audit_revision_history.ordinal 
_pdbx_audit_revision_history.data_content_type 
_pdbx_audit_revision_history.major_revision 
_pdbx_audit_revision_history.minor_revision 
_pdbx_audit_revision_history.revision_date 
1 'Structure model' 1 0 2006-04-25 
2 'Structure model' 1 1 2008-05-01 
3 'Structure model' 1 2 2011-07-13 
4 'Structure model' 1 3 2023-10-25 
5 'Structure model' 1 4 2024-10-09 
# 
_pdbx_audit_revision_details.ordinal             1 
_pdbx_audit_revision_details.revision_ordinal    1 
_pdbx_audit_revision_details.data_content_type   'Structure model' 
_pdbx_audit_revision_details.provider            repository 
_pdbx_audit_revision_details.type                'Initial release' 
_pdbx_audit_revision_details.description         ? 
_pdbx_audit_revision_details.details             ? 
# 
loop_
_pdbx_audit_revision_group.ordinal 
_pdbx_audit_revision_group.revision_ordinal 
_pdbx_audit_revision_group.data_content_type 
_pdbx_audit_revision_group.group 
1 2 'Structure model' 'Version format compliance' 
2 3 'Structure model' 'Version format compliance' 
3 4 'Structure model' 'Data collection'           
4 4 'Structure model' 'Database references'       
5 4 'Structure model' 'Derived calculations'      
6 4 'Structure model' 'Refinement description'    
7 5 'Structure model' 'Structure summary'         
# 
loop_
_pdbx_audit_revision_category.ordinal 
_pdbx_audit_revision_category.revision_ordinal 
_pdbx_audit_revision_category.data_content_type 
_pdbx_audit_revision_category.category 
1 4 'Structure model' chem_comp_atom                
2 4 'Structure model' chem_comp_bond                
3 4 'Structure model' database_2                    
4 4 'Structure model' pdbx_initial_refinement_model 
5 4 'Structure model' struct_site                   
6 5 'Structure model' pdbx_entry_details            
7 5 'Structure model' pdbx_modification_feature     
# 
loop_
_pdbx_audit_revision_item.ordinal 
_pdbx_audit_revision_item.revision_ordinal 
_pdbx_audit_revision_item.data_content_type 
_pdbx_audit_revision_item.item 
1 4 'Structure model' '_database_2.pdbx_DOI'                
2 4 'Structure model' '_database_2.pdbx_database_accession' 
3 4 'Structure model' '_struct_site.pdbx_auth_asym_id'      
4 4 'Structure model' '_struct_site.pdbx_auth_comp_id'      
5 4 'Structure model' '_struct_site.pdbx_auth_seq_id'       
# 
_pdbx_database_status.status_code                     REL 
_pdbx_database_status.entry_id                        2GNS 
_pdbx_database_status.recvd_initial_deposition_date   2006-04-11 
_pdbx_database_status.deposit_site                    RCSB 
_pdbx_database_status.process_site                    PDBJ 
_pdbx_database_status.status_code_sf                  REL 
_pdbx_database_status.status_code_mr                  ? 
_pdbx_database_status.SG_entry                        ? 
_pdbx_database_status.pdb_format_compatible           Y 
_pdbx_database_status.status_code_cs                  ? 
_pdbx_database_status.status_code_nmr_data            ? 
_pdbx_database_status.methods_development_category    ? 
# 
loop_
_pdbx_database_related.db_name 
_pdbx_database_related.db_id 
_pdbx_database_related.details 
_pdbx_database_related.content_type 
PDB 1SV3 'Structure of the complex formed between Phospholipase A2 and 4-methoxybenzoic acid at 1.3A resolution.' unspecified 
PDB 1TJ9 
;Structure of the complexed formed between group II phospholipase A2 and a rationally designed tetra peptide,Val-Ala-Arg-Ser at 1.1A resolution
;
unspecified 
# 
loop_
_audit_author.name 
_audit_author.pdbx_ordinal 
'Singh, N.'       1 
'Sharma, S.'      2 
'Somvanshi, R.K.' 3 
'Dey, S.'         4 
'Singh, T.P.'     5 
# 
_citation.id                        primary 
_citation.title                     
;Design of specific peptide inhibitors of phospholipase A2: Crystal structure of the complex formed between a group II phospholipase A2 and a designed pentapeptide Ala - Leu - Val - Tyr - Lys  at 2.3 A resolution
;
_citation.journal_abbrev            'To be Published' 
_citation.journal_volume            ? 
_citation.page_first                ? 
_citation.page_last                 ? 
_citation.year                      ? 
_citation.journal_id_ASTM           ? 
_citation.country                   ? 
_citation.journal_id_ISSN           ? 
_citation.journal_id_CSD            0353 
_citation.book_publisher            ? 
_citation.pdbx_database_id_PubMed   ? 
_citation.pdbx_database_id_DOI      ? 
# 
loop_
_citation_author.citation_id 
_citation_author.name 
_citation_author.ordinal 
_citation_author.identifier_ORCID 
primary 'Singh, N.'       1 ? 
primary 'Sharma, S.'      2 ? 
primary 'Somvanshi, R.K.' 3 ? 
primary 'Dey, S.'         4 ? 
primary 'Singh, T.P.'     5 ? 
# 
loop_
_entity.id 
_entity.type 
_entity.src_method 
_entity.pdbx_description 
_entity.formula_weight 
_entity.pdbx_number_of_molecules 
_entity.pdbx_ec 
_entity.pdbx_mutation 
_entity.pdbx_fragment 
_entity.details 
1 polymer     nat 'Phospholipase A2 VRV-PL-VIIIa' 13629.767 1   3.1.1.4 ? ? ? 
2 polymer     syn ALVYK                           593.735   1   ?       ? ? ? 
3 non-polymer syn 'SULFATE ION'                   96.063    1   ?       ? ? ? 
4 water       nat water                           18.015    109 ?       ? ? ? 
# 
_entity_name_com.entity_id   1 
_entity_name_com.name        'Phospholipase A2, Phosphatidylcholine 2- acylhydrolase, DPLA2' 
# 
loop_
_entity_poly.entity_id 
_entity_poly.type 
_entity_poly.nstd_linkage 
_entity_poly.nstd_monomer 
_entity_poly.pdbx_seq_one_letter_code 
_entity_poly.pdbx_seq_one_letter_code_can 
_entity_poly.pdbx_strand_id 
_entity_poly.pdbx_target_identifier 
1 'polypeptide(L)' no no 
;SLLEFGKMILEETGKLAIPSYSSYGCYCGWGGKGTPKDATDRCCFVHDCCYGNLPDCNPKSDRYKYKRVNGAIVCEKGTS
CENRICECDKAAAICFRQNLNTYSKKYMLYPDFLCKGELKC
;
;SLLEFGKMILEETGKLAIPSYSSYGCYCGWGGKGTPKDATDRCCFVHDCCYGNLPDCNPKSDRYKYKRVNGAIVCEKGTS
CENRICECDKAAAICFRQNLNTYSKKYMLYPDFLCKGELKC
;
A ? 
2 'polypeptide(L)' no no ALVYK ALVYK P ? 
# 
loop_
_pdbx_entity_nonpoly.entity_id 
_pdbx_entity_nonpoly.name 
_pdbx_entity_nonpoly.comp_id 
3 'SULFATE ION' SO4 
4 water         HOH 
# 
loop_
_entity_poly_seq.entity_id 
_entity_poly_seq.num 
_entity_poly_seq.mon_id 
_entity_poly_seq.hetero 
1 1   SER n 
1 2   LEU n 
1 3   LEU n 
1 4   GLU n 
1 5   PHE n 
1 6   GLY n 
1 7   LYS n 
1 8   MET n 
1 9   ILE n 
1 10  LEU n 
1 11  GLU n 
1 12  GLU n 
1 13  THR n 
1 14  GLY n 
1 15  LYS n 
1 16  LEU n 
1 17  ALA n 
1 18  ILE n 
1 19  PRO n 
1 20  SER n 
1 21  TYR n 
1 22  SER n 
1 23  SER n 
1 24  TYR n 
1 25  GLY n 
1 26  CYS n 
1 27  TYR n 
1 28  CYS n 
1 29  GLY n 
1 30  TRP n 
1 31  GLY n 
1 32  GLY n 
1 33  LYS n 
1 34  GLY n 
1 35  THR n 
1 36  PRO n 
1 37  LYS n 
1 38  ASP n 
1 39  ALA n 
1 40  THR n 
1 41  ASP n 
1 42  ARG n 
1 43  CYS n 
1 44  CYS n 
1 45  PHE n 
1 46  VAL n 
1 47  HIS n 
1 48  ASP n 
1 49  CYS n 
1 50  CYS n 
1 51  TYR n 
1 52  GLY n 
1 53  ASN n 
1 54  LEU n 
1 55  PRO n 
1 56  ASP n 
1 57  CYS n 
1 58  ASN n 
1 59  PRO n 
1 60  LYS n 
1 61  SER n 
1 62  ASP n 
1 63  ARG n 
1 64  TYR n 
1 65  LYS n 
1 66  TYR n 
1 67  LYS n 
1 68  ARG n 
1 69  VAL n 
1 70  ASN n 
1 71  GLY n 
1 72  ALA n 
1 73  ILE n 
1 74  VAL n 
1 75  CYS n 
1 76  GLU n 
1 77  LYS n 
1 78  GLY n 
1 79  THR n 
1 80  SER n 
1 81  CYS n 
1 82  GLU n 
1 83  ASN n 
1 84  ARG n 
1 85  ILE n 
1 86  CYS n 
1 87  GLU n 
1 88  CYS n 
1 89  ASP n 
1 90  LYS n 
1 91  ALA n 
1 92  ALA n 
1 93  ALA n 
1 94  ILE n 
1 95  CYS n 
1 96  PHE n 
1 97  ARG n 
1 98  GLN n 
1 99  ASN n 
1 100 LEU n 
1 101 ASN n 
1 102 THR n 
1 103 TYR n 
1 104 SER n 
1 105 LYS n 
1 106 LYS n 
1 107 TYR n 
1 108 MET n 
1 109 LEU n 
1 110 TYR n 
1 111 PRO n 
1 112 ASP n 
1 113 PHE n 
1 114 LEU n 
1 115 CYS n 
1 116 LYS n 
1 117 GLY n 
1 118 GLU n 
1 119 LEU n 
1 120 LYS n 
1 121 CYS n 
2 1   ALA n 
2 2   LEU n 
2 3   VAL n 
2 4   TYR n 
2 5   LYS n 
# 
_entity_src_nat.entity_id                  1 
_entity_src_nat.pdbx_src_id                1 
_entity_src_nat.pdbx_alt_source_flag       sample 
_entity_src_nat.pdbx_beg_seq_num           ? 
_entity_src_nat.pdbx_end_seq_num           ? 
_entity_src_nat.common_name                ? 
_entity_src_nat.pdbx_organism_scientific   'Daboia russellii pulchella' 
_entity_src_nat.pdbx_ncbi_taxonomy_id      97228 
_entity_src_nat.genus                      Daboia 
_entity_src_nat.species                    'Daboia russellii' 
_entity_src_nat.strain                     pulchella 
_entity_src_nat.tissue                     ? 
_entity_src_nat.tissue_fraction            ? 
_entity_src_nat.pdbx_secretion             ? 
_entity_src_nat.pdbx_fragment              ? 
_entity_src_nat.pdbx_variant               ? 
_entity_src_nat.pdbx_cell_line             ? 
_entity_src_nat.pdbx_atcc                  ? 
_entity_src_nat.pdbx_cellular_location     ? 
_entity_src_nat.pdbx_organ                 ? 
_entity_src_nat.pdbx_organelle             ? 
_entity_src_nat.pdbx_cell                  ? 
_entity_src_nat.pdbx_plasmid_name          ? 
_entity_src_nat.pdbx_plasmid_details       ? 
_entity_src_nat.details                    ? 
# 
_pdbx_entity_src_syn.entity_id              2 
_pdbx_entity_src_syn.pdbx_src_id            1 
_pdbx_entity_src_syn.pdbx_alt_source_flag   sample 
_pdbx_entity_src_syn.pdbx_beg_seq_num       ? 
_pdbx_entity_src_syn.pdbx_end_seq_num       ? 
_pdbx_entity_src_syn.organism_scientific    ? 
_pdbx_entity_src_syn.organism_common_name   ? 
_pdbx_entity_src_syn.ncbi_taxonomy_id       ? 
_pdbx_entity_src_syn.details                'chmically synthesized' 
# 
loop_
_chem_comp.id 
_chem_comp.type 
_chem_comp.mon_nstd_flag 
_chem_comp.name 
_chem_comp.pdbx_synonyms 
_chem_comp.formula 
_chem_comp.formula_weight 
ALA 'L-peptide linking' y ALANINE         ? 'C3 H7 N O2'     89.093  
ARG 'L-peptide linking' y ARGININE        ? 'C6 H15 N4 O2 1' 175.209 
ASN 'L-peptide linking' y ASPARAGINE      ? 'C4 H8 N2 O3'    132.118 
ASP 'L-peptide linking' y 'ASPARTIC ACID' ? 'C4 H7 N O4'     133.103 
CYS 'L-peptide linking' y CYSTEINE        ? 'C3 H7 N O2 S'   121.158 
GLN 'L-peptide linking' y GLUTAMINE       ? 'C5 H10 N2 O3'   146.144 
GLU 'L-peptide linking' y 'GLUTAMIC ACID' ? 'C5 H9 N O4'     147.129 
GLY 'peptide linking'   y GLYCINE         ? 'C2 H5 N O2'     75.067  
HIS 'L-peptide linking' y HISTIDINE       ? 'C6 H10 N3 O2 1' 156.162 
HOH non-polymer         . WATER           ? 'H2 O'           18.015  
ILE 'L-peptide linking' y ISOLEUCINE      ? 'C6 H13 N O2'    131.173 
LEU 'L-peptide linking' y LEUCINE         ? 'C6 H13 N O2'    131.173 
LYS 'L-peptide linking' y LYSINE          ? 'C6 H15 N2 O2 1' 147.195 
MET 'L-peptide linking' y METHIONINE      ? 'C5 H11 N O2 S'  149.211 
PHE 'L-peptide linking' y PHENYLALANINE   ? 'C9 H11 N O2'    165.189 
PRO 'L-peptide linking' y PROLINE         ? 'C5 H9 N O2'     115.130 
SER 'L-peptide linking' y SERINE          ? 'C3 H7 N O3'     105.093 
SO4 non-polymer         . 'SULFATE ION'   ? 'O4 S -2'        96.063  
THR 'L-peptide linking' y THREONINE       ? 'C4 H9 N O3'     119.119 
TRP 'L-peptide linking' y TRYPTOPHAN      ? 'C11 H12 N2 O2'  204.225 
TYR 'L-peptide linking' y TYROSINE        ? 'C9 H11 N O3'    181.189 
VAL 'L-peptide linking' y VALINE          ? 'C5 H11 N O2'    117.146 
# 
loop_
_pdbx_poly_seq_scheme.asym_id 
_pdbx_poly_seq_scheme.entity_id 
_pdbx_poly_seq_scheme.seq_id 
_pdbx_poly_seq_scheme.mon_id 
_pdbx_poly_seq_scheme.ndb_seq_num 
_pdbx_poly_seq_scheme.pdb_seq_num 
_pdbx_poly_seq_scheme.auth_seq_num 
_pdbx_poly_seq_scheme.pdb_mon_id 
_pdbx_poly_seq_scheme.auth_mon_id 
_pdbx_poly_seq_scheme.pdb_strand_id 
_pdbx_poly_seq_scheme.pdb_ins_code 
_pdbx_poly_seq_scheme.hetero 
A 1 1   SER 1   1   1   SER SER A . n 
A 1 2   LEU 2   2   2   LEU LEU A . n 
A 1 3   LEU 3   3   3   LEU LEU A . n 
A 1 4   GLU 4   4   4   GLU GLU A . n 
A 1 5   PHE 5   5   5   PHE PHE A . n 
A 1 6   GLY 6   6   6   GLY GLY A . n 
A 1 7   LYS 7   7   7   LYS LYS A . n 
A 1 8   MET 8   8   8   MET MET A . n 
A 1 9   ILE 9   9   9   ILE ILE A . n 
A 1 10  LEU 10  10  10  LEU LEU A . n 
A 1 11  GLU 11  11  11  GLU GLU A . n 
A 1 12  GLU 12  12  12  GLU GLU A . n 
A 1 13  THR 13  13  13  THR THR A . n 
A 1 14  GLY 14  14  14  GLY GLY A . n 
A 1 15  LYS 15  16  16  LYS LYS A . n 
A 1 16  LEU 16  17  17  LEU LEU A . n 
A 1 17  ALA 17  18  18  ALA ALA A . n 
A 1 18  ILE 18  19  19  ILE ILE A . n 
A 1 19  PRO 19  20  20  PRO PRO A . n 
A 1 20  SER 20  21  21  SER SER A . n 
A 1 21  TYR 21  22  22  TYR TYR A . n 
A 1 22  SER 22  23  23  SER SER A . n 
A 1 23  SER 23  24  24  SER SER A . n 
A 1 24  TYR 24  25  25  TYR TYR A . n 
A 1 25  GLY 25  26  26  GLY GLY A . n 
A 1 26  CYS 26  27  27  CYS CYS A . n 
A 1 27  TYR 27  28  28  TYR TYR A . n 
A 1 28  CYS 28  29  29  CYS CYS A . n 
A 1 29  GLY 29  30  30  GLY GLY A . n 
A 1 30  TRP 30  31  31  TRP TRP A . n 
A 1 31  GLY 31  32  32  GLY GLY A . n 
A 1 32  GLY 32  33  33  GLY GLY A . n 
A 1 33  LYS 33  34  34  LYS LYS A . n 
A 1 34  GLY 34  35  35  GLY GLY A . n 
A 1 35  THR 35  36  36  THR THR A . n 
A 1 36  PRO 36  37  37  PRO PRO A . n 
A 1 37  LYS 37  38  38  LYS LYS A . n 
A 1 38  ASP 38  39  39  ASP ASP A . n 
A 1 39  ALA 39  40  40  ALA ALA A . n 
A 1 40  THR 40  41  41  THR THR A . n 
A 1 41  ASP 41  42  42  ASP ASP A . n 
A 1 42  ARG 42  43  43  ARG ARG A . n 
A 1 43  CYS 43  44  44  CYS CYS A . n 
A 1 44  CYS 44  45  45  CYS CYS A . n 
A 1 45  PHE 45  46  46  PHE PHE A . n 
A 1 46  VAL 46  47  47  VAL VAL A . n 
A 1 47  HIS 47  48  48  HIS HIS A . n 
A 1 48  ASP 48  49  49  ASP ASP A . n 
A 1 49  CYS 49  50  50  CYS CYS A . n 
A 1 50  CYS 50  51  51  CYS CYS A . n 
A 1 51  TYR 51  52  52  TYR TYR A . n 
A 1 52  GLY 52  53  53  GLY GLY A . n 
A 1 53  ASN 53  54  54  ASN ASN A . n 
A 1 54  LEU 54  55  55  LEU LEU A . n 
A 1 55  PRO 55  56  56  PRO PRO A . n 
A 1 56  ASP 56  59  59  ASP ASP A . n 
A 1 57  CYS 57  61  61  CYS CYS A . n 
A 1 58  ASN 58  67  67  ASN ASN A . n 
A 1 59  PRO 59  68  68  PRO PRO A . n 
A 1 60  LYS 60  69  69  LYS LYS A . n 
A 1 61  SER 61  70  70  SER SER A . n 
A 1 62  ASP 62  71  71  ASP ASP A . n 
A 1 63  ARG 63  72  72  ARG ARG A . n 
A 1 64  TYR 64  73  73  TYR TYR A . n 
A 1 65  LYS 65  74  74  LYS LYS A . n 
A 1 66  TYR 66  75  75  TYR TYR A . n 
A 1 67  LYS 67  76  76  LYS LYS A . n 
A 1 68  ARG 68  77  77  ARG ARG A . n 
A 1 69  VAL 69  78  78  VAL VAL A . n 
A 1 70  ASN 70  79  79  ASN ASN A . n 
A 1 71  GLY 71  80  80  GLY GLY A . n 
A 1 72  ALA 72  81  81  ALA ALA A . n 
A 1 73  ILE 73  82  82  ILE ILE A . n 
A 1 74  VAL 74  83  83  VAL VAL A . n 
A 1 75  CYS 75  84  84  CYS CYS A . n 
A 1 76  GLU 76  85  85  GLU GLU A . n 
A 1 77  LYS 77  86  86  LYS LYS A . n 
A 1 78  GLY 78  88  88  GLY GLY A . n 
A 1 79  THR 79  89  89  THR THR A . n 
A 1 80  SER 80  90  90  SER SER A . n 
A 1 81  CYS 81  91  91  CYS CYS A . n 
A 1 82  GLU 82  92  92  GLU GLU A . n 
A 1 83  ASN 83  93  93  ASN ASN A . n 
A 1 84  ARG 84  94  94  ARG ARG A . n 
A 1 85  ILE 85  95  95  ILE ILE A . n 
A 1 86  CYS 86  96  96  CYS CYS A . n 
A 1 87  GLU 87  97  97  GLU GLU A . n 
A 1 88  CYS 88  98  98  CYS CYS A . n 
A 1 89  ASP 89  99  99  ASP ASP A . n 
A 1 90  LYS 90  100 100 LYS LYS A . n 
A 1 91  ALA 91  101 101 ALA ALA A . n 
A 1 92  ALA 92  102 102 ALA ALA A . n 
A 1 93  ALA 93  103 103 ALA ALA A . n 
A 1 94  ILE 94  104 104 ILE ILE A . n 
A 1 95  CYS 95  105 105 CYS CYS A . n 
A 1 96  PHE 96  106 106 PHE PHE A . n 
A 1 97  ARG 97  107 107 ARG ARG A . n 
A 1 98  GLN 98  108 108 GLN GLN A . n 
A 1 99  ASN 99  109 109 ASN ASN A . n 
A 1 100 LEU 100 110 110 LEU LEU A . n 
A 1 101 ASN 101 111 111 ASN ASN A . n 
A 1 102 THR 102 112 112 THR THR A . n 
A 1 103 TYR 103 113 113 TYR TYR A . n 
A 1 104 SER 104 114 114 SER SER A . n 
A 1 105 LYS 105 115 115 LYS LYS A . n 
A 1 106 LYS 106 116 116 LYS LYS A . n 
A 1 107 TYR 107 117 117 TYR TYR A . n 
A 1 108 MET 108 118 118 MET MET A . n 
A 1 109 LEU 109 119 119 LEU LEU A . n 
A 1 110 TYR 110 120 120 TYR TYR A . n 
A 1 111 PRO 111 121 121 PRO PRO A . n 
A 1 112 ASP 112 122 122 ASP ASP A . n 
A 1 113 PHE 113 124 124 PHE PHE A . n 
A 1 114 LEU 114 125 125 LEU LEU A . n 
A 1 115 CYS 115 126 126 CYS CYS A . n 
A 1 116 LYS 116 127 127 LYS LYS A . n 
A 1 117 GLY 117 128 128 GLY GLY A . n 
A 1 118 GLU 118 129 129 GLU GLU A . n 
A 1 119 LEU 119 130 130 LEU LEU A . n 
A 1 120 LYS 120 131 131 LYS LYS A . n 
A 1 121 CYS 121 133 133 CYS CYS A . n 
B 2 1   ALA 1   1   1   ALA ALA P . n 
B 2 2   LEU 2   2   2   LEU LEU P . n 
B 2 3   VAL 3   3   3   VAL VAL P . n 
B 2 4   TYR 4   4   4   TYR TYR P . n 
B 2 5   LYS 5   5   5   LYS LYS P . n 
# 
loop_
_pdbx_nonpoly_scheme.asym_id 
_pdbx_nonpoly_scheme.entity_id 
_pdbx_nonpoly_scheme.mon_id 
_pdbx_nonpoly_scheme.ndb_seq_num 
_pdbx_nonpoly_scheme.pdb_seq_num 
_pdbx_nonpoly_scheme.auth_seq_num 
_pdbx_nonpoly_scheme.pdb_mon_id 
_pdbx_nonpoly_scheme.auth_mon_id 
_pdbx_nonpoly_scheme.pdb_strand_id 
_pdbx_nonpoly_scheme.pdb_ins_code 
C 3 SO4 1   201 201 SO4 SO4 A . 
D 4 HOH 1   202 1   HOH HOH A . 
D 4 HOH 2   203 2   HOH HOH A . 
D 4 HOH 3   204 3   HOH HOH A . 
D 4 HOH 4   205 4   HOH HOH A . 
D 4 HOH 5   206 5   HOH HOH A . 
D 4 HOH 6   207 6   HOH HOH A . 
D 4 HOH 7   208 7   HOH HOH A . 
D 4 HOH 8   209 8   HOH HOH A . 
D 4 HOH 9   210 9   HOH HOH A . 
D 4 HOH 10  211 10  HOH HOH A . 
D 4 HOH 11  212 11  HOH HOH A . 
D 4 HOH 12  213 12  HOH HOH A . 
D 4 HOH 13  214 13  HOH HOH A . 
D 4 HOH 14  215 14  HOH HOH A . 
D 4 HOH 15  216 15  HOH HOH A . 
D 4 HOH 16  217 16  HOH HOH A . 
D 4 HOH 17  218 17  HOH HOH A . 
D 4 HOH 18  219 18  HOH HOH A . 
D 4 HOH 19  220 19  HOH HOH A . 
D 4 HOH 20  221 20  HOH HOH A . 
D 4 HOH 21  222 21  HOH HOH A . 
D 4 HOH 22  223 22  HOH HOH A . 
D 4 HOH 23  224 23  HOH HOH A . 
D 4 HOH 24  225 24  HOH HOH A . 
D 4 HOH 25  226 25  HOH HOH A . 
D 4 HOH 26  227 26  HOH HOH A . 
D 4 HOH 27  228 27  HOH HOH A . 
D 4 HOH 28  229 28  HOH HOH A . 
D 4 HOH 29  230 29  HOH HOH A . 
D 4 HOH 30  231 30  HOH HOH A . 
D 4 HOH 31  232 31  HOH HOH A . 
D 4 HOH 32  233 32  HOH HOH A . 
D 4 HOH 33  234 33  HOH HOH A . 
D 4 HOH 34  235 34  HOH HOH A . 
D 4 HOH 35  236 35  HOH HOH A . 
D 4 HOH 36  237 36  HOH HOH A . 
D 4 HOH 37  238 37  HOH HOH A . 
D 4 HOH 38  239 38  HOH HOH A . 
D 4 HOH 39  240 39  HOH HOH A . 
D 4 HOH 40  241 40  HOH HOH A . 
D 4 HOH 41  242 41  HOH HOH A . 
D 4 HOH 42  243 42  HOH HOH A . 
D 4 HOH 43  244 43  HOH HOH A . 
D 4 HOH 44  245 44  HOH HOH A . 
D 4 HOH 45  246 45  HOH HOH A . 
D 4 HOH 46  247 46  HOH HOH A . 
D 4 HOH 47  248 47  HOH HOH A . 
D 4 HOH 48  249 48  HOH HOH A . 
D 4 HOH 49  250 49  HOH HOH A . 
D 4 HOH 50  251 50  HOH HOH A . 
D 4 HOH 51  252 51  HOH HOH A . 
D 4 HOH 52  253 52  HOH HOH A . 
D 4 HOH 53  254 53  HOH HOH A . 
D 4 HOH 54  255 54  HOH HOH A . 
D 4 HOH 55  256 55  HOH HOH A . 
D 4 HOH 56  257 56  HOH HOH A . 
D 4 HOH 57  258 57  HOH HOH A . 
D 4 HOH 58  259 58  HOH HOH A . 
D 4 HOH 59  260 59  HOH HOH A . 
D 4 HOH 60  261 60  HOH HOH A . 
D 4 HOH 61  262 61  HOH HOH A . 
D 4 HOH 62  263 62  HOH HOH A . 
D 4 HOH 63  264 63  HOH HOH A . 
D 4 HOH 64  265 64  HOH HOH A . 
D 4 HOH 65  266 65  HOH HOH A . 
D 4 HOH 66  267 66  HOH HOH A . 
D 4 HOH 67  268 67  HOH HOH A . 
D 4 HOH 68  269 68  HOH HOH A . 
D 4 HOH 69  270 69  HOH HOH A . 
D 4 HOH 70  271 70  HOH HOH A . 
D 4 HOH 71  272 71  HOH HOH A . 
D 4 HOH 72  273 73  HOH HOH A . 
D 4 HOH 73  274 75  HOH HOH A . 
D 4 HOH 74  275 77  HOH HOH A . 
D 4 HOH 75  276 78  HOH HOH A . 
D 4 HOH 76  277 79  HOH HOH A . 
D 4 HOH 77  278 80  HOH HOH A . 
D 4 HOH 78  279 81  HOH HOH A . 
D 4 HOH 79  280 83  HOH HOH A . 
D 4 HOH 80  281 84  HOH HOH A . 
D 4 HOH 81  282 85  HOH HOH A . 
D 4 HOH 82  283 86  HOH HOH A . 
D 4 HOH 83  284 87  HOH HOH A . 
D 4 HOH 84  285 88  HOH HOH A . 
D 4 HOH 85  286 89  HOH HOH A . 
D 4 HOH 86  287 90  HOH HOH A . 
D 4 HOH 87  288 91  HOH HOH A . 
D 4 HOH 88  289 92  HOH HOH A . 
D 4 HOH 89  290 94  HOH HOH A . 
D 4 HOH 90  291 95  HOH HOH A . 
D 4 HOH 91  292 98  HOH HOH A . 
D 4 HOH 92  293 99  HOH HOH A . 
D 4 HOH 93  294 100 HOH HOH A . 
D 4 HOH 94  295 101 HOH HOH A . 
D 4 HOH 95  296 102 HOH HOH A . 
D 4 HOH 96  297 103 HOH HOH A . 
D 4 HOH 97  298 104 HOH HOH A . 
D 4 HOH 98  299 106 HOH HOH A . 
D 4 HOH 99  300 107 HOH HOH A . 
D 4 HOH 100 301 109 HOH HOH A . 
D 4 HOH 101 302 110 HOH HOH A . 
D 4 HOH 102 303 111 HOH HOH A . 
D 4 HOH 103 304 112 HOH HOH A . 
D 4 HOH 104 305 113 HOH HOH A . 
D 4 HOH 105 306 114 HOH HOH A . 
D 4 HOH 106 307 115 HOH HOH A . 
D 4 HOH 107 308 116 HOH HOH A . 
D 4 HOH 108 309 117 HOH HOH A . 
E 4 HOH 1   82  82  HOH HOH P . 
# 
loop_
_software.name 
_software.classification 
_software.version 
_software.citation_id 
_software.pdbx_ordinal 
CNS       refinement       0.9 ? 1 
AUTOMAR   'data reduction' .   ? 2 
DENZO     'data reduction' .   ? 3 
SCALEPACK 'data scaling'   .   ? 4 
AMoRE     phasing          .   ? 5 
# 
_cell.entry_id           2GNS 
_cell.length_a           53.140 
_cell.length_b           53.140 
_cell.length_c           48.530 
_cell.angle_alpha        90.00 
_cell.angle_beta         90.00 
_cell.angle_gamma        90.00 
_cell.Z_PDB              4 
_cell.pdbx_unique_axis   ? 
_cell.length_a_esd       ? 
_cell.length_b_esd       ? 
_cell.length_c_esd       ? 
_cell.angle_alpha_esd    ? 
_cell.angle_beta_esd     ? 
_cell.angle_gamma_esd    ? 
# 
_symmetry.entry_id                         2GNS 
_symmetry.space_group_name_H-M             'P 43' 
_symmetry.pdbx_full_space_group_name_H-M   ? 
_symmetry.cell_setting                     ? 
_symmetry.Int_Tables_number                78 
_symmetry.space_group_name_Hall            ? 
# 
_exptl.entry_id          2GNS 
_exptl.method            'X-RAY DIFFRACTION' 
_exptl.crystals_number   1 
# 
_exptl_crystal.id                    1 
_exptl_crystal.density_meas          ? 
_exptl_crystal.density_Matthews      2.41 
_exptl_crystal.density_percent_sol   48.92 
_exptl_crystal.description           ? 
_exptl_crystal.F_000                 ? 
_exptl_crystal.preparation           ? 
# 
_exptl_crystal_grow.crystal_id      1 
_exptl_crystal_grow.method          'VAPOR DIFFUSION' 
_exptl_crystal_grow.temp            298 
_exptl_crystal_grow.temp_details    ? 
_exptl_crystal_grow.pH              7.2 
_exptl_crystal_grow.pdbx_details    '0.2M ammonium sulphate, 30% PEG 4000, pH 7.2, VAPOR DIFFUSION, temperature 298K' 
_exptl_crystal_grow.pdbx_pH_range   . 
# 
_diffrn.id                     1 
_diffrn.ambient_temp           288 
_diffrn.ambient_temp_details   ? 
_diffrn.crystal_id             1 
# 
_diffrn_detector.diffrn_id              1 
_diffrn_detector.detector               'IMAGE PLATE' 
_diffrn_detector.type                   MARRESEARCH 
_diffrn_detector.pdbx_collection_date   2006-03-22 
_diffrn_detector.details                Mirror 
# 
_diffrn_radiation.diffrn_id                        1 
_diffrn_radiation.wavelength_id                    1 
_diffrn_radiation.pdbx_monochromatic_or_laue_m_l   M 
_diffrn_radiation.monochromator                    graphite 
_diffrn_radiation.pdbx_diffrn_protocol             'SINGLE WAVELENGTH' 
_diffrn_radiation.pdbx_scattering_type             x-ray 
# 
_diffrn_radiation_wavelength.id           1 
_diffrn_radiation_wavelength.wavelength   1.5418 
_diffrn_radiation_wavelength.wt           1.0 
# 
_diffrn_source.diffrn_id                   1 
_diffrn_source.source                      'ROTATING ANODE' 
_diffrn_source.type                        'RIGAKU RU300' 
_diffrn_source.pdbx_synchrotron_site       ? 
_diffrn_source.pdbx_synchrotron_beamline   ? 
_diffrn_source.pdbx_wavelength             1.5418 
_diffrn_source.pdbx_wavelength_list        ? 
# 
_reflns.entry_id                     2GNS 
_reflns.observed_criterion_sigma_I   0 
_reflns.observed_criterion_sigma_F   0 
_reflns.d_resolution_low             20 
_reflns.d_resolution_high            2.3 
_reflns.number_obs                   5989 
_reflns.number_all                   5989 
_reflns.percent_possible_obs         97.7 
_reflns.pdbx_Rmerge_I_obs            ? 
_reflns.pdbx_Rsym_value              ? 
_reflns.pdbx_netI_over_sigmaI        ? 
_reflns.B_iso_Wilson_estimate        37.6 
_reflns.pdbx_redundancy              ? 
_reflns.R_free_details               ? 
_reflns.limit_h_max                  ? 
_reflns.limit_h_min                  ? 
_reflns.limit_k_max                  ? 
_reflns.limit_k_min                  ? 
_reflns.limit_l_max                  ? 
_reflns.limit_l_min                  ? 
_reflns.observed_criterion_F_max     ? 
_reflns.observed_criterion_F_min     ? 
_reflns.pdbx_chi_squared             ? 
_reflns.pdbx_scaling_rejects         ? 
_reflns.pdbx_diffrn_id               1 
_reflns.pdbx_ordinal                 1 
# 
_reflns_shell.d_res_high             2.30 
_reflns_shell.d_res_low              2.34 
_reflns_shell.percent_possible_all   94.7 
_reflns_shell.Rmerge_I_obs           ? 
_reflns_shell.pdbx_Rsym_value        ? 
_reflns_shell.meanI_over_sigI_obs    ? 
_reflns_shell.pdbx_redundancy        ? 
_reflns_shell.percent_possible_obs   ? 
_reflns_shell.number_unique_all      ? 
_reflns_shell.number_measured_all    ? 
_reflns_shell.number_measured_obs    ? 
_reflns_shell.number_unique_obs      ? 
_reflns_shell.pdbx_chi_squared       ? 
_reflns_shell.pdbx_diffrn_id         ? 
_reflns_shell.pdbx_ordinal           1 
# 
_refine.entry_id                                 2GNS 
_refine.ls_number_reflns_obs                     5924 
_refine.ls_number_reflns_all                     5989 
_refine.pdbx_ls_sigma_I                          ? 
_refine.pdbx_ls_sigma_F                          0.0 
_refine.pdbx_data_cutoff_high_absF               73313.12 
_refine.pdbx_data_cutoff_low_absF                0.000000 
_refine.pdbx_data_cutoff_high_rms_absF           ? 
_refine.ls_d_res_low                             18.79 
_refine.ls_d_res_high                            2.30 
_refine.ls_percent_reflns_obs                    97.0 
_refine.ls_R_factor_obs                          0.21 
_refine.ls_R_factor_all                          0.21 
_refine.ls_R_factor_R_work                       0.197 
_refine.ls_R_factor_R_free                       0.212 
_refine.ls_R_factor_R_free_error                 0.011 
_refine.ls_R_factor_R_free_error_details         ? 
_refine.ls_percent_reflns_R_free                 5.7 
_refine.ls_number_reflns_R_free                  336 
_refine.ls_number_parameters                     ? 
_refine.ls_number_restraints                     ? 
_refine.occupancy_min                            ? 
_refine.occupancy_max                            ? 
_refine.correlation_coeff_Fo_to_Fc               ? 
_refine.correlation_coeff_Fo_to_Fc_free          ? 
_refine.B_iso_mean                               30.8 
_refine.aniso_B[1][1]                            1.41 
_refine.aniso_B[2][2]                            1.41 
_refine.aniso_B[3][3]                            -2.82 
_refine.aniso_B[1][2]                            0.00 
_refine.aniso_B[1][3]                            0.00 
_refine.aniso_B[2][3]                            0.00 
_refine.solvent_model_details                    'FLAT MODEL' 
_refine.solvent_model_param_ksol                 0.385958 
_refine.solvent_model_param_bsol                 70.3662 
_refine.pdbx_solvent_vdw_probe_radii             ? 
_refine.pdbx_solvent_ion_probe_radii             ? 
_refine.pdbx_solvent_shrinkage_radii             ? 
_refine.pdbx_ls_cross_valid_method               THROUGHOUT 
_refine.details                                  ? 
_refine.pdbx_starting_model                      1FB2.pdb 
_refine.pdbx_method_to_determine_struct          'MOLECULAR REPLACEMENT' 
_refine.pdbx_isotropic_thermal_model             RESTRAINED 
_refine.pdbx_stereochemistry_target_values       'Engh & Huber' 
_refine.pdbx_stereochem_target_val_spec_case     ? 
_refine.pdbx_R_Free_selection_details            RANDOM 
_refine.pdbx_overall_ESU_R                       ? 
_refine.pdbx_overall_ESU_R_Free                  ? 
_refine.overall_SU_ML                            ? 
_refine.overall_SU_B                             ? 
_refine.ls_redundancy_reflns_obs                 ? 
_refine.B_iso_min                                ? 
_refine.B_iso_max                                ? 
_refine.overall_SU_R_Cruickshank_DPI             ? 
_refine.overall_SU_R_free                        ? 
_refine.ls_wR_factor_R_free                      ? 
_refine.ls_wR_factor_R_work                      ? 
_refine.overall_FOM_free_R_set                   ? 
_refine.overall_FOM_work_R_set                   ? 
_refine.pdbx_refine_id                           'X-RAY DIFFRACTION' 
_refine.pdbx_diffrn_id                           1 
_refine.pdbx_TLS_residual_ADP_flag               ? 
_refine.pdbx_overall_phase_error                 ? 
_refine.pdbx_overall_SU_R_free_Cruickshank_DPI   ? 
_refine.pdbx_overall_SU_R_Blow_DPI               ? 
_refine.pdbx_overall_SU_R_free_Blow_DPI          ? 
# 
_refine_analyze.entry_id                        2GNS 
_refine_analyze.Luzzati_coordinate_error_obs    0.24 
_refine_analyze.Luzzati_sigma_a_obs             0.25 
_refine_analyze.Luzzati_d_res_low_obs           5.00 
_refine_analyze.Luzzati_coordinate_error_free   0.26 
_refine_analyze.Luzzati_sigma_a_free            0.23 
_refine_analyze.Luzzati_d_res_low_free          ? 
_refine_analyze.number_disordered_residues      ? 
_refine_analyze.occupancy_sum_hydrogen          ? 
_refine_analyze.occupancy_sum_non_hydrogen      ? 
_refine_analyze.pdbx_Luzzati_d_res_high_obs     ? 
_refine_analyze.pdbx_refine_id                  'X-RAY DIFFRACTION' 
# 
_refine_hist.pdbx_refine_id                   'X-RAY DIFFRACTION' 
_refine_hist.cycle_id                         LAST 
_refine_hist.pdbx_number_atoms_protein        985 
_refine_hist.pdbx_number_atoms_nucleic_acid   0 
_refine_hist.pdbx_number_atoms_ligand         5 
_refine_hist.number_atoms_solvent             109 
_refine_hist.number_atoms_total               1099 
_refine_hist.d_res_high                       2.30 
_refine_hist.d_res_low                        18.79 
# 
loop_
_refine_ls_restr.type 
_refine_ls_restr.dev_ideal 
_refine_ls_restr.dev_ideal_target 
_refine_ls_restr.weight 
_refine_ls_restr.number 
_refine_ls_restr.pdbx_refine_id 
_refine_ls_restr.pdbx_restraint_function 
c_bond_d           0.009 ?    ? ? 'X-RAY DIFFRACTION' ? 
c_angle_deg        2.2   ?    ? ? 'X-RAY DIFFRACTION' ? 
c_dihedral_angle_d 23.9  ?    ? ? 'X-RAY DIFFRACTION' ? 
c_improper_angle_d 1.13  ?    ? ? 'X-RAY DIFFRACTION' ? 
c_mcbond_it        1.18  1.50 ? ? 'X-RAY DIFFRACTION' ? 
c_mcangle_it       2.04  2.00 ? ? 'X-RAY DIFFRACTION' ? 
c_scbond_it        1.68  2.00 ? ? 'X-RAY DIFFRACTION' ? 
c_scangle_it       2.56  2.50 ? ? 'X-RAY DIFFRACTION' ? 
# 
_refine_ls_shell.pdbx_total_number_of_bins_used   6 
_refine_ls_shell.d_res_high                       2.30 
_refine_ls_shell.d_res_low                        2.44 
_refine_ls_shell.number_reflns_R_work             896 
_refine_ls_shell.R_factor_R_work                  0.249 
_refine_ls_shell.percent_reflns_obs               94.7 
_refine_ls_shell.R_factor_R_free                  0.268 
_refine_ls_shell.R_factor_R_free_error            0.036 
_refine_ls_shell.percent_reflns_R_free            5.9 
_refine_ls_shell.number_reflns_R_free             56 
_refine_ls_shell.number_reflns_all                ? 
_refine_ls_shell.R_factor_all                     ? 
_refine_ls_shell.number_reflns_obs                ? 
_refine_ls_shell.redundancy_reflns_obs            ? 
_refine_ls_shell.pdbx_refine_id                   'X-RAY DIFFRACTION' 
# 
loop_
_pdbx_xplor_file.serial_no 
_pdbx_xplor_file.param_file 
_pdbx_xplor_file.topol_file 
_pdbx_xplor_file.pdbx_refine_id 
1 protein_rep.param protein.top 'X-RAY DIFFRACTION' 
2 ion.param         water.top   'X-RAY DIFFRACTION' 
3 water_rep.param   sul.top     'X-RAY DIFFRACTION' 
4 ?                 ion.top     'X-RAY DIFFRACTION' 
5 sul.param         ?           'X-RAY DIFFRACTION' 
# 
_struct.entry_id                  2GNS 
_struct.title                     
;Design of specific peptide inhibitors of phospholipase A2: Crystal structure of the complex formed between a group II phospholipase A2 and a designed pentapeptide Ala- Leu- Val- Tyr- Lys at 2.3 A resolution
;
_struct.pdbx_model_details        ? 
_struct.pdbx_CASP_flag            ? 
_struct.pdbx_model_type_details   ? 
# 
_struct_keywords.entry_id        2GNS 
_struct_keywords.pdbx_keywords   HYDROLASE 
_struct_keywords.text            'peptide inhibitor, binding constant, Hydrolase' 
# 
loop_
_struct_asym.id 
_struct_asym.pdbx_blank_PDB_chainid_flag 
_struct_asym.pdbx_modified 
_struct_asym.entity_id 
_struct_asym.details 
A N N 1 ? 
B N N 2 ? 
C N N 3 ? 
D N N 4 ? 
E N N 4 ? 
# 
loop_
_struct_ref.id 
_struct_ref.db_name 
_struct_ref.db_code 
_struct_ref.pdbx_db_accession 
_struct_ref.entity_id 
_struct_ref.pdbx_align_begin 
_struct_ref.pdbx_db_isoform 
_struct_ref.pdbx_seq_one_letter_code 
1 UNP PA28_DABRP P59071 1 1 ? ? 
2 PDB 2GNS       2GNS   2 ? ? ? 
# 
loop_
_struct_ref_seq.align_id 
_struct_ref_seq.ref_id 
_struct_ref_seq.pdbx_PDB_id_code 
_struct_ref_seq.pdbx_strand_id 
_struct_ref_seq.seq_align_beg 
_struct_ref_seq.pdbx_seq_align_beg_ins_code 
_struct_ref_seq.seq_align_end 
_struct_ref_seq.pdbx_seq_align_end_ins_code 
_struct_ref_seq.pdbx_db_accession 
_struct_ref_seq.db_align_beg 
_struct_ref_seq.pdbx_db_align_beg_ins_code 
_struct_ref_seq.db_align_end 
_struct_ref_seq.pdbx_db_align_end_ins_code 
_struct_ref_seq.pdbx_auth_seq_align_beg 
_struct_ref_seq.pdbx_auth_seq_align_end 
1 1 2GNS A 1 ? 121 ? P59071 1 ? 121 ? 1 133 
2 2 2GNS P 1 ? 5   ? 2GNS   1 ? 5   ? 1 5   
# 
_pdbx_struct_assembly.id                   1 
_pdbx_struct_assembly.details              author_and_software_defined_assembly 
_pdbx_struct_assembly.method_details       PISA 
_pdbx_struct_assembly.oligomeric_details   dimeric 
_pdbx_struct_assembly.oligomeric_count     2 
# 
loop_
_pdbx_struct_assembly_prop.biol_id 
_pdbx_struct_assembly_prop.type 
_pdbx_struct_assembly_prop.value 
_pdbx_struct_assembly_prop.details 
1 'ABSA (A^2)' 1260 ? 
1 MORE         -22  ? 
1 'SSA (A^2)'  7270 ? 
# 
_pdbx_struct_assembly_gen.assembly_id       1 
_pdbx_struct_assembly_gen.oper_expression   1 
_pdbx_struct_assembly_gen.asym_id_list      A,B,C,D,E 
# 
_pdbx_struct_oper_list.id                   1 
_pdbx_struct_oper_list.type                 'identity operation' 
_pdbx_struct_oper_list.name                 1_555 
_pdbx_struct_oper_list.symmetry_operation   x,y,z 
_pdbx_struct_oper_list.matrix[1][1]         1.0000000000 
_pdbx_struct_oper_list.matrix[1][2]         0.0000000000 
_pdbx_struct_oper_list.matrix[1][3]         0.0000000000 
_pdbx_struct_oper_list.vector[1]            0.0000000000 
_pdbx_struct_oper_list.matrix[2][1]         0.0000000000 
_pdbx_struct_oper_list.matrix[2][2]         1.0000000000 
_pdbx_struct_oper_list.matrix[2][3]         0.0000000000 
_pdbx_struct_oper_list.vector[2]            0.0000000000 
_pdbx_struct_oper_list.matrix[3][1]         0.0000000000 
_pdbx_struct_oper_list.matrix[3][2]         0.0000000000 
_pdbx_struct_oper_list.matrix[3][3]         1.0000000000 
_pdbx_struct_oper_list.vector[3]            0.0000000000 
# 
loop_
_struct_conf.conf_type_id 
_struct_conf.id 
_struct_conf.pdbx_PDB_helix_id 
_struct_conf.beg_label_comp_id 
_struct_conf.beg_label_asym_id 
_struct_conf.beg_label_seq_id 
_struct_conf.pdbx_beg_PDB_ins_code 
_struct_conf.end_label_comp_id 
_struct_conf.end_label_asym_id 
_struct_conf.end_label_seq_id 
_struct_conf.pdbx_end_PDB_ins_code 
_struct_conf.beg_auth_comp_id 
_struct_conf.beg_auth_asym_id 
_struct_conf.beg_auth_seq_id 
_struct_conf.end_auth_comp_id 
_struct_conf.end_auth_asym_id 
_struct_conf.end_auth_seq_id 
_struct_conf.pdbx_PDB_helix_class 
_struct_conf.details 
_struct_conf.pdbx_PDB_helix_length 
HELX_P HELX_P1 1 SER A 1   ? GLY A 14  ? SER A 1   GLY A 14  1 ? 14 
HELX_P HELX_P2 2 LEU A 16  ? TYR A 21  ? LEU A 17  TYR A 22  1 ? 6  
HELX_P HELX_P3 3 ASP A 38  ? ASN A 53  ? ASP A 39  ASN A 54  1 ? 16 
HELX_P HELX_P4 4 THR A 79  ? ASN A 99  ? THR A 89  ASN A 109 1 ? 21 
HELX_P HELX_P5 5 LEU A 100 ? TYR A 103 ? LEU A 110 TYR A 113 5 ? 4  
HELX_P HELX_P6 6 SER A 104 ? MET A 108 ? SER A 114 MET A 118 5 ? 5  
HELX_P HELX_P7 7 PRO A 111 ? CYS A 115 ? PRO A 121 CYS A 126 5 ? 5  
# 
_struct_conf_type.id          HELX_P 
_struct_conf_type.criteria    ? 
_struct_conf_type.reference   ? 
# 
loop_
_struct_conn.id 
_struct_conn.conn_type_id 
_struct_conn.pdbx_leaving_atom_flag 
_struct_conn.pdbx_PDB_id 
_struct_conn.ptnr1_label_asym_id 
_struct_conn.ptnr1_label_comp_id 
_struct_conn.ptnr1_label_seq_id 
_struct_conn.ptnr1_label_atom_id 
_struct_conn.pdbx_ptnr1_label_alt_id 
_struct_conn.pdbx_ptnr1_PDB_ins_code 
_struct_conn.pdbx_ptnr1_standard_comp_id 
_struct_conn.ptnr1_symmetry 
_struct_conn.ptnr2_label_asym_id 
_struct_conn.ptnr2_label_comp_id 
_struct_conn.ptnr2_label_seq_id 
_struct_conn.ptnr2_label_atom_id 
_struct_conn.pdbx_ptnr2_label_alt_id 
_struct_conn.pdbx_ptnr2_PDB_ins_code 
_struct_conn.ptnr1_auth_asym_id 
_struct_conn.ptnr1_auth_comp_id 
_struct_conn.ptnr1_auth_seq_id 
_struct_conn.ptnr2_auth_asym_id 
_struct_conn.ptnr2_auth_comp_id 
_struct_conn.ptnr2_auth_seq_id 
_struct_conn.ptnr2_symmetry 
_struct_conn.pdbx_ptnr3_label_atom_id 
_struct_conn.pdbx_ptnr3_label_seq_id 
_struct_conn.pdbx_ptnr3_label_comp_id 
_struct_conn.pdbx_ptnr3_label_asym_id 
_struct_conn.pdbx_ptnr3_label_alt_id 
_struct_conn.pdbx_ptnr3_PDB_ins_code 
_struct_conn.details 
_struct_conn.pdbx_dist_value 
_struct_conn.pdbx_value_order 
_struct_conn.pdbx_role 
disulf1 disulf ? ? A CYS 26 SG ? ? ? 1_555 A CYS 115 SG ? ? A CYS 27 A CYS 126 1_555 ? ? ? ? ? ? ? 2.038 ? ? 
disulf2 disulf ? ? A CYS 28 SG ? ? ? 1_555 A CYS 44  SG ? ? A CYS 29 A CYS 45  1_555 ? ? ? ? ? ? ? 2.031 ? ? 
disulf3 disulf ? ? A CYS 43 SG ? ? ? 1_555 A CYS 95  SG ? ? A CYS 44 A CYS 105 1_555 ? ? ? ? ? ? ? 2.065 ? ? 
disulf4 disulf ? ? A CYS 49 SG ? ? ? 1_555 A CYS 121 SG ? ? A CYS 50 A CYS 133 1_555 ? ? ? ? ? ? ? 2.029 ? ? 
disulf5 disulf ? ? A CYS 50 SG ? ? ? 1_555 A CYS 88  SG ? ? A CYS 51 A CYS 98  1_555 ? ? ? ? ? ? ? 2.030 ? ? 
disulf6 disulf ? ? A CYS 57 SG ? ? ? 1_555 A CYS 81  SG ? ? A CYS 61 A CYS 91  1_555 ? ? ? ? ? ? ? 2.032 ? ? 
disulf7 disulf ? ? A CYS 75 SG ? ? ? 1_555 A CYS 86  SG ? ? A CYS 84 A CYS 96  1_555 ? ? ? ? ? ? ? 2.087 ? ? 
# 
_struct_conn_type.id          disulf 
_struct_conn_type.criteria    ? 
_struct_conn_type.reference   ? 
# 
loop_
_pdbx_modification_feature.ordinal 
_pdbx_modification_feature.label_comp_id 
_pdbx_modification_feature.label_asym_id 
_pdbx_modification_feature.label_seq_id 
_pdbx_modification_feature.label_alt_id 
_pdbx_modification_feature.modified_residue_label_comp_id 
_pdbx_modification_feature.modified_residue_label_asym_id 
_pdbx_modification_feature.modified_residue_label_seq_id 
_pdbx_modification_feature.modified_residue_label_alt_id 
_pdbx_modification_feature.auth_comp_id 
_pdbx_modification_feature.auth_asym_id 
_pdbx_modification_feature.auth_seq_id 
_pdbx_modification_feature.PDB_ins_code 
_pdbx_modification_feature.symmetry 
_pdbx_modification_feature.modified_residue_auth_comp_id 
_pdbx_modification_feature.modified_residue_auth_asym_id 
_pdbx_modification_feature.modified_residue_auth_seq_id 
_pdbx_modification_feature.modified_residue_PDB_ins_code 
_pdbx_modification_feature.modified_residue_symmetry 
_pdbx_modification_feature.comp_id_linking_atom 
_pdbx_modification_feature.modified_residue_id_linking_atom 
_pdbx_modification_feature.modified_residue_id 
_pdbx_modification_feature.ref_pcm_id 
_pdbx_modification_feature.ref_comp_id 
_pdbx_modification_feature.type 
_pdbx_modification_feature.category 
1 CYS A 26 ? CYS A 115 ? CYS A 27 ? 1_555 CYS A 126 ? 1_555 SG SG . . . None 'Disulfide bridge' 
2 CYS A 28 ? CYS A 44  ? CYS A 29 ? 1_555 CYS A 45  ? 1_555 SG SG . . . None 'Disulfide bridge' 
3 CYS A 43 ? CYS A 95  ? CYS A 44 ? 1_555 CYS A 105 ? 1_555 SG SG . . . None 'Disulfide bridge' 
4 CYS A 49 ? CYS A 121 ? CYS A 50 ? 1_555 CYS A 133 ? 1_555 SG SG . . . None 'Disulfide bridge' 
5 CYS A 50 ? CYS A 88  ? CYS A 51 ? 1_555 CYS A 98  ? 1_555 SG SG . . . None 'Disulfide bridge' 
6 CYS A 57 ? CYS A 81  ? CYS A 61 ? 1_555 CYS A 91  ? 1_555 SG SG . . . None 'Disulfide bridge' 
7 CYS A 75 ? CYS A 86  ? CYS A 84 ? 1_555 CYS A 96  ? 1_555 SG SG . . . None 'Disulfide bridge' 
# 
_struct_sheet.id               A 
_struct_sheet.type             ? 
_struct_sheet.number_strands   2 
_struct_sheet.details          ? 
# 
_struct_sheet_order.sheet_id     A 
_struct_sheet_order.range_id_1   1 
_struct_sheet_order.range_id_2   2 
_struct_sheet_order.offset       ? 
_struct_sheet_order.sense        anti-parallel 
# 
loop_
_struct_sheet_range.sheet_id 
_struct_sheet_range.id 
_struct_sheet_range.beg_label_comp_id 
_struct_sheet_range.beg_label_asym_id 
_struct_sheet_range.beg_label_seq_id 
_struct_sheet_range.pdbx_beg_PDB_ins_code 
_struct_sheet_range.end_label_comp_id 
_struct_sheet_range.end_label_asym_id 
_struct_sheet_range.end_label_seq_id 
_struct_sheet_range.pdbx_end_PDB_ins_code 
_struct_sheet_range.beg_auth_comp_id 
_struct_sheet_range.beg_auth_asym_id 
_struct_sheet_range.beg_auth_seq_id 
_struct_sheet_range.end_auth_comp_id 
_struct_sheet_range.end_auth_asym_id 
_struct_sheet_range.end_auth_seq_id 
A 1 TYR A 66 ? VAL A 69 ? TYR A 75 VAL A 78 
A 2 ALA A 72 ? CYS A 75 ? ALA A 81 CYS A 84 
# 
_pdbx_struct_sheet_hbond.sheet_id                A 
_pdbx_struct_sheet_hbond.range_id_1              1 
_pdbx_struct_sheet_hbond.range_id_2              2 
_pdbx_struct_sheet_hbond.range_1_label_atom_id   N 
_pdbx_struct_sheet_hbond.range_1_label_comp_id   LYS 
_pdbx_struct_sheet_hbond.range_1_label_asym_id   A 
_pdbx_struct_sheet_hbond.range_1_label_seq_id    67 
_pdbx_struct_sheet_hbond.range_1_PDB_ins_code    ? 
_pdbx_struct_sheet_hbond.range_1_auth_atom_id    N 
_pdbx_struct_sheet_hbond.range_1_auth_comp_id    LYS 
_pdbx_struct_sheet_hbond.range_1_auth_asym_id    A 
_pdbx_struct_sheet_hbond.range_1_auth_seq_id     76 
_pdbx_struct_sheet_hbond.range_2_label_atom_id   O 
_pdbx_struct_sheet_hbond.range_2_label_comp_id   VAL 
_pdbx_struct_sheet_hbond.range_2_label_asym_id   A 
_pdbx_struct_sheet_hbond.range_2_label_seq_id    74 
_pdbx_struct_sheet_hbond.range_2_PDB_ins_code    ? 
_pdbx_struct_sheet_hbond.range_2_auth_atom_id    O 
_pdbx_struct_sheet_hbond.range_2_auth_comp_id    VAL 
_pdbx_struct_sheet_hbond.range_2_auth_asym_id    A 
_pdbx_struct_sheet_hbond.range_2_auth_seq_id     83 
# 
_struct_site.id                   AC1 
_struct_site.pdbx_evidence_code   Software 
_struct_site.pdbx_auth_asym_id    A 
_struct_site.pdbx_auth_comp_id    SO4 
_struct_site.pdbx_auth_seq_id     201 
_struct_site.pdbx_auth_ins_code   ? 
_struct_site.pdbx_num_residues    5 
_struct_site.details              'BINDING SITE FOR RESIDUE SO4 A 201' 
# 
loop_
_struct_site_gen.id 
_struct_site_gen.site_id 
_struct_site_gen.pdbx_num_res 
_struct_site_gen.label_comp_id 
_struct_site_gen.label_asym_id 
_struct_site_gen.label_seq_id 
_struct_site_gen.pdbx_auth_ins_code 
_struct_site_gen.auth_comp_id 
_struct_site_gen.auth_asym_id 
_struct_site_gen.auth_seq_id 
_struct_site_gen.label_atom_id 
_struct_site_gen.label_alt_id 
_struct_site_gen.symmetry 
_struct_site_gen.details 
1 AC1 5 LYS A 15  ? LYS A 16  . ? 1_555 ? 
2 AC1 5 SER A 20  ? SER A 21  . ? 1_555 ? 
3 AC1 5 TYR A 103 ? TYR A 113 . ? 1_555 ? 
4 AC1 5 LYS A 105 ? LYS A 115 . ? 1_555 ? 
5 AC1 5 MET A 108 ? MET A 118 . ? 1_555 ? 
# 
_pdbx_entry_details.entry_id                   2GNS 
_pdbx_entry_details.compound_details           ? 
_pdbx_entry_details.source_details             ? 
_pdbx_entry_details.nonpolymer_details         ? 
_pdbx_entry_details.sequence_details           ? 
_pdbx_entry_details.has_ligand_of_interest     ? 
_pdbx_entry_details.has_protein_modification   Y 
# 
loop_
_pdbx_validate_rmsd_angle.id 
_pdbx_validate_rmsd_angle.PDB_model_num 
_pdbx_validate_rmsd_angle.auth_atom_id_1 
_pdbx_validate_rmsd_angle.auth_asym_id_1 
_pdbx_validate_rmsd_angle.auth_comp_id_1 
_pdbx_validate_rmsd_angle.auth_seq_id_1 
_pdbx_validate_rmsd_angle.PDB_ins_code_1 
_pdbx_validate_rmsd_angle.label_alt_id_1 
_pdbx_validate_rmsd_angle.auth_atom_id_2 
_pdbx_validate_rmsd_angle.auth_asym_id_2 
_pdbx_validate_rmsd_angle.auth_comp_id_2 
_pdbx_validate_rmsd_angle.auth_seq_id_2 
_pdbx_validate_rmsd_angle.PDB_ins_code_2 
_pdbx_validate_rmsd_angle.label_alt_id_2 
_pdbx_validate_rmsd_angle.auth_atom_id_3 
_pdbx_validate_rmsd_angle.auth_asym_id_3 
_pdbx_validate_rmsd_angle.auth_comp_id_3 
_pdbx_validate_rmsd_angle.auth_seq_id_3 
_pdbx_validate_rmsd_angle.PDB_ins_code_3 
_pdbx_validate_rmsd_angle.label_alt_id_3 
_pdbx_validate_rmsd_angle.angle_value 
_pdbx_validate_rmsd_angle.angle_target_value 
_pdbx_validate_rmsd_angle.angle_deviation 
_pdbx_validate_rmsd_angle.angle_standard_deviation 
_pdbx_validate_rmsd_angle.linker_flag 
1 1 C  P ALA 1 ? ? N  P LEU 2 ? ? CA P LEU 2 ? ? 97.16  121.70 -24.54 2.50 Y 
2 1 CA P LEU 2 ? ? C  P LEU 2 ? ? N  P VAL 3 ? ? 101.63 117.20 -15.57 2.20 Y 
3 1 C  P LEU 2 ? ? N  P VAL 3 ? ? CA P VAL 3 ? ? 143.62 121.70 21.92  2.50 Y 
4 1 N  P VAL 3 ? ? CA P VAL 3 ? ? C  P VAL 3 ? ? 136.89 111.00 25.89  2.70 N 
5 1 CA P VAL 3 ? ? C  P VAL 3 ? ? N  P TYR 4 ? ? 130.61 117.20 13.41  2.20 Y 
6 1 C  P VAL 3 ? ? N  P TYR 4 ? ? CA P TYR 4 ? ? 100.55 121.70 -21.15 2.50 Y 
# 
loop_
_pdbx_validate_torsion.id 
_pdbx_validate_torsion.PDB_model_num 
_pdbx_validate_torsion.auth_comp_id 
_pdbx_validate_torsion.auth_asym_id 
_pdbx_validate_torsion.auth_seq_id 
_pdbx_validate_torsion.PDB_ins_code 
_pdbx_validate_torsion.label_alt_id 
_pdbx_validate_torsion.phi 
_pdbx_validate_torsion.psi 
1 1 SER A 24 ? ? -142.35 32.21  
2 1 VAL A 78 ? ? -102.66 64.13  
3 1 ASN A 79 ? ? 79.06   -2.34  
4 1 VAL P 3  ? ? 39.44   -19.76 
# 
_pdbx_validate_peptide_omega.id               1 
_pdbx_validate_peptide_omega.PDB_model_num    1 
_pdbx_validate_peptide_omega.auth_comp_id_1   ILE 
_pdbx_validate_peptide_omega.auth_asym_id_1   A 
_pdbx_validate_peptide_omega.auth_seq_id_1    19 
_pdbx_validate_peptide_omega.PDB_ins_code_1   ? 
_pdbx_validate_peptide_omega.label_alt_id_1   ? 
_pdbx_validate_peptide_omega.auth_comp_id_2   PRO 
_pdbx_validate_peptide_omega.auth_asym_id_2   A 
_pdbx_validate_peptide_omega.auth_seq_id_2    20 
_pdbx_validate_peptide_omega.PDB_ins_code_2   ? 
_pdbx_validate_peptide_omega.label_alt_id_2   ? 
_pdbx_validate_peptide_omega.omega            39.93 
# 
loop_
_chem_comp_atom.comp_id 
_chem_comp_atom.atom_id 
_chem_comp_atom.type_symbol 
_chem_comp_atom.pdbx_aromatic_flag 
_chem_comp_atom.pdbx_stereo_config 
_chem_comp_atom.pdbx_ordinal 
ALA N    N N N 1   
ALA CA   C N S 2   
ALA C    C N N 3   
ALA O    O N N 4   
ALA CB   C N N 5   
ALA OXT  O N N 6   
ALA H    H N N 7   
ALA H2   H N N 8   
ALA HA   H N N 9   
ALA HB1  H N N 10  
ALA HB2  H N N 11  
ALA HB3  H N N 12  
ALA HXT  H N N 13  
ARG N    N N N 14  
ARG CA   C N S 15  
ARG C    C N N 16  
ARG O    O N N 17  
ARG CB   C N N 18  
ARG CG   C N N 19  
ARG CD   C N N 20  
ARG NE   N N N 21  
ARG CZ   C N N 22  
ARG NH1  N N N 23  
ARG NH2  N N N 24  
ARG OXT  O N N 25  
ARG H    H N N 26  
ARG H2   H N N 27  
ARG HA   H N N 28  
ARG HB2  H N N 29  
ARG HB3  H N N 30  
ARG HG2  H N N 31  
ARG HG3  H N N 32  
ARG HD2  H N N 33  
ARG HD3  H N N 34  
ARG HE   H N N 35  
ARG HH11 H N N 36  
ARG HH12 H N N 37  
ARG HH21 H N N 38  
ARG HH22 H N N 39  
ARG HXT  H N N 40  
ASN N    N N N 41  
ASN CA   C N S 42  
ASN C    C N N 43  
ASN O    O N N 44  
ASN CB   C N N 45  
ASN CG   C N N 46  
ASN OD1  O N N 47  
ASN ND2  N N N 48  
ASN OXT  O N N 49  
ASN H    H N N 50  
ASN H2   H N N 51  
ASN HA   H N N 52  
ASN HB2  H N N 53  
ASN HB3  H N N 54  
ASN HD21 H N N 55  
ASN HD22 H N N 56  
ASN HXT  H N N 57  
ASP N    N N N 58  
ASP CA   C N S 59  
ASP C    C N N 60  
ASP O    O N N 61  
ASP CB   C N N 62  
ASP CG   C N N 63  
ASP OD1  O N N 64  
ASP OD2  O N N 65  
ASP OXT  O N N 66  
ASP H    H N N 67  
ASP H2   H N N 68  
ASP HA   H N N 69  
ASP HB2  H N N 70  
ASP HB3  H N N 71  
ASP HD2  H N N 72  
ASP HXT  H N N 73  
CYS N    N N N 74  
CYS CA   C N R 75  
CYS C    C N N 76  
CYS O    O N N 77  
CYS CB   C N N 78  
CYS SG   S N N 79  
CYS OXT  O N N 80  
CYS H    H N N 81  
CYS H2   H N N 82  
CYS HA   H N N 83  
CYS HB2  H N N 84  
CYS HB3  H N N 85  
CYS HG   H N N 86  
CYS HXT  H N N 87  
GLN N    N N N 88  
GLN CA   C N S 89  
GLN C    C N N 90  
GLN O    O N N 91  
GLN CB   C N N 92  
GLN CG   C N N 93  
GLN CD   C N N 94  
GLN OE1  O N N 95  
GLN NE2  N N N 96  
GLN OXT  O N N 97  
GLN H    H N N 98  
GLN H2   H N N 99  
GLN HA   H N N 100 
GLN HB2  H N N 101 
GLN HB3  H N N 102 
GLN HG2  H N N 103 
GLN HG3  H N N 104 
GLN HE21 H N N 105 
GLN HE22 H N N 106 
GLN HXT  H N N 107 
GLU N    N N N 108 
GLU CA   C N S 109 
GLU C    C N N 110 
GLU O    O N N 111 
GLU CB   C N N 112 
GLU CG   C N N 113 
GLU CD   C N N 114 
GLU OE1  O N N 115 
GLU OE2  O N N 116 
GLU OXT  O N N 117 
GLU H    H N N 118 
GLU H2   H N N 119 
GLU HA   H N N 120 
GLU HB2  H N N 121 
GLU HB3  H N N 122 
GLU HG2  H N N 123 
GLU HG3  H N N 124 
GLU HE2  H N N 125 
GLU HXT  H N N 126 
GLY N    N N N 127 
GLY CA   C N N 128 
GLY C    C N N 129 
GLY O    O N N 130 
GLY OXT  O N N 131 
GLY H    H N N 132 
GLY H2   H N N 133 
GLY HA2  H N N 134 
GLY HA3  H N N 135 
GLY HXT  H N N 136 
HIS N    N N N 137 
HIS CA   C N S 138 
HIS C    C N N 139 
HIS O    O N N 140 
HIS CB   C N N 141 
HIS CG   C Y N 142 
HIS ND1  N Y N 143 
HIS CD2  C Y N 144 
HIS CE1  C Y N 145 
HIS NE2  N Y N 146 
HIS OXT  O N N 147 
HIS H    H N N 148 
HIS H2   H N N 149 
HIS HA   H N N 150 
HIS HB2  H N N 151 
HIS HB3  H N N 152 
HIS HD1  H N N 153 
HIS HD2  H N N 154 
HIS HE1  H N N 155 
HIS HE2  H N N 156 
HIS HXT  H N N 157 
HOH O    O N N 158 
HOH H1   H N N 159 
HOH H2   H N N 160 
ILE N    N N N 161 
ILE CA   C N S 162 
ILE C    C N N 163 
ILE O    O N N 164 
ILE CB   C N S 165 
ILE CG1  C N N 166 
ILE CG2  C N N 167 
ILE CD1  C N N 168 
ILE OXT  O N N 169 
ILE H    H N N 170 
ILE H2   H N N 171 
ILE HA   H N N 172 
ILE HB   H N N 173 
ILE HG12 H N N 174 
ILE HG13 H N N 175 
ILE HG21 H N N 176 
ILE HG22 H N N 177 
ILE HG23 H N N 178 
ILE HD11 H N N 179 
ILE HD12 H N N 180 
ILE HD13 H N N 181 
ILE HXT  H N N 182 
LEU N    N N N 183 
LEU CA   C N S 184 
LEU C    C N N 185 
LEU O    O N N 186 
LEU CB   C N N 187 
LEU CG   C N N 188 
LEU CD1  C N N 189 
LEU CD2  C N N 190 
LEU OXT  O N N 191 
LEU H    H N N 192 
LEU H2   H N N 193 
LEU HA   H N N 194 
LEU HB2  H N N 195 
LEU HB3  H N N 196 
LEU HG   H N N 197 
LEU HD11 H N N 198 
LEU HD12 H N N 199 
LEU HD13 H N N 200 
LEU HD21 H N N 201 
LEU HD22 H N N 202 
LEU HD23 H N N 203 
LEU HXT  H N N 204 
LYS N    N N N 205 
LYS CA   C N S 206 
LYS C    C N N 207 
LYS O    O N N 208 
LYS CB   C N N 209 
LYS CG   C N N 210 
LYS CD   C N N 211 
LYS CE   C N N 212 
LYS NZ   N N N 213 
LYS OXT  O N N 214 
LYS H    H N N 215 
LYS H2   H N N 216 
LYS HA   H N N 217 
LYS HB2  H N N 218 
LYS HB3  H N N 219 
LYS HG2  H N N 220 
LYS HG3  H N N 221 
LYS HD2  H N N 222 
LYS HD3  H N N 223 
LYS HE2  H N N 224 
LYS HE3  H N N 225 
LYS HZ1  H N N 226 
LYS HZ2  H N N 227 
LYS HZ3  H N N 228 
LYS HXT  H N N 229 
MET N    N N N 230 
MET CA   C N S 231 
MET C    C N N 232 
MET O    O N N 233 
MET CB   C N N 234 
MET CG   C N N 235 
MET SD   S N N 236 
MET CE   C N N 237 
MET OXT  O N N 238 
MET H    H N N 239 
MET H2   H N N 240 
MET HA   H N N 241 
MET HB2  H N N 242 
MET HB3  H N N 243 
MET HG2  H N N 244 
MET HG3  H N N 245 
MET HE1  H N N 246 
MET HE2  H N N 247 
MET HE3  H N N 248 
MET HXT  H N N 249 
PHE N    N N N 250 
PHE CA   C N S 251 
PHE C    C N N 252 
PHE O    O N N 253 
PHE CB   C N N 254 
PHE CG   C Y N 255 
PHE CD1  C Y N 256 
PHE CD2  C Y N 257 
PHE CE1  C Y N 258 
PHE CE2  C Y N 259 
PHE CZ   C Y N 260 
PHE OXT  O N N 261 
PHE H    H N N 262 
PHE H2   H N N 263 
PHE HA   H N N 264 
PHE HB2  H N N 265 
PHE HB3  H N N 266 
PHE HD1  H N N 267 
PHE HD2  H N N 268 
PHE HE1  H N N 269 
PHE HE2  H N N 270 
PHE HZ   H N N 271 
PHE HXT  H N N 272 
PRO N    N N N 273 
PRO CA   C N S 274 
PRO C    C N N 275 
PRO O    O N N 276 
PRO CB   C N N 277 
PRO CG   C N N 278 
PRO CD   C N N 279 
PRO OXT  O N N 280 
PRO H    H N N 281 
PRO HA   H N N 282 
PRO HB2  H N N 283 
PRO HB3  H N N 284 
PRO HG2  H N N 285 
PRO HG3  H N N 286 
PRO HD2  H N N 287 
PRO HD3  H N N 288 
PRO HXT  H N N 289 
SER N    N N N 290 
SER CA   C N S 291 
SER C    C N N 292 
SER O    O N N 293 
SER CB   C N N 294 
SER OG   O N N 295 
SER OXT  O N N 296 
SER H    H N N 297 
SER H2   H N N 298 
SER HA   H N N 299 
SER HB2  H N N 300 
SER HB3  H N N 301 
SER HG   H N N 302 
SER HXT  H N N 303 
SO4 S    S N N 304 
SO4 O1   O N N 305 
SO4 O2   O N N 306 
SO4 O3   O N N 307 
SO4 O4   O N N 308 
THR N    N N N 309 
THR CA   C N S 310 
THR C    C N N 311 
THR O    O N N 312 
THR CB   C N R 313 
THR OG1  O N N 314 
THR CG2  C N N 315 
THR OXT  O N N 316 
THR H    H N N 317 
THR H2   H N N 318 
THR HA   H N N 319 
THR HB   H N N 320 
THR HG1  H N N 321 
THR HG21 H N N 322 
THR HG22 H N N 323 
THR HG23 H N N 324 
THR HXT  H N N 325 
TRP N    N N N 326 
TRP CA   C N S 327 
TRP C    C N N 328 
TRP O    O N N 329 
TRP CB   C N N 330 
TRP CG   C Y N 331 
TRP CD1  C Y N 332 
TRP CD2  C Y N 333 
TRP NE1  N Y N 334 
TRP CE2  C Y N 335 
TRP CE3  C Y N 336 
TRP CZ2  C Y N 337 
TRP CZ3  C Y N 338 
TRP CH2  C Y N 339 
TRP OXT  O N N 340 
TRP H    H N N 341 
TRP H2   H N N 342 
TRP HA   H N N 343 
TRP HB2  H N N 344 
TRP HB3  H N N 345 
TRP HD1  H N N 346 
TRP HE1  H N N 347 
TRP HE3  H N N 348 
TRP HZ2  H N N 349 
TRP HZ3  H N N 350 
TRP HH2  H N N 351 
TRP HXT  H N N 352 
TYR N    N N N 353 
TYR CA   C N S 354 
TYR C    C N N 355 
TYR O    O N N 356 
TYR CB   C N N 357 
TYR CG   C Y N 358 
TYR CD1  C Y N 359 
TYR CD2  C Y N 360 
TYR CE1  C Y N 361 
TYR CE2  C Y N 362 
TYR CZ   C Y N 363 
TYR OH   O N N 364 
TYR OXT  O N N 365 
TYR H    H N N 366 
TYR H2   H N N 367 
TYR HA   H N N 368 
TYR HB2  H N N 369 
TYR HB3  H N N 370 
TYR HD1  H N N 371 
TYR HD2  H N N 372 
TYR HE1  H N N 373 
TYR HE2  H N N 374 
TYR HH   H N N 375 
TYR HXT  H N N 376 
VAL N    N N N 377 
VAL CA   C N S 378 
VAL C    C N N 379 
VAL O    O N N 380 
VAL CB   C N N 381 
VAL CG1  C N N 382 
VAL CG2  C N N 383 
VAL OXT  O N N 384 
VAL H    H N N 385 
VAL H2   H N N 386 
VAL HA   H N N 387 
VAL HB   H N N 388 
VAL HG11 H N N 389 
VAL HG12 H N N 390 
VAL HG13 H N N 391 
VAL HG21 H N N 392 
VAL HG22 H N N 393 
VAL HG23 H N N 394 
VAL HXT  H N N 395 
# 
loop_
_chem_comp_bond.comp_id 
_chem_comp_bond.atom_id_1 
_chem_comp_bond.atom_id_2 
_chem_comp_bond.value_order 
_chem_comp_bond.pdbx_aromatic_flag 
_chem_comp_bond.pdbx_stereo_config 
_chem_comp_bond.pdbx_ordinal 
ALA N   CA   sing N N 1   
ALA N   H    sing N N 2   
ALA N   H2   sing N N 3   
ALA CA  C    sing N N 4   
ALA CA  CB   sing N N 5   
ALA CA  HA   sing N N 6   
ALA C   O    doub N N 7   
ALA C   OXT  sing N N 8   
ALA CB  HB1  sing N N 9   
ALA CB  HB2  sing N N 10  
ALA CB  HB3  sing N N 11  
ALA OXT HXT  sing N N 12  
ARG N   CA   sing N N 13  
ARG N   H    sing N N 14  
ARG N   H2   sing N N 15  
ARG CA  C    sing N N 16  
ARG CA  CB   sing N N 17  
ARG CA  HA   sing N N 18  
ARG C   O    doub N N 19  
ARG C   OXT  sing N N 20  
ARG CB  CG   sing N N 21  
ARG CB  HB2  sing N N 22  
ARG CB  HB3  sing N N 23  
ARG CG  CD   sing N N 24  
ARG CG  HG2  sing N N 25  
ARG CG  HG3  sing N N 26  
ARG CD  NE   sing N N 27  
ARG CD  HD2  sing N N 28  
ARG CD  HD3  sing N N 29  
ARG NE  CZ   sing N N 30  
ARG NE  HE   sing N N 31  
ARG CZ  NH1  sing N N 32  
ARG CZ  NH2  doub N N 33  
ARG NH1 HH11 sing N N 34  
ARG NH1 HH12 sing N N 35  
ARG NH2 HH21 sing N N 36  
ARG NH2 HH22 sing N N 37  
ARG OXT HXT  sing N N 38  
ASN N   CA   sing N N 39  
ASN N   H    sing N N 40  
ASN N   H2   sing N N 41  
ASN CA  C    sing N N 42  
ASN CA  CB   sing N N 43  
ASN CA  HA   sing N N 44  
ASN C   O    doub N N 45  
ASN C   OXT  sing N N 46  
ASN CB  CG   sing N N 47  
ASN CB  HB2  sing N N 48  
ASN CB  HB3  sing N N 49  
ASN CG  OD1  doub N N 50  
ASN CG  ND2  sing N N 51  
ASN ND2 HD21 sing N N 52  
ASN ND2 HD22 sing N N 53  
ASN OXT HXT  sing N N 54  
ASP N   CA   sing N N 55  
ASP N   H    sing N N 56  
ASP N   H2   sing N N 57  
ASP CA  C    sing N N 58  
ASP CA  CB   sing N N 59  
ASP CA  HA   sing N N 60  
ASP C   O    doub N N 61  
ASP C   OXT  sing N N 62  
ASP CB  CG   sing N N 63  
ASP CB  HB2  sing N N 64  
ASP CB  HB3  sing N N 65  
ASP CG  OD1  doub N N 66  
ASP CG  OD2  sing N N 67  
ASP OD2 HD2  sing N N 68  
ASP OXT HXT  sing N N 69  
CYS N   CA   sing N N 70  
CYS N   H    sing N N 71  
CYS N   H2   sing N N 72  
CYS CA  C    sing N N 73  
CYS CA  CB   sing N N 74  
CYS CA  HA   sing N N 75  
CYS C   O    doub N N 76  
CYS C   OXT  sing N N 77  
CYS CB  SG   sing N N 78  
CYS CB  HB2  sing N N 79  
CYS CB  HB3  sing N N 80  
CYS SG  HG   sing N N 81  
CYS OXT HXT  sing N N 82  
GLN N   CA   sing N N 83  
GLN N   H    sing N N 84  
GLN N   H2   sing N N 85  
GLN CA  C    sing N N 86  
GLN CA  CB   sing N N 87  
GLN CA  HA   sing N N 88  
GLN C   O    doub N N 89  
GLN C   OXT  sing N N 90  
GLN CB  CG   sing N N 91  
GLN CB  HB2  sing N N 92  
GLN CB  HB3  sing N N 93  
GLN CG  CD   sing N N 94  
GLN CG  HG2  sing N N 95  
GLN CG  HG3  sing N N 96  
GLN CD  OE1  doub N N 97  
GLN CD  NE2  sing N N 98  
GLN NE2 HE21 sing N N 99  
GLN NE2 HE22 sing N N 100 
GLN OXT HXT  sing N N 101 
GLU N   CA   sing N N 102 
GLU N   H    sing N N 103 
GLU N   H2   sing N N 104 
GLU CA  C    sing N N 105 
GLU CA  CB   sing N N 106 
GLU CA  HA   sing N N 107 
GLU C   O    doub N N 108 
GLU C   OXT  sing N N 109 
GLU CB  CG   sing N N 110 
GLU CB  HB2  sing N N 111 
GLU CB  HB3  sing N N 112 
GLU CG  CD   sing N N 113 
GLU CG  HG2  sing N N 114 
GLU CG  HG3  sing N N 115 
GLU CD  OE1  doub N N 116 
GLU CD  OE2  sing N N 117 
GLU OE2 HE2  sing N N 118 
GLU OXT HXT  sing N N 119 
GLY N   CA   sing N N 120 
GLY N   H    sing N N 121 
GLY N   H2   sing N N 122 
GLY CA  C    sing N N 123 
GLY CA  HA2  sing N N 124 
GLY CA  HA3  sing N N 125 
GLY C   O    doub N N 126 
GLY C   OXT  sing N N 127 
GLY OXT HXT  sing N N 128 
HIS N   CA   sing N N 129 
HIS N   H    sing N N 130 
HIS N   H2   sing N N 131 
HIS CA  C    sing N N 132 
HIS CA  CB   sing N N 133 
HIS CA  HA   sing N N 134 
HIS C   O    doub N N 135 
HIS C   OXT  sing N N 136 
HIS CB  CG   sing N N 137 
HIS CB  HB2  sing N N 138 
HIS CB  HB3  sing N N 139 
HIS CG  ND1  sing Y N 140 
HIS CG  CD2  doub Y N 141 
HIS ND1 CE1  doub Y N 142 
HIS ND1 HD1  sing N N 143 
HIS CD2 NE2  sing Y N 144 
HIS CD2 HD2  sing N N 145 
HIS CE1 NE2  sing Y N 146 
HIS CE1 HE1  sing N N 147 
HIS NE2 HE2  sing N N 148 
HIS OXT HXT  sing N N 149 
HOH O   H1   sing N N 150 
HOH O   H2   sing N N 151 
ILE N   CA   sing N N 152 
ILE N   H    sing N N 153 
ILE N   H2   sing N N 154 
ILE CA  C    sing N N 155 
ILE CA  CB   sing N N 156 
ILE CA  HA   sing N N 157 
ILE C   O    doub N N 158 
ILE C   OXT  sing N N 159 
ILE CB  CG1  sing N N 160 
ILE CB  CG2  sing N N 161 
ILE CB  HB   sing N N 162 
ILE CG1 CD1  sing N N 163 
ILE CG1 HG12 sing N N 164 
ILE CG1 HG13 sing N N 165 
ILE CG2 HG21 sing N N 166 
ILE CG2 HG22 sing N N 167 
ILE CG2 HG23 sing N N 168 
ILE CD1 HD11 sing N N 169 
ILE CD1 HD12 sing N N 170 
ILE CD1 HD13 sing N N 171 
ILE OXT HXT  sing N N 172 
LEU N   CA   sing N N 173 
LEU N   H    sing N N 174 
LEU N   H2   sing N N 175 
LEU CA  C    sing N N 176 
LEU CA  CB   sing N N 177 
LEU CA  HA   sing N N 178 
LEU C   O    doub N N 179 
LEU C   OXT  sing N N 180 
LEU CB  CG   sing N N 181 
LEU CB  HB2  sing N N 182 
LEU CB  HB3  sing N N 183 
LEU CG  CD1  sing N N 184 
LEU CG  CD2  sing N N 185 
LEU CG  HG   sing N N 186 
LEU CD1 HD11 sing N N 187 
LEU CD1 HD12 sing N N 188 
LEU CD1 HD13 sing N N 189 
LEU CD2 HD21 sing N N 190 
LEU CD2 HD22 sing N N 191 
LEU CD2 HD23 sing N N 192 
LEU OXT HXT  sing N N 193 
LYS N   CA   sing N N 194 
LYS N   H    sing N N 195 
LYS N   H2   sing N N 196 
LYS CA  C    sing N N 197 
LYS CA  CB   sing N N 198 
LYS CA  HA   sing N N 199 
LYS C   O    doub N N 200 
LYS C   OXT  sing N N 201 
LYS CB  CG   sing N N 202 
LYS CB  HB2  sing N N 203 
LYS CB  HB3  sing N N 204 
LYS CG  CD   sing N N 205 
LYS CG  HG2  sing N N 206 
LYS CG  HG3  sing N N 207 
LYS CD  CE   sing N N 208 
LYS CD  HD2  sing N N 209 
LYS CD  HD3  sing N N 210 
LYS CE  NZ   sing N N 211 
LYS CE  HE2  sing N N 212 
LYS CE  HE3  sing N N 213 
LYS NZ  HZ1  sing N N 214 
LYS NZ  HZ2  sing N N 215 
LYS NZ  HZ3  sing N N 216 
LYS OXT HXT  sing N N 217 
MET N   CA   sing N N 218 
MET N   H    sing N N 219 
MET N   H2   sing N N 220 
MET CA  C    sing N N 221 
MET CA  CB   sing N N 222 
MET CA  HA   sing N N 223 
MET C   O    doub N N 224 
MET C   OXT  sing N N 225 
MET CB  CG   sing N N 226 
MET CB  HB2  sing N N 227 
MET CB  HB3  sing N N 228 
MET CG  SD   sing N N 229 
MET CG  HG2  sing N N 230 
MET CG  HG3  sing N N 231 
MET SD  CE   sing N N 232 
MET CE  HE1  sing N N 233 
MET CE  HE2  sing N N 234 
MET CE  HE3  sing N N 235 
MET OXT HXT  sing N N 236 
PHE N   CA   sing N N 237 
PHE N   H    sing N N 238 
PHE N   H2   sing N N 239 
PHE CA  C    sing N N 240 
PHE CA  CB   sing N N 241 
PHE CA  HA   sing N N 242 
PHE C   O    doub N N 243 
PHE C   OXT  sing N N 244 
PHE CB  CG   sing N N 245 
PHE CB  HB2  sing N N 246 
PHE CB  HB3  sing N N 247 
PHE CG  CD1  doub Y N 248 
PHE CG  CD2  sing Y N 249 
PHE CD1 CE1  sing Y N 250 
PHE CD1 HD1  sing N N 251 
PHE CD2 CE2  doub Y N 252 
PHE CD2 HD2  sing N N 253 
PHE CE1 CZ   doub Y N 254 
PHE CE1 HE1  sing N N 255 
PHE CE2 CZ   sing Y N 256 
PHE CE2 HE2  sing N N 257 
PHE CZ  HZ   sing N N 258 
PHE OXT HXT  sing N N 259 
PRO N   CA   sing N N 260 
PRO N   CD   sing N N 261 
PRO N   H    sing N N 262 
PRO CA  C    sing N N 263 
PRO CA  CB   sing N N 264 
PRO CA  HA   sing N N 265 
PRO C   O    doub N N 266 
PRO C   OXT  sing N N 267 
PRO CB  CG   sing N N 268 
PRO CB  HB2  sing N N 269 
PRO CB  HB3  sing N N 270 
PRO CG  CD   sing N N 271 
PRO CG  HG2  sing N N 272 
PRO CG  HG3  sing N N 273 
PRO CD  HD2  sing N N 274 
PRO CD  HD3  sing N N 275 
PRO OXT HXT  sing N N 276 
SER N   CA   sing N N 277 
SER N   H    sing N N 278 
SER N   H2   sing N N 279 
SER CA  C    sing N N 280 
SER CA  CB   sing N N 281 
SER CA  HA   sing N N 282 
SER C   O    doub N N 283 
SER C   OXT  sing N N 284 
SER CB  OG   sing N N 285 
SER CB  HB2  sing N N 286 
SER CB  HB3  sing N N 287 
SER OG  HG   sing N N 288 
SER OXT HXT  sing N N 289 
SO4 S   O1   doub N N 290 
SO4 S   O2   doub N N 291 
SO4 S   O3   sing N N 292 
SO4 S   O4   sing N N 293 
THR N   CA   sing N N 294 
THR N   H    sing N N 295 
THR N   H2   sing N N 296 
THR CA  C    sing N N 297 
THR CA  CB   sing N N 298 
THR CA  HA   sing N N 299 
THR C   O    doub N N 300 
THR C   OXT  sing N N 301 
THR CB  OG1  sing N N 302 
THR CB  CG2  sing N N 303 
THR CB  HB   sing N N 304 
THR OG1 HG1  sing N N 305 
THR CG2 HG21 sing N N 306 
THR CG2 HG22 sing N N 307 
THR CG2 HG23 sing N N 308 
THR OXT HXT  sing N N 309 
TRP N   CA   sing N N 310 
TRP N   H    sing N N 311 
TRP N   H2   sing N N 312 
TRP CA  C    sing N N 313 
TRP CA  CB   sing N N 314 
TRP CA  HA   sing N N 315 
TRP C   O    doub N N 316 
TRP C   OXT  sing N N 317 
TRP CB  CG   sing N N 318 
TRP CB  HB2  sing N N 319 
TRP CB  HB3  sing N N 320 
TRP CG  CD1  doub Y N 321 
TRP CG  CD2  sing Y N 322 
TRP CD1 NE1  sing Y N 323 
TRP CD1 HD1  sing N N 324 
TRP CD2 CE2  doub Y N 325 
TRP CD2 CE3  sing Y N 326 
TRP NE1 CE2  sing Y N 327 
TRP NE1 HE1  sing N N 328 
TRP CE2 CZ2  sing Y N 329 
TRP CE3 CZ3  doub Y N 330 
TRP CE3 HE3  sing N N 331 
TRP CZ2 CH2  doub Y N 332 
TRP CZ2 HZ2  sing N N 333 
TRP CZ3 CH2  sing Y N 334 
TRP CZ3 HZ3  sing N N 335 
TRP CH2 HH2  sing N N 336 
TRP OXT HXT  sing N N 337 
TYR N   CA   sing N N 338 
TYR N   H    sing N N 339 
TYR N   H2   sing N N 340 
TYR CA  C    sing N N 341 
TYR CA  CB   sing N N 342 
TYR CA  HA   sing N N 343 
TYR C   O    doub N N 344 
TYR C   OXT  sing N N 345 
TYR CB  CG   sing N N 346 
TYR CB  HB2  sing N N 347 
TYR CB  HB3  sing N N 348 
TYR CG  CD1  doub Y N 349 
TYR CG  CD2  sing Y N 350 
TYR CD1 CE1  sing Y N 351 
TYR CD1 HD1  sing N N 352 
TYR CD2 CE2  doub Y N 353 
TYR CD2 HD2  sing N N 354 
TYR CE1 CZ   doub Y N 355 
TYR CE1 HE1  sing N N 356 
TYR CE2 CZ   sing Y N 357 
TYR CE2 HE2  sing N N 358 
TYR CZ  OH   sing N N 359 
TYR OH  HH   sing N N 360 
TYR OXT HXT  sing N N 361 
VAL N   CA   sing N N 362 
VAL N   H    sing N N 363 
VAL N   H2   sing N N 364 
VAL CA  C    sing N N 365 
VAL CA  CB   sing N N 366 
VAL CA  HA   sing N N 367 
VAL C   O    doub N N 368 
VAL C   OXT  sing N N 369 
VAL CB  CG1  sing N N 370 
VAL CB  CG2  sing N N 371 
VAL CB  HB   sing N N 372 
VAL CG1 HG11 sing N N 373 
VAL CG1 HG12 sing N N 374 
VAL CG1 HG13 sing N N 375 
VAL CG2 HG21 sing N N 376 
VAL CG2 HG22 sing N N 377 
VAL CG2 HG23 sing N N 378 
VAL OXT HXT  sing N N 379 
# 
_pdbx_initial_refinement_model.id               1 
_pdbx_initial_refinement_model.entity_id_list   ? 
_pdbx_initial_refinement_model.type             'experimental model' 
_pdbx_initial_refinement_model.source_name      PDB 
_pdbx_initial_refinement_model.accession_code   1FB2 
_pdbx_initial_refinement_model.details          1FB2.pdb 
# 
_atom_sites.entry_id                    2GNS 
_atom_sites.fract_transf_matrix[1][1]   0.01276598 
_atom_sites.fract_transf_matrix[1][2]   -0.01341154 
_atom_sites.fract_transf_matrix[1][3]   -0.00335821 
_atom_sites.fract_transf_matrix[2][1]   -0.00907093 
_atom_sites.fract_transf_matrix[2][2]   -0.01157440 
_atom_sites.fract_transf_matrix[2][3]   0.01174175 
_atom_sites.fract_transf_matrix[3][1]   -0.01142522 
_atom_sites.fract_transf_matrix[3][2]   -0.00694978 
_atom_sites.fract_transf_matrix[3][3]   -0.01567712 
_atom_sites.fract_transf_vector[1]      0.536093 
_atom_sites.fract_transf_vector[2]      0.159039 
_atom_sites.fract_transf_vector[3]      -0.020252 
# 
loop_
_atom_type.symbol 
C 
N 
O 
S 
# 
loop_
_atom_site.group_PDB 
_atom_site.id 
_atom_site.type_symbol 
_atom_site.label_atom_id 
_atom_site.label_alt_id 
_atom_site.label_comp_id 
_atom_site.label_asym_id 
_atom_site.label_entity_id 
_atom_site.label_seq_id 
_atom_site.pdbx_PDB_ins_code 
_atom_site.Cartn_x 
_atom_site.Cartn_y 
_atom_site.Cartn_z 
_atom_site.occupancy 
_atom_site.B_iso_or_equiv 
_atom_site.pdbx_formal_charge 
_atom_site.auth_seq_id 
_atom_site.auth_comp_id 
_atom_site.auth_asym_id 
_atom_site.auth_atom_id 
_atom_site.pdbx_PDB_model_num 
ATOM   1    N N   . SER A 1 1   ? 5.545   -8.950  4.380   1.00 19.77 ? 1   SER A N   1 
ATOM   2    C CA  . SER A 1 1   ? 6.491   -7.865  4.778   1.00 21.69 ? 1   SER A CA  1 
ATOM   3    C C   . SER A 1 1   ? 6.721   -6.889  3.627   1.00 22.58 ? 1   SER A C   1 
ATOM   4    O O   . SER A 1 1   ? 6.256   -7.110  2.508   1.00 21.73 ? 1   SER A O   1 
ATOM   5    C CB  . SER A 1 1   ? 7.833   -8.454  5.229   1.00 20.89 ? 1   SER A CB  1 
ATOM   6    O OG  . SER A 1 1   ? 8.527   -9.065  4.153   1.00 23.65 ? 1   SER A OG  1 
ATOM   7    N N   . LEU A 1 2   ? 7.443   -5.810  3.912   1.00 23.98 ? 2   LEU A N   1 
ATOM   8    C CA  . LEU A 1 2   ? 7.733   -4.777  2.930   1.00 25.95 ? 2   LEU A CA  1 
ATOM   9    C C   . LEU A 1 2   ? 8.353   -5.314  1.632   1.00 25.77 ? 2   LEU A C   1 
ATOM   10   O O   . LEU A 1 2   ? 8.093   -4.777  0.560   1.00 26.73 ? 2   LEU A O   1 
ATOM   11   C CB  . LEU A 1 2   ? 8.630   -3.709  3.571   1.00 27.65 ? 2   LEU A CB  1 
ATOM   12   C CG  . LEU A 1 2   ? 8.030   -2.401  4.124   1.00 30.03 ? 2   LEU A CG  1 
ATOM   13   C CD1 . LEU A 1 2   ? 6.679   -2.612  4.773   1.00 31.53 ? 2   LEU A CD1 1 
ATOM   14   C CD2 . LEU A 1 2   ? 9.017   -1.817  5.135   1.00 32.05 ? 2   LEU A CD2 1 
ATOM   15   N N   . LEU A 1 3   ? 9.154   -6.373  1.726   1.00 26.60 ? 3   LEU A N   1 
ATOM   16   C CA  . LEU A 1 3   ? 9.779   -6.973  0.549   1.00 27.32 ? 3   LEU A CA  1 
ATOM   17   C C   . LEU A 1 3   ? 8.736   -7.583  -0.380  1.00 26.55 ? 3   LEU A C   1 
ATOM   18   O O   . LEU A 1 3   ? 8.857   -7.474  -1.593  1.00 27.99 ? 3   LEU A O   1 
ATOM   19   C CB  . LEU A 1 3   ? 10.791  -8.044  0.966   1.00 29.46 ? 3   LEU A CB  1 
ATOM   20   C CG  . LEU A 1 3   ? 12.174  -7.538  1.398   1.00 32.85 ? 3   LEU A CG  1 
ATOM   21   C CD1 . LEU A 1 3   ? 12.822  -8.536  2.346   1.00 35.16 ? 3   LEU A CD1 1 
ATOM   22   C CD2 . LEU A 1 3   ? 13.050  -7.328  0.162   1.00 33.90 ? 3   LEU A CD2 1 
ATOM   23   N N   . GLU A 1 4   ? 7.716   -8.235  0.168   1.00 26.00 ? 4   GLU A N   1 
ATOM   24   C CA  . GLU A 1 4   ? 6.673   -8.805  -0.686  1.00 24.66 ? 4   GLU A CA  1 
ATOM   25   C C   . GLU A 1 4   ? 5.819   -7.686  -1.280  1.00 23.18 ? 4   GLU A C   1 
ATOM   26   O O   . GLU A 1 4   ? 5.457   -7.737  -2.465  1.00 24.39 ? 4   GLU A O   1 
ATOM   27   C CB  . GLU A 1 4   ? 5.748   -9.739  0.087   1.00 25.54 ? 4   GLU A CB  1 
ATOM   28   C CG  . GLU A 1 4   ? 6.345   -11.073 0.446   1.00 27.20 ? 4   GLU A CG  1 
ATOM   29   C CD  . GLU A 1 4   ? 7.265   -10.965 1.638   1.00 28.31 ? 4   GLU A CD  1 
ATOM   30   O OE1 . GLU A 1 4   ? 6.824   -10.404 2.664   1.00 28.19 ? 4   GLU A OE1 1 
ATOM   31   O OE2 . GLU A 1 4   ? 8.420   -11.436 1.552   1.00 30.48 ? 4   GLU A OE2 1 
ATOM   32   N N   . PHE A 1 5   ? 5.478   -6.678  -0.470  1.00 21.21 ? 5   PHE A N   1 
ATOM   33   C CA  . PHE A 1 5   ? 4.612   -5.576  -0.968  1.00 21.75 ? 5   PHE A CA  1 
ATOM   34   C C   . PHE A 1 5   ? 5.327   -4.778  -2.063  1.00 23.25 ? 5   PHE A C   1 
ATOM   35   O O   . PHE A 1 5   ? 4.712   -4.460  -3.082  1.00 24.56 ? 5   PHE A O   1 
ATOM   36   C CB  . PHE A 1 5   ? 4.210   -4.601  0.159   1.00 19.63 ? 5   PHE A CB  1 
ATOM   37   C CG  . PHE A 1 5   ? 3.047   -3.660  -0.139  1.00 19.17 ? 5   PHE A CG  1 
ATOM   38   C CD1 . PHE A 1 5   ? 2.222   -3.906  -1.227  1.00 19.20 ? 5   PHE A CD1 1 
ATOM   39   C CD2 . PHE A 1 5   ? 2.773   -2.556  0.654   1.00 18.74 ? 5   PHE A CD2 1 
ATOM   40   C CE1 . PHE A 1 5   ? 1.156   -3.062  -1.523  1.00 21.04 ? 5   PHE A CE1 1 
ATOM   41   C CE2 . PHE A 1 5   ? 1.706   -1.714  0.354   1.00 22.82 ? 5   PHE A CE2 1 
ATOM   42   C CZ  . PHE A 1 5   ? 0.894   -1.962  -0.729  1.00 21.37 ? 5   PHE A CZ  1 
ATOM   43   N N   . GLY A 1 6   ? 6.609   -4.480  -1.876  1.00 23.97 ? 6   GLY A N   1 
ATOM   44   C CA  . GLY A 1 6   ? 7.344   -3.727  -2.873  1.00 25.40 ? 6   GLY A CA  1 
ATOM   45   C C   . GLY A 1 6   ? 7.439   -4.458  -4.195  1.00 26.73 ? 6   GLY A C   1 
ATOM   46   O O   . GLY A 1 6   ? 7.319   -3.849  -5.261  1.00 26.88 ? 6   GLY A O   1 
ATOM   47   N N   . LYS A 1 7   ? 7.668   -5.766  -4.138  1.00 26.82 ? 7   LYS A N   1 
ATOM   48   C CA  . LYS A 1 7   ? 7.759   -6.554  -5.358  1.00 27.99 ? 7   LYS A CA  1 
ATOM   49   C C   . LYS A 1 7   ? 6.374   -6.605  -6.018  1.00 28.06 ? 7   LYS A C   1 
ATOM   50   O O   . LYS A 1 7   ? 6.251   -6.538  -7.243  1.00 28.65 ? 7   LYS A O   1 
ATOM   51   C CB  . LYS A 1 7   ? 8.279   -7.963  -5.031  1.00 29.33 ? 7   LYS A CB  1 
ATOM   52   C CG  . LYS A 1 7   ? 8.185   -8.981  -6.164  1.00 31.97 ? 7   LYS A CG  1 
ATOM   53   C CD  . LYS A 1 7   ? 8.994   -10.238 -5.833  1.00 33.84 ? 7   LYS A CD  1 
ATOM   54   C CE  . LYS A 1 7   ? 8.727   -11.379 -6.817  1.00 35.34 ? 7   LYS A CE  1 
ATOM   55   N NZ  . LYS A 1 7   ? 7.544   -12.210 -6.430  1.00 35.97 ? 7   LYS A NZ  1 
ATOM   56   N N   . MET A 1 8   ? 5.334   -6.685  -5.188  1.00 27.82 ? 8   MET A N   1 
ATOM   57   C CA  . MET A 1 8   ? 3.948   -6.743  -5.660  1.00 26.49 ? 8   MET A CA  1 
ATOM   58   C C   . MET A 1 8   ? 3.612   -5.466  -6.442  1.00 25.69 ? 8   MET A C   1 
ATOM   59   O O   . MET A 1 8   ? 3.057   -5.523  -7.544  1.00 25.08 ? 8   MET A O   1 
ATOM   60   C CB  . MET A 1 8   ? 3.009   -6.908  -4.456  1.00 25.26 ? 8   MET A CB  1 
ATOM   61   C CG  . MET A 1 8   ? 1.676   -7.584  -4.757  1.00 24.77 ? 8   MET A CG  1 
ATOM   62   S SD  . MET A 1 8   ? 0.716   -7.883  -3.265  1.00 22.21 ? 8   MET A SD  1 
ATOM   63   C CE  . MET A 1 8   ? 1.003   -9.599  -2.957  1.00 22.64 ? 8   MET A CE  1 
ATOM   64   N N   . ILE A 1 9   ? 3.977   -4.322  -5.862  1.00 25.20 ? 9   ILE A N   1 
ATOM   65   C CA  . ILE A 1 9   ? 3.759   -2.999  -6.457  1.00 24.97 ? 9   ILE A CA  1 
ATOM   66   C C   . ILE A 1 9   ? 4.527   -2.791  -7.776  1.00 25.37 ? 9   ILE A C   1 
ATOM   67   O O   . ILE A 1 9   ? 4.012   -2.169  -8.713  1.00 26.22 ? 9   ILE A O   1 
ATOM   68   C CB  . ILE A 1 9   ? 4.155   -1.882  -5.446  1.00 23.80 ? 9   ILE A CB  1 
ATOM   69   C CG1 . ILE A 1 9   ? 3.189   -1.906  -4.252  1.00 24.53 ? 9   ILE A CG1 1 
ATOM   70   C CG2 . ILE A 1 9   ? 4.134   -0.523  -6.113  1.00 19.01 ? 9   ILE A CG2 1 
ATOM   71   C CD1 . ILE A 1 9   ? 3.507   -0.887  -3.173  1.00 24.17 ? 9   ILE A CD1 1 
ATOM   72   N N   . LEU A 1 10  ? 5.748   -3.315  -7.853  1.00 26.05 ? 10  LEU A N   1 
ATOM   73   C CA  . LEU A 1 10  ? 6.565   -3.176  -9.059  1.00 26.54 ? 10  LEU A CA  1 
ATOM   74   C C   . LEU A 1 10  ? 5.966   -4.014  -10.173 1.00 26.75 ? 10  LEU A C   1 
ATOM   75   O O   . LEU A 1 10  ? 5.871   -3.569  -11.314 1.00 26.30 ? 10  LEU A O   1 
ATOM   76   C CB  . LEU A 1 10  ? 8.016   -3.616  -8.796  1.00 25.71 ? 10  LEU A CB  1 
ATOM   77   C CG  . LEU A 1 10  ? 8.999   -3.637  -9.979  1.00 25.91 ? 10  LEU A CG  1 
ATOM   78   C CD1 . LEU A 1 10  ? 9.018   -2.283  -10.683 1.00 23.89 ? 10  LEU A CD1 1 
ATOM   79   C CD2 . LEU A 1 10  ? 10.390  -3.974  -9.476  1.00 25.04 ? 10  LEU A CD2 1 
ATOM   80   N N   . GLU A 1 11  ? 5.559   -5.233  -9.836  1.00 28.62 ? 11  GLU A N   1 
ATOM   81   C CA  . GLU A 1 11  ? 4.955   -6.129  -10.816 1.00 28.30 ? 11  GLU A CA  1 
ATOM   82   C C   . GLU A 1 11  ? 3.644   -5.577  -11.362 1.00 28.68 ? 11  GLU A C   1 
ATOM   83   O O   . GLU A 1 11  ? 3.371   -5.674  -12.553 1.00 29.24 ? 11  GLU A O   1 
ATOM   84   C CB  . GLU A 1 11  ? 4.649   -7.485  -10.197 1.00 29.79 ? 11  GLU A CB  1 
ATOM   85   C CG  . GLU A 1 11  ? 5.833   -8.331  -9.807  1.00 31.59 ? 11  GLU A CG  1 
ATOM   86   C CD  . GLU A 1 11  ? 5.381   -9.605  -9.129  1.00 32.69 ? 11  GLU A CD  1 
ATOM   87   O OE1 . GLU A 1 11  ? 4.214   -9.648  -8.686  1.00 33.68 ? 11  GLU A OE1 1 
ATOM   88   O OE2 . GLU A 1 11  ? 6.176   -10.557 -9.026  1.00 35.18 ? 11  GLU A OE2 1 
ATOM   89   N N   . GLU A 1 12  ? 2.834   -5.000  -10.484 1.00 28.63 ? 12  GLU A N   1 
ATOM   90   C CA  . GLU A 1 12  ? 1.527   -4.480  -10.863 1.00 27.99 ? 12  GLU A CA  1 
ATOM   91   C C   . GLU A 1 12  ? 1.483   -3.135  -11.610 1.00 27.49 ? 12  GLU A C   1 
ATOM   92   O O   . GLU A 1 12  ? 0.706   -2.965  -12.550 1.00 26.33 ? 12  GLU A O   1 
ATOM   93   C CB  . GLU A 1 12  ? 0.665   -4.376  -9.604  1.00 28.27 ? 12  GLU A CB  1 
ATOM   94   C CG  . GLU A 1 12  ? -0.811  -4.595  -9.846  1.00 29.05 ? 12  GLU A CG  1 
ATOM   95   C CD  . GLU A 1 12  ? -1.149  -6.047  -10.134 1.00 29.18 ? 12  GLU A CD  1 
ATOM   96   O OE1 . GLU A 1 12  ? -2.281  -6.321  -10.558 1.00 31.13 ? 12  GLU A OE1 1 
ATOM   97   O OE2 . GLU A 1 12  ? -0.291  -6.927  -9.932  1.00 31.27 ? 12  GLU A OE2 1 
ATOM   98   N N   . THR A 1 13  ? 2.321   -2.190  -11.191 1.00 26.94 ? 13  THR A N   1 
ATOM   99   C CA  . THR A 1 13  ? 2.326   -0.841  -11.761 1.00 26.92 ? 13  THR A CA  1 
ATOM   100  C C   . THR A 1 13  ? 3.509   -0.452  -12.638 1.00 27.78 ? 13  THR A C   1 
ATOM   101  O O   . THR A 1 13  ? 3.454   0.537   -13.367 1.00 26.72 ? 13  THR A O   1 
ATOM   102  C CB  . THR A 1 13  ? 2.286   0.195   -10.644 1.00 25.84 ? 13  THR A CB  1 
ATOM   103  O OG1 . THR A 1 13  ? 3.540   0.174   -9.943  1.00 25.66 ? 13  THR A OG1 1 
ATOM   104  C CG2 . THR A 1 13  ? 1.150   -0.117  -9.675  1.00 25.70 ? 13  THR A CG2 1 
ATOM   105  N N   . GLY A 1 14  ? 4.588   -1.212  -12.546 1.00 29.65 ? 14  GLY A N   1 
ATOM   106  C CA  . GLY A 1 14  ? 5.771   -0.879  -13.309 1.00 29.54 ? 14  GLY A CA  1 
ATOM   107  C C   . GLY A 1 14  ? 6.672   0.074   -12.531 1.00 30.67 ? 14  GLY A C   1 
ATOM   108  O O   . GLY A 1 14  ? 7.834   0.266   -12.897 1.00 32.23 ? 14  GLY A O   1 
ATOM   109  N N   . LYS A 1 15  ? 6.143   0.674   -11.454 1.00 30.23 ? 16  LYS A N   1 
ATOM   110  C CA  . LYS A 1 15  ? 6.902   1.624   -10.615 1.00 30.06 ? 16  LYS A CA  1 
ATOM   111  C C   . LYS A 1 15  ? 7.518   1.040   -9.331  1.00 30.32 ? 16  LYS A C   1 
ATOM   112  O O   . LYS A 1 15  ? 6.899   0.227   -8.647  1.00 29.81 ? 16  LYS A O   1 
ATOM   113  C CB  . LYS A 1 15  ? 6.011   2.782   -10.154 1.00 29.25 ? 16  LYS A CB  1 
ATOM   114  C CG  . LYS A 1 15  ? 5.398   3.690   -11.204 1.00 29.03 ? 16  LYS A CG  1 
ATOM   115  C CD  . LYS A 1 15  ? 4.461   4.694   -10.521 1.00 30.66 ? 16  LYS A CD  1 
ATOM   116  C CE  . LYS A 1 15  ? 3.697   5.561   -11.512 1.00 31.54 ? 16  LYS A CE  1 
ATOM   117  N NZ  . LYS A 1 15  ? 4.572   6.497   -12.257 1.00 33.65 ? 16  LYS A NZ  1 
ATOM   118  N N   . LEU A 1 16  ? 8.737   1.467   -9.019  1.00 31.18 ? 17  LEU A N   1 
ATOM   119  C CA  . LEU A 1 16  ? 9.401   1.058   -7.788  1.00 31.85 ? 17  LEU A CA  1 
ATOM   120  C C   . LEU A 1 16  ? 8.674   1.602   -6.562  1.00 31.56 ? 17  LEU A C   1 
ATOM   121  O O   . LEU A 1 16  ? 8.427   2.803   -6.459  1.00 31.15 ? 17  LEU A O   1 
ATOM   122  C CB  . LEU A 1 16  ? 10.859  1.523   -7.785  1.00 33.53 ? 17  LEU A CB  1 
ATOM   123  C CG  . LEU A 1 16  ? 11.771  0.900   -8.843  1.00 34.77 ? 17  LEU A CG  1 
ATOM   124  C CD1 . LEU A 1 16  ? 12.835  1.893   -9.288  1.00 34.79 ? 17  LEU A CD1 1 
ATOM   125  C CD2 . LEU A 1 16  ? 12.410  -0.377  -8.318  1.00 34.65 ? 17  LEU A CD2 1 
ATOM   126  N N   . ALA A 1 17  ? 8.336   0.711   -5.637  1.00 30.84 ? 18  ALA A N   1 
ATOM   127  C CA  . ALA A 1 17  ? 7.568   1.086   -4.456  1.00 32.22 ? 18  ALA A CA  1 
ATOM   128  C C   . ALA A 1 17  ? 8.271   2.184   -3.667  1.00 32.83 ? 18  ALA A C   1 
ATOM   129  O O   . ALA A 1 17  ? 7.627   2.978   -2.980  1.00 34.22 ? 18  ALA A O   1 
ATOM   130  C CB  . ALA A 1 17  ? 7.321   -0.129  -3.576  1.00 31.80 ? 18  ALA A CB  1 
ATOM   131  N N   . ILE A 1 18  ? 9.595   2.224   -3.768  1.00 33.15 ? 19  ILE A N   1 
ATOM   132  C CA  . ILE A 1 18  ? 10.345  3.451   -3.532  1.00 32.08 ? 19  ILE A CA  1 
ATOM   133  C C   . ILE A 1 18  ? 11.069  3.907   -4.795  1.00 32.37 ? 19  ILE A C   1 
ATOM   134  O O   . ILE A 1 18  ? 12.003  3.252   -5.257  1.00 30.45 ? 19  ILE A O   1 
ATOM   135  C CB  . ILE A 1 18  ? 11.355  3.254   -2.386  1.00 33.41 ? 19  ILE A CB  1 
ATOM   136  C CG1 . ILE A 1 18  ? 10.639  2.779   -1.120  1.00 32.66 ? 19  ILE A CG1 1 
ATOM   137  C CG2 . ILE A 1 18  ? 12.118  4.543   -2.120  1.00 31.25 ? 19  ILE A CG2 1 
ATOM   138  C CD1 . ILE A 1 18  ? 11.571  2.254   -0.051  1.00 33.12 ? 19  ILE A CD1 1 
ATOM   139  N N   . PRO A 1 19  ? 10.632  5.034   -5.347  1.00 33.21 ? 20  PRO A N   1 
ATOM   140  C CA  . PRO A 1 19  ? 10.234  6.187   -4.532  1.00 33.53 ? 20  PRO A CA  1 
ATOM   141  C C   . PRO A 1 19  ? 8.755   6.516   -4.701  1.00 33.41 ? 20  PRO A C   1 
ATOM   142  O O   . PRO A 1 19  ? 8.181   7.219   -3.869  1.00 35.36 ? 20  PRO A O   1 
ATOM   143  C CB  . PRO A 1 19  ? 11.093  7.320   -5.096  1.00 33.50 ? 20  PRO A CB  1 
ATOM   144  C CG  . PRO A 1 19  ? 11.341  6.929   -6.510  1.00 20.00 ? 20  PRO A CG  1 
ATOM   145  C CD  . PRO A 1 19  ? 11.447  5.431   -6.508  1.00 20.00 ? 20  PRO A CD  1 
ATOM   146  N N   . SER A 1 20  ? 8.150   6.011   -5.772  1.00 31.95 ? 21  SER A N   1 
ATOM   147  C CA  . SER A 1 20  ? 6.813   6.436   -6.168  1.00 30.74 ? 21  SER A CA  1 
ATOM   148  C C   . SER A 1 20  ? 5.885   6.536   -4.962  1.00 29.56 ? 21  SER A C   1 
ATOM   149  O O   . SER A 1 20  ? 5.257   7.569   -4.734  1.00 29.81 ? 21  SER A O   1 
ATOM   150  C CB  . SER A 1 20  ? 6.229   5.472   -7.203  1.00 29.74 ? 21  SER A CB  1 
ATOM   151  O OG  . SER A 1 20  ? 7.066   5.377   -8.342  1.00 30.75 ? 21  SER A OG  1 
ATOM   152  N N   . TYR A 1 21  ? 5.805   5.455   -4.193  1.00 29.87 ? 22  TYR A N   1 
ATOM   153  C CA  . TYR A 1 21  ? 4.717   5.276   -3.227  1.00 28.62 ? 22  TYR A CA  1 
ATOM   154  C C   . TYR A 1 21  ? 5.133   5.258   -1.743  1.00 29.90 ? 22  TYR A C   1 
ATOM   155  O O   . TYR A 1 21  ? 4.450   4.633   -0.930  1.00 30.97 ? 22  TYR A O   1 
ATOM   156  C CB  . TYR A 1 21  ? 3.968   3.971   -3.523  1.00 27.68 ? 22  TYR A CB  1 
ATOM   157  C CG  . TYR A 1 21  ? 3.285   3.884   -4.872  1.00 25.99 ? 22  TYR A CG  1 
ATOM   158  C CD1 . TYR A 1 21  ? 2.073   4.529   -5.110  1.00 24.92 ? 22  TYR A CD1 1 
ATOM   159  C CD2 . TYR A 1 21  ? 3.837   3.124   -5.902  1.00 25.61 ? 22  TYR A CD2 1 
ATOM   160  C CE1 . TYR A 1 21  ? 1.424   4.410   -6.344  1.00 24.00 ? 22  TYR A CE1 1 
ATOM   161  C CE2 . TYR A 1 21  ? 3.198   3.002   -7.141  1.00 25.15 ? 22  TYR A CE2 1 
ATOM   162  C CZ  . TYR A 1 21  ? 1.997   3.643   -7.352  1.00 23.91 ? 22  TYR A CZ  1 
ATOM   163  O OH  . TYR A 1 21  ? 1.372   3.499   -8.566  1.00 23.20 ? 22  TYR A OH  1 
ATOM   164  N N   . SER A 1 22  ? 6.234   5.912   -1.372  1.00 30.22 ? 23  SER A N   1 
ATOM   165  C CA  . SER A 1 22  ? 6.644   5.919   0.037   1.00 30.13 ? 23  SER A CA  1 
ATOM   166  C C   . SER A 1 22  ? 6.561   7.319   0.658   1.00 29.93 ? 23  SER A C   1 
ATOM   167  O O   . SER A 1 22  ? 6.683   7.479   1.872   1.00 29.39 ? 23  SER A O   1 
ATOM   168  C CB  . SER A 1 22  ? 8.056   5.329   0.204   1.00 29.40 ? 23  SER A CB  1 
ATOM   169  O OG  . SER A 1 22  ? 9.025   6.048   -0.536  1.00 31.33 ? 23  SER A OG  1 
ATOM   170  N N   . SER A 1 23  ? 6.352   8.329   -0.177  1.00 30.29 ? 24  SER A N   1 
ATOM   171  C CA  . SER A 1 23  ? 6.211   9.703   0.299   1.00 31.10 ? 24  SER A CA  1 
ATOM   172  C C   . SER A 1 23  ? 5.146   10.411  -0.541  1.00 29.97 ? 24  SER A C   1 
ATOM   173  O O   . SER A 1 23  ? 5.229   11.616  -0.767  1.00 31.34 ? 24  SER A O   1 
ATOM   174  C CB  . SER A 1 23  ? 7.539   10.465  0.193   1.00 31.02 ? 24  SER A CB  1 
ATOM   175  O OG  . SER A 1 23  ? 7.965   10.582  -1.153  1.00 34.48 ? 24  SER A OG  1 
ATOM   176  N N   . TYR A 1 24  ? 4.149   9.654   -0.994  1.00 27.02 ? 25  TYR A N   1 
ATOM   177  C CA  . TYR A 1 24  ? 3.069   10.186  -1.818  1.00 25.12 ? 25  TYR A CA  1 
ATOM   178  C C   . TYR A 1 24  ? 1.871   10.661  -0.991  1.00 24.97 ? 25  TYR A C   1 
ATOM   179  O O   . TYR A 1 24  ? 1.401   9.962   -0.096  1.00 26.06 ? 25  TYR A O   1 
ATOM   180  C CB  . TYR A 1 24  ? 2.626   9.108   -2.816  1.00 23.45 ? 25  TYR A CB  1 
ATOM   181  C CG  . TYR A 1 24  ? 1.702   9.588   -3.904  1.00 21.77 ? 25  TYR A CG  1 
ATOM   182  C CD1 . TYR A 1 24  ? 0.328   9.715   -3.682  1.00 20.95 ? 25  TYR A CD1 1 
ATOM   183  C CD2 . TYR A 1 24  ? 2.201   9.908   -5.161  1.00 21.50 ? 25  TYR A CD2 1 
ATOM   184  C CE1 . TYR A 1 24  ? -0.531  10.151  -4.695  1.00 19.86 ? 25  TYR A CE1 1 
ATOM   185  C CE2 . TYR A 1 24  ? 1.357   10.348  -6.181  1.00 20.68 ? 25  TYR A CE2 1 
ATOM   186  C CZ  . TYR A 1 24  ? -0.006  10.467  -5.943  1.00 20.33 ? 25  TYR A CZ  1 
ATOM   187  O OH  . TYR A 1 24  ? -0.829  10.906  -6.958  1.00 19.53 ? 25  TYR A OH  1 
ATOM   188  N N   . GLY A 1 25  ? 1.401   11.864  -1.297  1.00 24.16 ? 26  GLY A N   1 
ATOM   189  C CA  . GLY A 1 25  ? 0.255   12.443  -0.624  1.00 23.98 ? 26  GLY A CA  1 
ATOM   190  C C   . GLY A 1 25  ? 0.248   12.492  0.887   1.00 24.92 ? 26  GLY A C   1 
ATOM   191  O O   . GLY A 1 25  ? 1.240   12.815  1.535   1.00 25.15 ? 26  GLY A O   1 
ATOM   192  N N   . CYS A 1 26  ? -0.908  12.173  1.452   1.00 25.21 ? 27  CYS A N   1 
ATOM   193  C CA  . CYS A 1 26  ? -1.065  12.196  2.887   1.00 24.63 ? 27  CYS A CA  1 
ATOM   194  C C   . CYS A 1 26  ? -1.005  10.832  3.532   1.00 24.66 ? 27  CYS A C   1 
ATOM   195  O O   . CYS A 1 26  ? -0.819  10.743  4.743   1.00 23.02 ? 27  CYS A O   1 
ATOM   196  C CB  . CYS A 1 26  ? -2.372  12.894  3.260   1.00 24.84 ? 27  CYS A CB  1 
ATOM   197  S SG  . CYS A 1 26  ? -2.327  14.659  2.823   1.00 26.58 ? 27  CYS A SG  1 
ATOM   198  N N   . TYR A 1 27  ? -1.159  9.766   2.753   1.00 25.13 ? 28  TYR A N   1 
ATOM   199  C CA  . TYR A 1 27  ? -1.100  8.443   3.364   1.00 25.18 ? 28  TYR A CA  1 
ATOM   200  C C   . TYR A 1 27  ? -0.094  7.440   2.830   1.00 26.59 ? 28  TYR A C   1 
ATOM   201  O O   . TYR A 1 27  ? 0.086   6.389   3.423   1.00 27.01 ? 28  TYR A O   1 
ATOM   202  C CB  . TYR A 1 27  ? -2.490  7.809   3.405   1.00 22.44 ? 28  TYR A CB  1 
ATOM   203  C CG  . TYR A 1 27  ? -3.396  8.498   4.397   1.00 22.90 ? 28  TYR A CG  1 
ATOM   204  C CD1 . TYR A 1 27  ? -4.119  9.635   4.040   1.00 22.92 ? 28  TYR A CD1 1 
ATOM   205  C CD2 . TYR A 1 27  ? -3.494  8.041   5.712   1.00 22.20 ? 28  TYR A CD2 1 
ATOM   206  C CE1 . TYR A 1 27  ? -4.913  10.302  4.967   1.00 23.93 ? 28  TYR A CE1 1 
ATOM   207  C CE2 . TYR A 1 27  ? -4.281  8.702   6.647   1.00 22.13 ? 28  TYR A CE2 1 
ATOM   208  C CZ  . TYR A 1 27  ? -4.987  9.827   6.267   1.00 24.26 ? 28  TYR A CZ  1 
ATOM   209  O OH  . TYR A 1 27  ? -5.770  10.494  7.182   1.00 25.78 ? 28  TYR A OH  1 
ATOM   210  N N   . CYS A 1 28  ? 0.560   7.727   1.716   1.00 28.39 ? 29  CYS A N   1 
ATOM   211  C CA  . CYS A 1 28  ? 1.548   6.776   1.236   1.00 31.48 ? 29  CYS A CA  1 
ATOM   212  C C   . CYS A 1 28  ? 2.851   7.219   1.891   1.00 35.15 ? 29  CYS A C   1 
ATOM   213  O O   . CYS A 1 28  ? 3.484   8.184   1.450   1.00 36.76 ? 29  CYS A O   1 
ATOM   214  C CB  . CYS A 1 28  ? 1.652   6.831   -0.283  1.00 28.11 ? 29  CYS A CB  1 
ATOM   215  S SG  . CYS A 1 28  ? 0.071   6.604   -1.160  1.00 25.56 ? 29  CYS A SG  1 
ATOM   216  N N   . GLY A 1 29  ? 3.236   6.540   2.966   1.00 38.03 ? 30  GLY A N   1 
ATOM   217  C CA  . GLY A 1 29  ? 4.456   6.921   3.650   1.00 42.83 ? 30  GLY A CA  1 
ATOM   218  C C   . GLY A 1 29  ? 4.710   6.229   4.973   1.00 45.85 ? 30  GLY A C   1 
ATOM   219  O O   . GLY A 1 29  ? 5.358   5.188   5.015   1.00 48.07 ? 30  GLY A O   1 
ATOM   220  N N   . TRP A 1 30  ? 4.219   6.830   6.051   1.00 48.84 ? 31  TRP A N   1 
ATOM   221  C CA  . TRP A 1 30  ? 4.359   6.319   7.421   1.00 51.39 ? 31  TRP A CA  1 
ATOM   222  C C   . TRP A 1 30  ? 3.158   6.978   8.085   1.00 51.15 ? 31  TRP A C   1 
ATOM   223  O O   . TRP A 1 30  ? 2.967   8.187   7.934   1.00 51.35 ? 31  TRP A O   1 
ATOM   224  C CB  . TRP A 1 30  ? 5.664   6.834   8.058   1.00 53.80 ? 31  TRP A CB  1 
ATOM   225  C CG  . TRP A 1 30  ? 5.898   6.447   9.518   1.00 56.94 ? 31  TRP A CG  1 
ATOM   226  C CD1 . TRP A 1 30  ? 5.001   5.873   10.377  1.00 57.99 ? 31  TRP A CD1 1 
ATOM   227  C CD2 . TRP A 1 30  ? 7.107   6.639   10.278  1.00 58.10 ? 31  TRP A CD2 1 
ATOM   228  N NE1 . TRP A 1 30  ? 5.573   5.694   11.618  1.00 59.02 ? 31  TRP A NE1 1 
ATOM   229  C CE2 . TRP A 1 30  ? 6.864   6.150   11.584  1.00 59.12 ? 31  TRP A CE2 1 
ATOM   230  C CE3 . TRP A 1 30  ? 8.373   7.165   9.976   1.00 59.07 ? 31  TRP A CE3 1 
ATOM   231  C CZ2 . TRP A 1 30  ? 7.841   6.182   12.595  1.00 60.07 ? 31  TRP A CZ2 1 
ATOM   232  C CZ3 . TRP A 1 30  ? 9.350   7.194   10.983  1.00 59.35 ? 31  TRP A CZ3 1 
ATOM   233  C CH2 . TRP A 1 30  ? 9.074   6.701   12.275  1.00 60.51 ? 31  TRP A CH2 1 
ATOM   234  N N   . GLY A 1 31  ? 2.340   6.207   8.794   1.00 49.84 ? 32  GLY A N   1 
ATOM   235  C CA  . GLY A 1 31  ? 1.169   6.798   9.416   1.00 48.12 ? 32  GLY A CA  1 
ATOM   236  C C   . GLY A 1 31  ? 0.380   7.629   8.413   1.00 46.71 ? 32  GLY A C   1 
ATOM   237  O O   . GLY A 1 31  ? 0.204   7.232   7.262   1.00 47.01 ? 32  GLY A O   1 
ATOM   238  N N   . GLY A 1 32  ? -0.095  8.791   8.842   1.00 45.22 ? 33  GLY A N   1 
ATOM   239  C CA  . GLY A 1 32  ? -0.855  9.641   7.948   1.00 43.59 ? 33  GLY A CA  1 
ATOM   240  C C   . GLY A 1 32  ? -1.988  10.311  8.691   1.00 41.76 ? 33  GLY A C   1 
ATOM   241  O O   . GLY A 1 32  ? -2.411  9.834   9.739   1.00 41.83 ? 33  GLY A O   1 
ATOM   242  N N   . LYS A 1 33  ? -2.463  11.426  8.153   1.00 40.74 ? 34  LYS A N   1 
ATOM   243  C CA  . LYS A 1 33  ? -3.563  12.183  8.739   1.00 40.03 ? 34  LYS A CA  1 
ATOM   244  C C   . LYS A 1 33  ? -4.139  13.047  7.636   1.00 37.62 ? 34  LYS A C   1 
ATOM   245  O O   . LYS A 1 33  ? -3.584  13.118  6.544   1.00 36.02 ? 34  LYS A O   1 
ATOM   246  C CB  . LYS A 1 33  ? -3.088  13.089  9.889   1.00 40.75 ? 34  LYS A CB  1 
ATOM   247  C CG  . LYS A 1 33  ? -2.861  12.386  11.228  1.00 44.10 ? 34  LYS A CG  1 
ATOM   248  C CD  . LYS A 1 33  ? -2.847  13.391  12.385  1.00 45.56 ? 34  LYS A CD  1 
ATOM   249  C CE  . LYS A 1 33  ? -1.781  13.039  13.404  1.00 45.85 ? 34  LYS A CE  1 
ATOM   250  N NZ  . LYS A 1 33  ? -0.450  12.967  12.732  1.00 46.99 ? 34  LYS A NZ  1 
ATOM   251  N N   . GLY A 1 34  ? -5.254  13.702  7.922   1.00 36.33 ? 35  GLY A N   1 
ATOM   252  C CA  . GLY A 1 34  ? -5.861  14.562  6.928   1.00 35.76 ? 35  GLY A CA  1 
ATOM   253  C C   . GLY A 1 34  ? -6.729  13.846  5.911   1.00 34.83 ? 35  GLY A C   1 
ATOM   254  O O   . GLY A 1 34  ? -7.109  12.684  6.089   1.00 34.58 ? 35  GLY A O   1 
ATOM   255  N N   . THR A 1 35  ? -7.035  14.565  4.837   1.00 33.51 ? 36  THR A N   1 
ATOM   256  C CA  . THR A 1 35  ? -7.863  14.053  3.762   1.00 32.52 ? 36  THR A CA  1 
ATOM   257  C C   . THR A 1 35  ? -6.949  13.569  2.649   1.00 31.88 ? 36  THR A C   1 
ATOM   258  O O   . THR A 1 35  ? -6.031  14.280  2.237   1.00 32.75 ? 36  THR A O   1 
ATOM   259  C CB  . THR A 1 35  ? -8.779  15.157  3.207   1.00 32.37 ? 36  THR A CB  1 
ATOM   260  O OG1 . THR A 1 35  ? -9.234  15.993  4.280   1.00 31.99 ? 36  THR A OG1 1 
ATOM   261  C CG2 . THR A 1 35  ? -9.969  14.539  2.498   1.00 32.75 ? 36  THR A CG2 1 
ATOM   262  N N   . PRO A 1 36  ? -7.176  12.342  2.157   1.00 31.01 ? 37  PRO A N   1 
ATOM   263  C CA  . PRO A 1 36  ? -6.357  11.777  1.080   1.00 30.45 ? 37  PRO A CA  1 
ATOM   264  C C   . PRO A 1 36  ? -6.413  12.722  -0.115  1.00 29.42 ? 37  PRO A C   1 
ATOM   265  O O   . PRO A 1 36  ? -7.475  13.256  -0.425  1.00 29.12 ? 37  PRO A O   1 
ATOM   266  C CB  . PRO A 1 36  ? -7.033  10.430  0.809   1.00 31.30 ? 37  PRO A CB  1 
ATOM   267  C CG  . PRO A 1 36  ? -7.633  10.072  2.144   1.00 30.60 ? 37  PRO A CG  1 
ATOM   268  C CD  . PRO A 1 36  ? -8.223  11.393  2.575   1.00 30.69 ? 37  PRO A CD  1 
ATOM   269  N N   . LYS A 1 37  ? -5.283  12.929  -0.785  1.00 29.08 ? 38  LYS A N   1 
ATOM   270  C CA  . LYS A 1 37  ? -5.231  13.853  -1.917  1.00 28.41 ? 38  LYS A CA  1 
ATOM   271  C C   . LYS A 1 37  ? -5.866  13.398  -3.235  1.00 28.17 ? 38  LYS A C   1 
ATOM   272  O O   . LYS A 1 37  ? -6.414  14.217  -3.969  1.00 28.97 ? 38  LYS A O   1 
ATOM   273  C CB  . LYS A 1 37  ? -3.779  14.280  -2.165  1.00 29.61 ? 38  LYS A CB  1 
ATOM   274  C CG  . LYS A 1 37  ? -3.066  14.862  -0.931  1.00 31.44 ? 38  LYS A CG  1 
ATOM   275  C CD  . LYS A 1 37  ? -3.877  15.960  -0.232  1.00 34.59 ? 38  LYS A CD  1 
ATOM   276  C CE  . LYS A 1 37  ? -4.320  17.026  -1.220  1.00 35.09 ? 38  LYS A CE  1 
ATOM   277  N NZ  . LYS A 1 37  ? -5.117  18.106  -0.578  1.00 37.65 ? 38  LYS A NZ  1 
ATOM   278  N N   . ASP A 1 38  ? -5.792  12.111  -3.549  1.00 26.79 ? 39  ASP A N   1 
ATOM   279  C CA  . ASP A 1 38  ? -6.386  11.614  -4.783  1.00 25.45 ? 39  ASP A CA  1 
ATOM   280  C C   . ASP A 1 38  ? -6.633  10.110  -4.674  1.00 25.58 ? 39  ASP A C   1 
ATOM   281  O O   . ASP A 1 38  ? -6.368  9.508   -3.626  1.00 25.66 ? 39  ASP A O   1 
ATOM   282  C CB  . ASP A 1 38  ? -5.466  11.923  -5.963  1.00 24.64 ? 39  ASP A CB  1 
ATOM   283  C CG  . ASP A 1 38  ? -4.163  11.185  -5.884  1.00 24.25 ? 39  ASP A CG  1 
ATOM   284  O OD1 . ASP A 1 38  ? -3.907  10.532  -4.843  1.00 23.95 ? 39  ASP A OD1 1 
ATOM   285  O OD2 . ASP A 1 38  ? -3.403  11.265  -6.869  1.00 22.87 ? 39  ASP A OD2 1 
ATOM   286  N N   . ALA A 1 39  ? -7.130  9.501   -5.747  1.00 23.32 ? 40  ALA A N   1 
ATOM   287  C CA  . ALA A 1 39  ? -7.415  8.070   -5.724  1.00 22.33 ? 40  ALA A CA  1 
ATOM   288  C C   . ALA A 1 39  ? -6.259  7.219   -5.215  1.00 20.89 ? 40  ALA A C   1 
ATOM   289  O O   . ALA A 1 39  ? -6.483  6.286   -4.444  1.00 20.58 ? 40  ALA A O   1 
ATOM   290  C CB  . ALA A 1 39  ? -7.848  7.587   -7.110  1.00 21.18 ? 40  ALA A CB  1 
ATOM   291  N N   . THR A 1 40  ? -5.031  7.534   -5.626  1.00 20.60 ? 41  THR A N   1 
ATOM   292  C CA  . THR A 1 40  ? -3.873  6.750   -5.188  1.00 19.75 ? 41  THR A CA  1 
ATOM   293  C C   . THR A 1 40  ? -3.609  6.940   -3.688  1.00 19.22 ? 41  THR A C   1 
ATOM   294  O O   . THR A 1 40  ? -3.223  5.989   -3.015  1.00 18.20 ? 41  THR A O   1 
ATOM   295  C CB  . THR A 1 40  ? -2.610  7.090   -6.041  1.00 18.49 ? 41  THR A CB  1 
ATOM   296  O OG1 . THR A 1 40  ? -2.847  6.699   -7.404  1.00 19.02 ? 41  THR A OG1 1 
ATOM   297  C CG2 . THR A 1 40  ? -1.374  6.354   -5.526  1.00 19.36 ? 41  THR A CG2 1 
ATOM   298  N N   . ASP A 1 41  ? -3.851  8.146   -3.163  1.00 18.94 ? 42  ASP A N   1 
ATOM   299  C CA  . ASP A 1 41  ? -3.657  8.416   -1.731  1.00 18.63 ? 42  ASP A CA  1 
ATOM   300  C C   . ASP A 1 41  ? -4.744  7.645   -0.958  1.00 18.34 ? 42  ASP A C   1 
ATOM   301  O O   . ASP A 1 41  ? -4.498  7.166   0.149   1.00 18.07 ? 42  ASP A O   1 
ATOM   302  C CB  . ASP A 1 41  ? -3.754  9.936   -1.446  1.00 17.81 ? 42  ASP A CB  1 
ATOM   303  C CG  . ASP A 1 41  ? -3.019  10.362  -0.172  1.00 19.77 ? 42  ASP A CG  1 
ATOM   304  O OD1 . ASP A 1 41  ? -2.244  9.547   0.381   1.00 18.70 ? 42  ASP A OD1 1 
ATOM   305  O OD2 . ASP A 1 41  ? -3.208  11.521  0.268   1.00 20.38 ? 42  ASP A OD2 1 
ATOM   306  N N   . ARG A 1 42  ? -5.945  7.520   -1.535  1.00 19.67 ? 43  ARG A N   1 
ATOM   307  C CA  . ARG A 1 42  ? -7.023  6.776   -0.860  1.00 19.80 ? 43  ARG A CA  1 
ATOM   308  C C   . ARG A 1 42  ? -6.650  5.296   -0.810  1.00 16.86 ? 43  ARG A C   1 
ATOM   309  O O   . ARG A 1 42  ? -6.960  4.600   0.157   1.00 16.10 ? 43  ARG A O   1 
ATOM   310  C CB  . ARG A 1 42  ? -8.397  6.990   -1.548  1.00 20.27 ? 43  ARG A CB  1 
ATOM   311  C CG  . ARG A 1 42  ? -8.965  8.405   -1.327  1.00 24.96 ? 43  ARG A CG  1 
ATOM   312  C CD  . ARG A 1 42  ? -10.437 8.600   -1.762  1.00 26.14 ? 43  ARG A CD  1 
ATOM   313  N NE  . ARG A 1 42  ? -10.658 8.505   -3.208  1.00 30.12 ? 43  ARG A NE  1 
ATOM   314  C CZ  . ARG A 1 42  ? -10.489 9.495   -4.086  1.00 29.45 ? 43  ARG A CZ  1 
ATOM   315  N NH1 . ARG A 1 42  ? -10.089 10.694  -3.684  1.00 31.57 ? 43  ARG A NH1 1 
ATOM   316  N NH2 . ARG A 1 42  ? -10.724 9.277   -5.375  1.00 29.26 ? 43  ARG A NH2 1 
ATOM   317  N N   . CYS A 1 43  ? -5.965  4.814   -1.839  1.00 16.83 ? 44  CYS A N   1 
ATOM   318  C CA  . CYS A 1 43  ? -5.521  3.426   -1.814  1.00 17.71 ? 44  CYS A CA  1 
ATOM   319  C C   . CYS A 1 43  ? -4.632  3.242   -0.571  1.00 17.78 ? 44  CYS A C   1 
ATOM   320  O O   . CYS A 1 43  ? -4.718  2.225   0.112   1.00 17.96 ? 44  CYS A O   1 
ATOM   321  C CB  . CYS A 1 43  ? -4.669  3.083   -3.028  1.00 17.80 ? 44  CYS A CB  1 
ATOM   322  S SG  . CYS A 1 43  ? -5.383  3.166   -4.682  1.00 19.91 ? 44  CYS A SG  1 
ATOM   323  N N   . CYS A 1 44  ? -3.773  4.222   -0.281  1.00 18.91 ? 45  CYS A N   1 
ATOM   324  C CA  . CYS A 1 44  ? -2.875  4.108   0.875   1.00 19.09 ? 45  CYS A CA  1 
ATOM   325  C C   . CYS A 1 44  ? -3.615  4.189   2.201   1.00 19.74 ? 45  CYS A C   1 
ATOM   326  O O   . CYS A 1 44  ? -3.329  3.432   3.132   1.00 19.29 ? 45  CYS A O   1 
ATOM   327  C CB  . CYS A 1 44  ? -1.756  5.156   0.808   1.00 19.80 ? 45  CYS A CB  1 
ATOM   328  S SG  . CYS A 1 44  ? -0.603  4.789   -0.546  1.00 21.10 ? 45  CYS A SG  1 
ATOM   329  N N   . PHE A 1 45  ? -4.573  5.106   2.276   1.00 19.72 ? 46  PHE A N   1 
ATOM   330  C CA  . PHE A 1 45  ? -5.395  5.280   3.460   1.00 19.29 ? 46  PHE A CA  1 
ATOM   331  C C   . PHE A 1 45  ? -6.172  3.981   3.730   1.00 19.22 ? 46  PHE A C   1 
ATOM   332  O O   . PHE A 1 45  ? -6.293  3.554   4.872   1.00 18.80 ? 46  PHE A O   1 
ATOM   333  C CB  . PHE A 1 45  ? -6.357  6.446   3.226   1.00 21.32 ? 46  PHE A CB  1 
ATOM   334  C CG  . PHE A 1 45  ? -7.475  6.524   4.221   1.00 23.14 ? 46  PHE A CG  1 
ATOM   335  C CD1 . PHE A 1 45  ? -7.297  7.149   5.452   1.00 22.10 ? 46  PHE A CD1 1 
ATOM   336  C CD2 . PHE A 1 45  ? -8.711  5.952   3.924   1.00 23.17 ? 46  PHE A CD2 1 
ATOM   337  C CE1 . PHE A 1 45  ? -8.337  7.204   6.378   1.00 23.51 ? 46  PHE A CE1 1 
ATOM   338  C CE2 . PHE A 1 45  ? -9.755  5.996   4.833   1.00 24.75 ? 46  PHE A CE2 1 
ATOM   339  C CZ  . PHE A 1 45  ? -9.572  6.624   6.068   1.00 24.61 ? 46  PHE A CZ  1 
ATOM   340  N N   . VAL A 1 46  ? -6.702  3.355   2.682   1.00 18.85 ? 47  VAL A N   1 
ATOM   341  C CA  . VAL A 1 46  ? -7.443  2.115   2.865   1.00 19.51 ? 47  VAL A CA  1 
ATOM   342  C C   . VAL A 1 46  ? -6.439  1.036   3.274   1.00 19.87 ? 47  VAL A C   1 
ATOM   343  O O   . VAL A 1 46  ? -6.735  0.194   4.122   1.00 20.07 ? 47  VAL A O   1 
ATOM   344  C CB  . VAL A 1 46  ? -8.211  1.731   1.575   1.00 19.69 ? 47  VAL A CB  1 
ATOM   345  C CG1 . VAL A 1 46  ? -8.864  0.372   1.722   1.00 17.81 ? 47  VAL A CG1 1 
ATOM   346  C CG2 . VAL A 1 46  ? -9.285  2.777   1.298   1.00 18.64 ? 47  VAL A CG2 1 
ATOM   347  N N   . HIS A 1 47  ? -5.238  1.085   2.705   1.00 19.81 ? 48  HIS A N   1 
ATOM   348  C CA  . HIS A 1 47  ? -4.210  0.114   3.071   1.00 18.71 ? 48  HIS A CA  1 
ATOM   349  C C   . HIS A 1 47  ? -3.849  0.259   4.560   1.00 19.38 ? 48  HIS A C   1 
ATOM   350  O O   . HIS A 1 47  ? -3.792  -0.743  5.283   1.00 17.84 ? 48  HIS A O   1 
ATOM   351  C CB  . HIS A 1 47  ? -2.991  0.305   2.197   1.00 16.48 ? 48  HIS A CB  1 
ATOM   352  C CG  . HIS A 1 47  ? -2.032  -0.884  2.271   1.00 16.12 ? 48  HIS A CG  1 
ATOM   353  N ND1 . HIS A 1 47  ? -0.850  -0.841  2.981   1.00 14.62 ? 48  HIS A ND1 1 
ATOM   354  C CD2 . HIS A 1 47  ? -2.087  -2.113  1.707   1.00 17.24 ? 48  HIS A CD2 1 
ATOM   355  C CE1 . HIS A 1 47  ? -0.217  -1.993  2.849   1.00 13.93 ? 48  HIS A CE1 1 
ATOM   356  N NE2 . HIS A 1 47  ? -0.947  -2.781  2.081   1.00 16.65 ? 48  HIS A NE2 1 
ATOM   357  N N   . ASP A 1 48  ? -3.611  1.497   5.015   1.00 18.26 ? 49  ASP A N   1 
ATOM   358  C CA  . ASP A 1 48  ? -3.279  1.760   6.423   1.00 20.00 ? 49  ASP A CA  1 
ATOM   359  C C   . ASP A 1 48  ? -4.382  1.172   7.327   1.00 20.88 ? 49  ASP A C   1 
ATOM   360  O O   . ASP A 1 48  ? -4.100  0.491   8.329   1.00 20.57 ? 49  ASP A O   1 
ATOM   361  C CB  . ASP A 1 48  ? -3.204  3.294   6.697   1.00 20.66 ? 49  ASP A CB  1 
ATOM   362  C CG  . ASP A 1 48  ? -1.887  4.013   6.416   1.00 23.43 ? 49  ASP A CG  1 
ATOM   363  O OD1 . ASP A 1 48  ? -1.038  3.468   5.699   1.00 27.13 ? 49  ASP A OD1 1 
ATOM   364  O OD2 . ASP A 1 48  ? -1.719  5.143   6.917   1.00 23.03 ? 49  ASP A OD2 1 
ATOM   365  N N   . CYS A 1 49  ? -5.635  1.448   6.960   1.00 20.15 ? 50  CYS A N   1 
ATOM   366  C CA  . CYS A 1 49  ? -6.803  0.966   7.700   1.00 21.11 ? 50  CYS A CA  1 
ATOM   367  C C   . CYS A 1 49  ? -6.841  -0.557  7.751   1.00 20.32 ? 50  CYS A C   1 
ATOM   368  O O   . CYS A 1 49  ? -7.173  -1.150  8.784   1.00 19.83 ? 50  CYS A O   1 
ATOM   369  C CB  . CYS A 1 49  ? -8.107  1.457   7.054   1.00 22.87 ? 50  CYS A CB  1 
ATOM   370  S SG  . CYS A 1 49  ? -8.475  3.238   7.180   1.00 25.78 ? 50  CYS A SG  1 
ATOM   371  N N   . CYS A 1 50  ? -6.519  -1.190  6.630   1.00 18.14 ? 51  CYS A N   1 
ATOM   372  C CA  . CYS A 1 50  ? -6.514  -2.637  6.574   1.00 17.88 ? 51  CYS A CA  1 
ATOM   373  C C   . CYS A 1 50  ? -5.468  -3.140  7.589   1.00 19.11 ? 51  CYS A C   1 
ATOM   374  O O   . CYS A 1 50  ? -5.739  -4.045  8.369   1.00 18.74 ? 51  CYS A O   1 
ATOM   375  C CB  . CYS A 1 50  ? -6.189  -3.056  5.150   1.00 17.34 ? 51  CYS A CB  1 
ATOM   376  S SG  . CYS A 1 50  ? -6.647  -4.741  4.664   1.00 15.98 ? 51  CYS A SG  1 
ATOM   377  N N   . TYR A 1 51  ? -4.276  -2.552  7.602   1.00 20.52 ? 52  TYR A N   1 
ATOM   378  C CA  . TYR A 1 51  ? -3.266  -2.973  8.580   1.00 22.11 ? 52  TYR A CA  1 
ATOM   379  C C   . TYR A 1 51  ? -3.831  -2.707  9.984   1.00 23.19 ? 52  TYR A C   1 
ATOM   380  O O   . TYR A 1 51  ? -3.659  -3.511  10.907  1.00 22.14 ? 52  TYR A O   1 
ATOM   381  C CB  . TYR A 1 51  ? -1.957  -2.179  8.403   1.00 21.22 ? 52  TYR A CB  1 
ATOM   382  C CG  . TYR A 1 51  ? -0.998  -2.708  7.348   1.00 19.22 ? 52  TYR A CG  1 
ATOM   383  C CD1 . TYR A 1 51  ? -1.337  -3.800  6.542   1.00 19.37 ? 52  TYR A CD1 1 
ATOM   384  C CD2 . TYR A 1 51  ? 0.256   -2.118  7.168   1.00 19.15 ? 52  TYR A CD2 1 
ATOM   385  C CE1 . TYR A 1 51  ? -0.448  -4.292  5.580   1.00 18.57 ? 52  TYR A CE1 1 
ATOM   386  C CE2 . TYR A 1 51  ? 1.145   -2.595  6.217   1.00 19.08 ? 52  TYR A CE2 1 
ATOM   387  C CZ  . TYR A 1 51  ? 0.788   -3.684  5.428   1.00 19.90 ? 52  TYR A CZ  1 
ATOM   388  O OH  . TYR A 1 51  ? 1.682   -4.158  4.489   1.00 22.10 ? 52  TYR A OH  1 
ATOM   389  N N   . GLY A 1 52  ? -4.505  -1.566  10.122  1.00 24.39 ? 53  GLY A N   1 
ATOM   390  C CA  . GLY A 1 52  ? -5.099  -1.173  11.389  1.00 24.40 ? 53  GLY A CA  1 
ATOM   391  C C   . GLY A 1 52  ? -5.980  -2.226  12.038  1.00 25.39 ? 53  GLY A C   1 
ATOM   392  O O   . GLY A 1 52  ? -6.128  -2.231  13.256  1.00 25.84 ? 53  GLY A O   1 
ATOM   393  N N   . ASN A 1 53  ? -6.566  -3.108  11.228  1.00 26.59 ? 54  ASN A N   1 
ATOM   394  C CA  . ASN A 1 53  ? -7.432  -4.184  11.723  1.00 27.86 ? 54  ASN A CA  1 
ATOM   395  C C   . ASN A 1 53  ? -6.624  -5.412  12.146  1.00 27.72 ? 54  ASN A C   1 
ATOM   396  O O   . ASN A 1 53  ? -7.213  -6.437  12.466  1.00 29.05 ? 54  ASN A O   1 
ATOM   397  C CB  . ASN A 1 53  ? -8.426  -4.678  10.648  1.00 30.36 ? 54  ASN A CB  1 
ATOM   398  C CG  . ASN A 1 53  ? -9.654  -3.780  10.480  1.00 33.44 ? 54  ASN A CG  1 
ATOM   399  O OD1 . ASN A 1 53  ? -10.142 -3.167  11.433  1.00 34.86 ? 54  ASN A OD1 1 
ATOM   400  N ND2 . ASN A 1 53  ? -10.179 -3.732  9.257   1.00 32.95 ? 54  ASN A ND2 1 
ATOM   401  N N   . LEU A 1 54  ? -5.298  -5.344  12.125  1.00 26.93 ? 55  LEU A N   1 
ATOM   402  C CA  . LEU A 1 54  ? -4.494  -6.510  12.506  1.00 27.21 ? 55  LEU A CA  1 
ATOM   403  C C   . LEU A 1 54  ? -3.505  -6.119  13.601  1.00 26.74 ? 55  LEU A C   1 
ATOM   404  O O   . LEU A 1 54  ? -2.298  -6.155  13.381  1.00 25.95 ? 55  LEU A O   1 
ATOM   405  C CB  . LEU A 1 54  ? -3.731  -7.036  11.287  1.00 26.03 ? 55  LEU A CB  1 
ATOM   406  C CG  . LEU A 1 54  ? -4.562  -7.114  10.007  1.00 25.71 ? 55  LEU A CG  1 
ATOM   407  C CD1 . LEU A 1 54  ? -3.664  -7.383  8.817   1.00 25.79 ? 55  LEU A CD1 1 
ATOM   408  C CD2 . LEU A 1 54  ? -5.610  -8.190  10.166  1.00 26.02 ? 55  LEU A CD2 1 
ATOM   409  N N   . PRO A 1 55  ? -4.004  -5.787  14.808  1.00 27.33 ? 56  PRO A N   1 
ATOM   410  C CA  . PRO A 1 55  ? -3.155  -5.365  15.937  1.00 28.03 ? 56  PRO A CA  1 
ATOM   411  C C   . PRO A 1 55  ? -2.054  -6.294  16.494  1.00 28.19 ? 56  PRO A C   1 
ATOM   412  O O   . PRO A 1 55  ? -1.008  -5.803  16.920  1.00 27.26 ? 56  PRO A O   1 
ATOM   413  C CB  . PRO A 1 55  ? -4.175  -4.946  17.017  1.00 27.58 ? 56  PRO A CB  1 
ATOM   414  C CG  . PRO A 1 55  ? -5.519  -4.824  16.261  1.00 27.58 ? 56  PRO A CG  1 
ATOM   415  C CD  . PRO A 1 55  ? -5.411  -5.917  15.235  1.00 26.75 ? 56  PRO A CD  1 
ATOM   416  N N   . ASP A 1 56  ? -2.256  -7.616  16.524  1.00 29.07 ? 59  ASP A N   1 
ATOM   417  C CA  . ASP A 1 56  ? -1.191  -8.493  17.032  1.00 29.91 ? 59  ASP A CA  1 
ATOM   418  C C   . ASP A 1 56  ? -0.468  -9.214  15.869  1.00 28.78 ? 59  ASP A C   1 
ATOM   419  O O   . ASP A 1 56  ? 0.009   -10.353 16.004  1.00 30.47 ? 59  ASP A O   1 
ATOM   420  C CB  . ASP A 1 56  ? -1.746  -9.525  18.037  1.00 33.03 ? 59  ASP A CB  1 
ATOM   421  C CG  . ASP A 1 56  ? -2.584  -8.897  19.165  1.00 35.07 ? 59  ASP A CG  1 
ATOM   422  O OD1 . ASP A 1 56  ? -3.467  -9.611  19.709  1.00 37.91 ? 59  ASP A OD1 1 
ATOM   423  O OD2 . ASP A 1 56  ? -2.357  -7.713  19.514  1.00 34.96 ? 59  ASP A OD2 1 
ATOM   424  N N   . CYS A 1 57  ? -0.426  -8.536  14.719  1.00 26.10 ? 61  CYS A N   1 
ATOM   425  C CA  . CYS A 1 57  ? 0.245   -9.006  13.508  1.00 24.55 ? 61  CYS A CA  1 
ATOM   426  C C   . CYS A 1 57  ? 1.324   -7.942  13.258  1.00 23.86 ? 61  CYS A C   1 
ATOM   427  O O   . CYS A 1 57  ? 1.194   -6.811  13.714  1.00 23.06 ? 61  CYS A O   1 
ATOM   428  C CB  . CYS A 1 57  ? -0.709  -9.037  12.301  1.00 22.33 ? 61  CYS A CB  1 
ATOM   429  S SG  . CYS A 1 57  ? -2.036  -10.291 12.272  1.00 23.01 ? 61  CYS A SG  1 
ATOM   430  N N   . ASN A 1 58  ? 2.376   -8.298  12.527  1.00 24.23 ? 67  ASN A N   1 
ATOM   431  C CA  . ASN A 1 58  ? 3.472   -7.372  12.239  1.00 24.60 ? 67  ASN A CA  1 
ATOM   432  C C   . ASN A 1 58  ? 3.653   -7.362  10.712  1.00 25.42 ? 67  ASN A C   1 
ATOM   433  O O   . ASN A 1 58  ? 4.550   -8.021  10.173  1.00 24.86 ? 67  ASN A O   1 
ATOM   434  C CB  . ASN A 1 58  ? 4.735   -7.862  12.954  1.00 24.01 ? 67  ASN A CB  1 
ATOM   435  C CG  . ASN A 1 58  ? 4.549   -7.954  14.461  1.00 25.15 ? 67  ASN A CG  1 
ATOM   436  O OD1 . ASN A 1 58  ? 4.867   -7.019  15.195  1.00 24.85 ? 67  ASN A OD1 1 
ATOM   437  N ND2 . ASN A 1 58  ? 4.014   -9.079  14.925  1.00 21.73 ? 67  ASN A ND2 1 
ATOM   438  N N   . PRO A 1 59  ? 2.805   -6.593  10.003  1.00 26.45 ? 68  PRO A N   1 
ATOM   439  C CA  . PRO A 1 59  ? 2.763   -6.435  8.540   1.00 27.19 ? 68  PRO A CA  1 
ATOM   440  C C   . PRO A 1 59  ? 4.073   -6.112  7.833   1.00 28.02 ? 68  PRO A C   1 
ATOM   441  O O   . PRO A 1 59  ? 4.347   -6.644  6.760   1.00 27.46 ? 68  PRO A O   1 
ATOM   442  C CB  . PRO A 1 59  ? 1.746   -5.310  8.327   1.00 26.79 ? 68  PRO A CB  1 
ATOM   443  C CG  . PRO A 1 59  ? 0.982   -5.239  9.620   1.00 27.32 ? 68  PRO A CG  1 
ATOM   444  C CD  . PRO A 1 59  ? 2.023   -5.525  10.650  1.00 26.40 ? 68  PRO A CD  1 
ATOM   445  N N   . LYS A 1 60  ? 4.871   -5.228  8.425   1.00 29.08 ? 69  LYS A N   1 
ATOM   446  C CA  . LYS A 1 60  ? 6.134   -4.814  7.822   1.00 29.72 ? 69  LYS A CA  1 
ATOM   447  C C   . LYS A 1 60  ? 7.247   -5.850  7.860   1.00 28.96 ? 69  LYS A C   1 
ATOM   448  O O   . LYS A 1 60  ? 8.107   -5.865  6.983   1.00 29.26 ? 69  LYS A O   1 
ATOM   449  C CB  . LYS A 1 60  ? 6.640   -3.534  8.493   1.00 31.08 ? 69  LYS A CB  1 
ATOM   450  C CG  . LYS A 1 60  ? 5.700   -2.362  8.357   1.00 33.61 ? 69  LYS A CG  1 
ATOM   451  C CD  . LYS A 1 60  ? 6.292   -1.105  8.966   1.00 39.64 ? 69  LYS A CD  1 
ATOM   452  C CE  . LYS A 1 60  ? 5.373   0.092   8.733   1.00 41.25 ? 69  LYS A CE  1 
ATOM   453  N NZ  . LYS A 1 60  ? 6.051   1.373   9.093   1.00 43.95 ? 69  LYS A NZ  1 
ATOM   454  N N   . SER A 1 61  ? 7.234   -6.718  8.865   1.00 27.17 ? 70  SER A N   1 
ATOM   455  C CA  . SER A 1 61  ? 8.289   -7.717  8.996   1.00 26.33 ? 70  SER A CA  1 
ATOM   456  C C   . SER A 1 61  ? 7.872   -9.173  8.798   1.00 26.05 ? 70  SER A C   1 
ATOM   457  O O   . SER A 1 61  ? 8.723   -10.041 8.585   1.00 26.55 ? 70  SER A O   1 
ATOM   458  C CB  . SER A 1 61  ? 8.957   -7.570  10.361  1.00 27.00 ? 70  SER A CB  1 
ATOM   459  O OG  . SER A 1 61  ? 8.003   -7.601  11.412  1.00 28.55 ? 70  SER A OG  1 
ATOM   460  N N   . ASP A 1 62  ? 6.574   -9.457  8.872   1.00 24.84 ? 71  ASP A N   1 
ATOM   461  C CA  . ASP A 1 62  ? 6.121   -10.833 8.709   1.00 22.98 ? 71  ASP A CA  1 
ATOM   462  C C   . ASP A 1 62  ? 5.969   -11.177 7.230   1.00 22.88 ? 71  ASP A C   1 
ATOM   463  O O   . ASP A 1 62  ? 5.087   -10.662 6.556   1.00 23.77 ? 71  ASP A O   1 
ATOM   464  C CB  . ASP A 1 62  ? 4.794   -11.056 9.452   1.00 21.03 ? 71  ASP A CB  1 
ATOM   465  C CG  . ASP A 1 62  ? 4.410   -12.531 9.540   1.00 18.80 ? 71  ASP A CG  1 
ATOM   466  O OD1 . ASP A 1 62  ? 5.180   -13.377 9.035   1.00 18.59 ? 71  ASP A OD1 1 
ATOM   467  O OD2 . ASP A 1 62  ? 3.345   -12.842 10.118  1.00 18.27 ? 71  ASP A OD2 1 
ATOM   468  N N   . ARG A 1 63  ? 6.830   -12.059 6.738   1.00 22.79 ? 72  ARG A N   1 
ATOM   469  C CA  . ARG A 1 63  ? 6.811   -12.460 5.337   1.00 23.42 ? 72  ARG A CA  1 
ATOM   470  C C   . ARG A 1 63  ? 5.740   -13.501 4.984   1.00 22.55 ? 72  ARG A C   1 
ATOM   471  O O   . ARG A 1 63  ? 5.443   -14.394 5.769   1.00 22.53 ? 72  ARG A O   1 
ATOM   472  C CB  . ARG A 1 63  ? 8.208   -12.977 4.955   1.00 25.24 ? 72  ARG A CB  1 
ATOM   473  C CG  . ARG A 1 63  ? 9.298   -11.901 5.085   1.00 29.11 ? 72  ARG A CG  1 
ATOM   474  C CD  . ARG A 1 63  ? 10.714  -12.407 4.802   1.00 32.09 ? 72  ARG A CD  1 
ATOM   475  N NE  . ARG A 1 63  ? 10.775  -13.237 3.603   1.00 37.29 ? 72  ARG A NE  1 
ATOM   476  C CZ  . ARG A 1 63  ? 11.898  -13.683 3.043   1.00 38.92 ? 72  ARG A CZ  1 
ATOM   477  N NH1 . ARG A 1 63  ? 13.080  -13.373 3.567   1.00 38.35 ? 72  ARG A NH1 1 
ATOM   478  N NH2 . ARG A 1 63  ? 11.834  -14.465 1.968   1.00 39.20 ? 72  ARG A NH2 1 
ATOM   479  N N   . TYR A 1 64  ? 5.145   -13.357 3.803   1.00 22.01 ? 73  TYR A N   1 
ATOM   480  C CA  . TYR A 1 64  ? 4.141   -14.303 3.320   1.00 21.29 ? 73  TYR A CA  1 
ATOM   481  C C   . TYR A 1 64  ? 4.516   -14.659 1.902   1.00 21.97 ? 73  TYR A C   1 
ATOM   482  O O   . TYR A 1 64  ? 5.416   -14.061 1.316   1.00 21.02 ? 73  TYR A O   1 
ATOM   483  C CB  . TYR A 1 64  ? 2.726   -13.706 3.331   1.00 19.78 ? 73  TYR A CB  1 
ATOM   484  C CG  . TYR A 1 64  ? 2.588   -12.417 2.565   1.00 16.90 ? 73  TYR A CG  1 
ATOM   485  C CD1 . TYR A 1 64  ? 2.450   -12.400 1.175   1.00 15.31 ? 73  TYR A CD1 1 
ATOM   486  C CD2 . TYR A 1 64  ? 2.621   -11.206 3.239   1.00 15.69 ? 73  TYR A CD2 1 
ATOM   487  C CE1 . TYR A 1 64  ? 2.349   -11.194 0.482   1.00 15.77 ? 73  TYR A CE1 1 
ATOM   488  C CE2 . TYR A 1 64  ? 2.524   -10.007 2.565   1.00 16.96 ? 73  TYR A CE2 1 
ATOM   489  C CZ  . TYR A 1 64  ? 2.388   -10.001 1.188   1.00 17.72 ? 73  TYR A CZ  1 
ATOM   490  O OH  . TYR A 1 64  ? 2.288   -8.795  0.536   1.00 16.81 ? 73  TYR A OH  1 
ATOM   491  N N   . LYS A 1 65  ? 3.817   -15.637 1.351   1.00 23.87 ? 74  LYS A N   1 
ATOM   492  C CA  . LYS A 1 65  ? 4.086   -16.082 0.001   1.00 26.00 ? 74  LYS A CA  1 
ATOM   493  C C   . LYS A 1 65  ? 2.826   -15.896 -0.829  1.00 26.34 ? 74  LYS A C   1 
ATOM   494  O O   . LYS A 1 65  ? 1.720   -16.036 -0.319  1.00 26.59 ? 74  LYS A O   1 
ATOM   495  C CB  . LYS A 1 65  ? 4.480   -17.565 0.006   1.00 27.80 ? 74  LYS A CB  1 
ATOM   496  C CG  . LYS A 1 65  ? 5.712   -17.930 0.835   1.00 30.01 ? 74  LYS A CG  1 
ATOM   497  C CD  . LYS A 1 65  ? 7.001   -17.525 0.134   1.00 34.22 ? 74  LYS A CD  1 
ATOM   498  C CE  . LYS A 1 65  ? 8.195   -18.237 0.745   1.00 35.17 ? 74  LYS A CE  1 
ATOM   499  N NZ  . LYS A 1 65  ? 8.024   -19.726 0.679   1.00 39.10 ? 74  LYS A NZ  1 
ATOM   500  N N   . TYR A 1 66  ? 2.997   -15.560 -2.103  1.00 27.27 ? 75  TYR A N   1 
ATOM   501  C CA  . TYR A 1 66  ? 1.868   -15.390 -3.011  1.00 28.17 ? 75  TYR A CA  1 
ATOM   502  C C   . TYR A 1 66  ? 2.354   -15.836 -4.378  1.00 28.68 ? 75  TYR A C   1 
ATOM   503  O O   . TYR A 1 66  ? 3.557   -15.828 -4.645  1.00 28.81 ? 75  TYR A O   1 
ATOM   504  C CB  . TYR A 1 66  ? 1.400   -13.924 -3.050  1.00 25.88 ? 75  TYR A CB  1 
ATOM   505  C CG  . TYR A 1 66  ? 2.333   -12.970 -3.757  1.00 22.87 ? 75  TYR A CG  1 
ATOM   506  C CD1 . TYR A 1 66  ? 2.149   -12.647 -5.106  1.00 21.83 ? 75  TYR A CD1 1 
ATOM   507  C CD2 . TYR A 1 66  ? 3.391   -12.376 -3.076  1.00 21.48 ? 75  TYR A CD2 1 
ATOM   508  C CE1 . TYR A 1 66  ? 2.996   -11.755 -5.750  1.00 18.44 ? 75  TYR A CE1 1 
ATOM   509  C CE2 . TYR A 1 66  ? 4.240   -11.494 -3.708  1.00 18.42 ? 75  TYR A CE2 1 
ATOM   510  C CZ  . TYR A 1 66  ? 4.034   -11.185 -5.045  1.00 18.34 ? 75  TYR A CZ  1 
ATOM   511  O OH  . TYR A 1 66  ? 4.865   -10.304 -5.691  1.00 18.11 ? 75  TYR A OH  1 
ATOM   512  N N   . LYS A 1 67  ? 1.429   -16.259 -5.229  1.00 29.28 ? 76  LYS A N   1 
ATOM   513  C CA  . LYS A 1 67  ? 1.790   -16.694 -6.567  1.00 30.44 ? 76  LYS A CA  1 
ATOM   514  C C   . LYS A 1 67  ? 0.928   -15.978 -7.598  1.00 30.92 ? 76  LYS A C   1 
ATOM   515  O O   . LYS A 1 67  ? -0.058  -15.327 -7.255  1.00 31.12 ? 76  LYS A O   1 
ATOM   516  C CB  . LYS A 1 67  ? 1.620   -18.207 -6.701  1.00 31.55 ? 76  LYS A CB  1 
ATOM   517  C CG  . LYS A 1 67  ? 0.246   -18.722 -6.328  1.00 34.17 ? 76  LYS A CG  1 
ATOM   518  C CD  . LYS A 1 67  ? 0.159   -20.203 -6.629  1.00 35.64 ? 76  LYS A CD  1 
ATOM   519  C CE  . LYS A 1 67  ? -1.210  -20.766 -6.310  1.00 35.50 ? 76  LYS A CE  1 
ATOM   520  N NZ  . LYS A 1 67  ? -1.342  -22.103 -6.942  1.00 37.18 ? 76  LYS A NZ  1 
ATOM   521  N N   . ARG A 1 68  ? 1.312   -16.085 -8.862  1.00 32.22 ? 77  ARG A N   1 
ATOM   522  C CA  . ARG A 1 68  ? 0.565   -15.446 -9.932  1.00 33.31 ? 77  ARG A CA  1 
ATOM   523  C C   . ARG A 1 68  ? -0.169  -16.510 -10.731 1.00 35.08 ? 77  ARG A C   1 
ATOM   524  O O   . ARG A 1 68  ? 0.446   -17.460 -11.204 1.00 35.47 ? 77  ARG A O   1 
ATOM   525  C CB  . ARG A 1 68  ? 1.509   -14.667 -10.862 1.00 31.33 ? 77  ARG A CB  1 
ATOM   526  C CG  . ARG A 1 68  ? 2.095   -13.374 -10.276 1.00 30.11 ? 77  ARG A CG  1 
ATOM   527  C CD  . ARG A 1 68  ? 1.207   -12.146 -10.543 1.00 27.55 ? 77  ARG A CD  1 
ATOM   528  N NE  . ARG A 1 68  ? 1.736   -10.939 -9.907  1.00 23.15 ? 77  ARG A NE  1 
ATOM   529  C CZ  . ARG A 1 68  ? 1.086   -9.779  -9.829  1.00 23.69 ? 77  ARG A CZ  1 
ATOM   530  N NH1 . ARG A 1 68  ? -0.129  -9.650  -10.350 1.00 21.77 ? 77  ARG A NH1 1 
ATOM   531  N NH2 . ARG A 1 68  ? 1.646   -8.747  -9.213  1.00 20.71 ? 77  ARG A NH2 1 
ATOM   532  N N   . VAL A 1 69  ? -1.484  -16.361 -10.842 1.00 37.49 ? 78  VAL A N   1 
ATOM   533  C CA  . VAL A 1 69  ? -2.303  -17.266 -11.612 1.00 40.29 ? 78  VAL A CA  1 
ATOM   534  C C   . VAL A 1 69  ? -2.615  -16.550 -12.921 1.00 42.07 ? 78  VAL A C   1 
ATOM   535  O O   . VAL A 1 69  ? -3.760  -16.211 -13.230 1.00 43.23 ? 78  VAL A O   1 
ATOM   536  C CB  . VAL A 1 69  ? -3.543  -17.747 -10.823 1.00 39.99 ? 78  VAL A CB  1 
ATOM   537  C CG1 . VAL A 1 69  ? -4.460  -18.573 -11.691 1.00 39.80 ? 78  VAL A CG1 1 
ATOM   538  C CG2 . VAL A 1 69  ? -3.101  -18.551 -9.604  1.00 38.79 ? 78  VAL A CG2 1 
ATOM   539  N N   . ASN A 1 70  ? -1.526  -16.315 -13.662 1.00 44.46 ? 79  ASN A N   1 
ATOM   540  C CA  . ASN A 1 70  ? -1.493  -15.667 -14.990 1.00 45.65 ? 79  ASN A CA  1 
ATOM   541  C C   . ASN A 1 70  ? -1.595  -14.142 -14.990 1.00 44.93 ? 79  ASN A C   1 
ATOM   542  O O   . ASN A 1 70  ? -1.531  -13.483 -16.031 1.00 47.83 ? 79  ASN A O   1 
ATOM   543  C CB  . ASN A 1 70  ? -2.672  -16.159 -15.820 1.00 48.05 ? 79  ASN A CB  1 
ATOM   544  C CG  . ASN A 1 70  ? -2.266  -17.175 -16.845 1.00 50.87 ? 79  ASN A CG  1 
ATOM   545  O OD1 . ASN A 1 70  ? -1.111  -17.630 -16.885 1.00 52.40 ? 79  ASN A OD1 1 
ATOM   546  N ND2 . ASN A 1 70  ? -3.215  -17.549 -17.699 1.00 52.51 ? 79  ASN A ND2 1 
ATOM   547  N N   . GLY A 1 71  ? -1.746  -13.584 -13.833 1.00 42.45 ? 80  GLY A N   1 
ATOM   548  C CA  . GLY A 1 71  ? -1.886  -12.158 -13.706 1.00 38.62 ? 80  GLY A CA  1 
ATOM   549  C C   . GLY A 1 71  ? -2.546  -11.907 -12.366 1.00 35.27 ? 80  GLY A C   1 
ATOM   550  O O   . GLY A 1 71  ? -2.340  -10.872 -11.743 1.00 34.57 ? 80  GLY A O   1 
ATOM   551  N N   . ALA A 1 72  ? -3.336  -12.881 -11.913 1.00 31.99 ? 81  ALA A N   1 
ATOM   552  C CA  . ALA A 1 72  ? -4.036  -12.780 -10.627 1.00 30.46 ? 81  ALA A CA  1 
ATOM   553  C C   . ALA A 1 72  ? -3.092  -13.081 -9.445  1.00 28.36 ? 81  ALA A C   1 
ATOM   554  O O   . ALA A 1 72  ? -2.221  -13.933 -9.560  1.00 27.26 ? 81  ALA A O   1 
ATOM   555  C CB  . ALA A 1 72  ? -5.231  -13.730 -10.616 1.00 30.45 ? 81  ALA A CB  1 
ATOM   556  N N   . ILE A 1 73  ? -3.266  -12.361 -8.330  1.00 26.55 ? 82  ILE A N   1 
ATOM   557  C CA  . ILE A 1 73  ? -2.437  -12.467 -7.117  1.00 25.21 ? 82  ILE A CA  1 
ATOM   558  C C   . ILE A 1 73  ? -3.116  -13.379 -6.122  1.00 25.85 ? 82  ILE A C   1 
ATOM   559  O O   . ILE A 1 73  ? -4.102  -13.028 -5.468  1.00 28.78 ? 82  ILE A O   1 
ATOM   560  C CB  . ILE A 1 73  ? -2.248  -11.075 -6.442  1.00 23.31 ? 82  ILE A CB  1 
ATOM   561  C CG1 . ILE A 1 73  ? -1.709  -10.042 -7.443  1.00 21.66 ? 82  ILE A CG1 1 
ATOM   562  C CG2 . ILE A 1 73  ? -1.313  -11.178 -5.260  1.00 21.34 ? 82  ILE A CG2 1 
ATOM   563  C CD1 . ILE A 1 73  ? -1.391  -8.705  -6.802  1.00 21.64 ? 82  ILE A CD1 1 
ATOM   564  N N   . VAL A 1 74  ? -2.571  -14.580 -5.995  1.00 25.84 ? 83  VAL A N   1 
ATOM   565  C CA  . VAL A 1 74  ? -3.158  -15.541 -5.108  1.00 25.97 ? 83  VAL A CA  1 
ATOM   566  C C   . VAL A 1 74  ? -2.295  -15.701 -3.859  1.00 25.45 ? 83  VAL A C   1 
ATOM   567  O O   . VAL A 1 74  ? -1.156  -16.148 -3.932  1.00 27.01 ? 83  VAL A O   1 
ATOM   568  C CB  . VAL A 1 74  ? -3.321  -16.876 -5.873  1.00 26.25 ? 83  VAL A CB  1 
ATOM   569  C CG1 . VAL A 1 74  ? -4.167  -17.843 -5.069  1.00 26.83 ? 83  VAL A CG1 1 
ATOM   570  C CG2 . VAL A 1 74  ? -3.956  -16.614 -7.239  1.00 24.55 ? 83  VAL A CG2 1 
ATOM   571  N N   . CYS A 1 75  ? -2.846  -15.322 -2.709  1.00 25.04 ? 84  CYS A N   1 
ATOM   572  C CA  . CYS A 1 75  ? -2.103  -15.423 -1.458  1.00 24.22 ? 84  CYS A CA  1 
ATOM   573  C C   . CYS A 1 75  ? -1.934  -16.880 -1.038  1.00 24.84 ? 84  CYS A C   1 
ATOM   574  O O   . CYS A 1 75  ? -2.899  -17.636 -0.994  1.00 25.92 ? 84  CYS A O   1 
ATOM   575  C CB  . CYS A 1 75  ? -2.814  -14.635 -0.350  1.00 21.61 ? 84  CYS A CB  1 
ATOM   576  S SG  . CYS A 1 75  ? -2.913  -12.850 -0.615  1.00 20.09 ? 84  CYS A SG  1 
ATOM   577  N N   . GLU A 1 76  ? -0.707  -17.280 -0.728  1.00 26.32 ? 85  GLU A N   1 
ATOM   578  C CA  . GLU A 1 76  ? -0.471  -18.656 -0.321  1.00 28.74 ? 85  GLU A CA  1 
ATOM   579  C C   . GLU A 1 76  ? -0.867  -18.863 1.146   1.00 27.55 ? 85  GLU A C   1 
ATOM   580  O O   . GLU A 1 76  ? -0.874  -17.929 1.946   1.00 25.99 ? 85  GLU A O   1 
ATOM   581  C CB  . GLU A 1 76  ? 1.002   -19.027 -0.530  1.00 31.45 ? 85  GLU A CB  1 
ATOM   582  C CG  . GLU A 1 76  ? 1.213   -20.470 -0.958  1.00 37.28 ? 85  GLU A CG  1 
ATOM   583  C CD  . GLU A 1 76  ? 1.278   -20.639 -2.472  1.00 41.29 ? 85  GLU A CD  1 
ATOM   584  O OE1 . GLU A 1 76  ? 2.367   -20.429 -3.058  1.00 43.96 ? 85  GLU A OE1 1 
ATOM   585  O OE2 . GLU A 1 76  ? 0.239   -20.977 -3.079  1.00 43.92 ? 85  GLU A OE2 1 
ATOM   586  N N   . LYS A 1 77  ? -1.211  -20.095 1.491   1.00 26.69 ? 86  LYS A N   1 
ATOM   587  C CA  . LYS A 1 77  ? -1.593  -20.429 2.850   1.00 27.27 ? 86  LYS A CA  1 
ATOM   588  C C   . LYS A 1 77  ? -0.386  -20.267 3.781   1.00 25.15 ? 86  LYS A C   1 
ATOM   589  O O   . LYS A 1 77  ? 0.708   -20.774 3.501   1.00 27.01 ? 86  LYS A O   1 
ATOM   590  C CB  . LYS A 1 77  ? -2.115  -21.872 2.867   1.00 30.42 ? 86  LYS A CB  1 
ATOM   591  C CG  . LYS A 1 77  ? -2.648  -22.367 4.202   1.00 33.96 ? 86  LYS A CG  1 
ATOM   592  C CD  . LYS A 1 77  ? -3.513  -23.612 4.042   1.00 36.61 ? 86  LYS A CD  1 
ATOM   593  C CE  . LYS A 1 77  ? -3.589  -24.356 5.362   1.00 38.98 ? 86  LYS A CE  1 
ATOM   594  N NZ  . LYS A 1 77  ? -3.981  -23.490 6.505   1.00 39.73 ? 86  LYS A NZ  1 
ATOM   595  N N   . GLY A 1 78  ? -0.577  -19.552 4.883   1.00 22.62 ? 88  GLY A N   1 
ATOM   596  C CA  . GLY A 1 78  ? 0.492   -19.335 5.844   1.00 20.47 ? 88  GLY A CA  1 
ATOM   597  C C   . GLY A 1 78  ? -0.117  -19.211 7.230   1.00 19.58 ? 88  GLY A C   1 
ATOM   598  O O   . GLY A 1 78  ? -1.077  -19.909 7.523   1.00 18.55 ? 88  GLY A O   1 
ATOM   599  N N   . THR A 1 79  ? 0.412   -18.359 8.104   1.00 19.98 ? 89  THR A N   1 
ATOM   600  C CA  . THR A 1 79  ? -0.225  -18.231 9.419   1.00 19.52 ? 89  THR A CA  1 
ATOM   601  C C   . THR A 1 79  ? -1.451  -17.347 9.193   1.00 20.00 ? 89  THR A C   1 
ATOM   602  O O   . THR A 1 79  ? -1.591  -16.740 8.130   1.00 19.49 ? 89  THR A O   1 
ATOM   603  C CB  . THR A 1 79  ? 0.708   -17.585 10.474  1.00 18.02 ? 89  THR A CB  1 
ATOM   604  O OG1 . THR A 1 79  ? 1.052   -16.254 10.078  1.00 18.46 ? 89  THR A OG1 1 
ATOM   605  C CG2 . THR A 1 79  ? 1.968   -18.411 10.634  1.00 17.49 ? 89  THR A CG2 1 
ATOM   606  N N   . SER A 1 80  ? -2.358  -17.282 10.157  1.00 18.80 ? 90  SER A N   1 
ATOM   607  C CA  . SER A 1 80  ? -3.538  -16.454 9.974   1.00 20.98 ? 90  SER A CA  1 
ATOM   608  C C   . SER A 1 80  ? -3.155  -14.979 9.752   1.00 21.12 ? 90  SER A C   1 
ATOM   609  O O   . SER A 1 80  ? -3.806  -14.278 8.980   1.00 21.75 ? 90  SER A O   1 
ATOM   610  C CB  . SER A 1 80  ? -4.456  -16.624 11.175  1.00 20.27 ? 90  SER A CB  1 
ATOM   611  O OG  . SER A 1 80  ? -5.119  -15.420 11.474  1.00 25.43 ? 90  SER A OG  1 
ATOM   612  N N   . CYS A 1 81  ? -2.101  -14.504 10.416  1.00 20.83 ? 91  CYS A N   1 
ATOM   613  C CA  . CYS A 1 81  ? -1.653  -13.114 10.218  1.00 21.18 ? 91  CYS A CA  1 
ATOM   614  C C   . CYS A 1 81  ? -1.097  -12.895 8.794   1.00 20.92 ? 91  CYS A C   1 
ATOM   615  O O   . CYS A 1 81  ? -1.381  -11.881 8.163   1.00 21.37 ? 91  CYS A O   1 
ATOM   616  C CB  . CYS A 1 81  ? -0.564  -12.719 11.236  1.00 21.12 ? 91  CYS A CB  1 
ATOM   617  S SG  . CYS A 1 81  ? -1.123  -12.020 12.825  1.00 22.42 ? 91  CYS A SG  1 
ATOM   618  N N   . GLU A 1 82  ? -0.306  -13.840 8.290   1.00 20.41 ? 92  GLU A N   1 
ATOM   619  C CA  . GLU A 1 82  ? 0.279   -13.734 6.952   1.00 20.13 ? 92  GLU A CA  1 
ATOM   620  C C   . GLU A 1 82  ? -0.773  -13.673 5.840   1.00 20.38 ? 92  GLU A C   1 
ATOM   621  O O   . GLU A 1 82  ? -0.642  -12.894 4.893   1.00 20.33 ? 92  GLU A O   1 
ATOM   622  C CB  . GLU A 1 82  ? 1.254   -14.899 6.736   1.00 19.20 ? 92  GLU A CB  1 
ATOM   623  C CG  . GLU A 1 82  ? 2.553   -14.695 7.489   1.00 19.03 ? 92  GLU A CG  1 
ATOM   624  C CD  . GLU A 1 82  ? 3.313   -15.968 7.788   1.00 18.66 ? 92  GLU A CD  1 
ATOM   625  O OE1 . GLU A 1 82  ? 2.921   -17.052 7.309   1.00 18.76 ? 92  GLU A OE1 1 
ATOM   626  O OE2 . GLU A 1 82  ? 4.320   -15.866 8.521   1.00 18.74 ? 92  GLU A OE2 1 
ATOM   627  N N   . ASN A 1 83  ? -1.814  -14.494 5.966   1.00 19.97 ? 93  ASN A N   1 
ATOM   628  C CA  . ASN A 1 83  ? -2.909  -14.533 5.001   1.00 20.78 ? 93  ASN A CA  1 
ATOM   629  C C   . ASN A 1 83  ? -3.573  -13.164 4.944   1.00 21.00 ? 93  ASN A C   1 
ATOM   630  O O   . ASN A 1 83  ? -3.763  -12.597 3.873   1.00 20.43 ? 93  ASN A O   1 
ATOM   631  C CB  . ASN A 1 83  ? -3.970  -15.554 5.427   1.00 22.57 ? 93  ASN A CB  1 
ATOM   632  C CG  . ASN A 1 83  ? -3.502  -16.982 5.295   1.00 24.62 ? 93  ASN A CG  1 
ATOM   633  O OD1 . ASN A 1 83  ? -2.360  -17.250 4.933   1.00 25.13 ? 93  ASN A OD1 1 
ATOM   634  N ND2 . ASN A 1 83  ? -4.393  -17.916 5.588   1.00 29.62 ? 93  ASN A ND2 1 
ATOM   635  N N   . ARG A 1 84  ? -3.923  -12.633 6.111   1.00 21.38 ? 94  ARG A N   1 
ATOM   636  C CA  . ARG A 1 84  ? -4.592  -11.339 6.180   1.00 22.02 ? 94  ARG A CA  1 
ATOM   637  C C   . ARG A 1 84  ? -3.722  -10.142 5.764   1.00 21.58 ? 94  ARG A C   1 
ATOM   638  O O   . ARG A 1 84  ? -4.229  -9.165  5.218   1.00 21.98 ? 94  ARG A O   1 
ATOM   639  C CB  . ARG A 1 84  ? -5.160  -11.139 7.585   1.00 22.25 ? 94  ARG A CB  1 
ATOM   640  C CG  . ARG A 1 84  ? -6.187  -12.204 7.987   1.00 24.02 ? 94  ARG A CG  1 
ATOM   641  C CD  . ARG A 1 84  ? -6.337  -12.250 9.494   1.00 25.83 ? 94  ARG A CD  1 
ATOM   642  N NE  . ARG A 1 84  ? -7.236  -11.215 9.979   1.00 28.44 ? 94  ARG A NE  1 
ATOM   643  C CZ  . ARG A 1 84  ? -7.302  -10.820 11.245  1.00 29.83 ? 94  ARG A CZ  1 
ATOM   644  N NH1 . ARG A 1 84  ? -6.510  -11.367 12.159  1.00 29.19 ? 94  ARG A NH1 1 
ATOM   645  N NH2 . ARG A 1 84  ? -8.177  -9.885  11.600  1.00 29.60 ? 94  ARG A NH2 1 
ATOM   646  N N   . ILE A 1 85  ? -2.422  -10.204 6.029   1.00 21.64 ? 95  ILE A N   1 
ATOM   647  C CA  . ILE A 1 85  ? -1.532  -9.124  5.607   1.00 21.10 ? 95  ILE A CA  1 
ATOM   648  C C   . ILE A 1 85  ? -1.441  -9.194  4.080   1.00 20.41 ? 95  ILE A C   1 
ATOM   649  O O   . ILE A 1 85  ? -1.466  -8.169  3.400   1.00 19.43 ? 95  ILE A O   1 
ATOM   650  C CB  . ILE A 1 85  ? -0.105  -9.270  6.206   1.00 20.93 ? 95  ILE A CB  1 
ATOM   651  C CG1 . ILE A 1 85  ? 0.059   -8.335  7.401   1.00 25.37 ? 95  ILE A CG1 1 
ATOM   652  C CG2 . ILE A 1 85  ? 0.952   -8.975  5.146   1.00 21.75 ? 95  ILE A CG2 1 
ATOM   653  C CD1 . ILE A 1 85  ? -0.009  -9.035  8.736   1.00 23.26 ? 95  ILE A CD1 1 
ATOM   654  N N   . CYS A 1 86  ? -1.333  -10.402 3.537   1.00 18.72 ? 96  CYS A N   1 
ATOM   655  C CA  . CYS A 1 86  ? -1.257  -10.551 2.090   1.00 18.86 ? 96  CYS A CA  1 
ATOM   656  C C   . CYS A 1 86  ? -2.496  -9.971  1.373   1.00 19.31 ? 96  CYS A C   1 
ATOM   657  O O   . CYS A 1 86  ? -2.360  -9.365  0.309   1.00 19.19 ? 96  CYS A O   1 
ATOM   658  C CB  . CYS A 1 86  ? -1.086  -12.020 1.716   1.00 19.06 ? 96  CYS A CB  1 
ATOM   659  S SG  . CYS A 1 86  ? -0.979  -12.298 -0.061  1.00 18.66 ? 96  CYS A SG  1 
ATOM   660  N N   . GLU A 1 87  ? -3.693  -10.149 1.936   1.00 19.07 ? 97  GLU A N   1 
ATOM   661  C CA  . GLU A 1 87  ? -4.910  -9.607  1.302   1.00 20.86 ? 97  GLU A CA  1 
ATOM   662  C C   . GLU A 1 87  ? -4.960  -8.067  1.373   1.00 20.62 ? 97  GLU A C   1 
ATOM   663  O O   . GLU A 1 87  ? -5.554  -7.424  0.508   1.00 20.51 ? 97  GLU A O   1 
ATOM   664  C CB  . GLU A 1 87  ? -6.185  -10.183 1.950   1.00 21.97 ? 97  GLU A CB  1 
ATOM   665  C CG  . GLU A 1 87  ? -6.454  -11.692 1.735   1.00 22.66 ? 97  GLU A CG  1 
ATOM   666  C CD  . GLU A 1 87  ? -6.807  -12.061 0.301   1.00 24.24 ? 97  GLU A CD  1 
ATOM   667  O OE1 . GLU A 1 87  ? -7.458  -11.251 -0.392  1.00 24.83 ? 97  GLU A OE1 1 
ATOM   668  O OE2 . GLU A 1 87  ? -6.445  -13.181 -0.126  1.00 26.85 ? 97  GLU A OE2 1 
ATOM   669  N N   . CYS A 1 88  ? -4.364  -7.471  2.404   1.00 19.77 ? 98  CYS A N   1 
ATOM   670  C CA  . CYS A 1 88  ? -4.353  -6.010  2.495   1.00 19.56 ? 98  CYS A CA  1 
ATOM   671  C C   . CYS A 1 88  ? -3.433  -5.424  1.417   1.00 19.81 ? 98  CYS A C   1 
ATOM   672  O O   . CYS A 1 88  ? -3.741  -4.380  0.826   1.00 21.37 ? 98  CYS A O   1 
ATOM   673  C CB  . CYS A 1 88  ? -3.860  -5.545  3.866   1.00 18.04 ? 98  CYS A CB  1 
ATOM   674  S SG  . CYS A 1 88  ? -5.007  -5.784  5.253   1.00 19.11 ? 98  CYS A SG  1 
ATOM   675  N N   . ASP A 1 89  ? -2.308  -6.103  1.180   1.00 18.06 ? 99  ASP A N   1 
ATOM   676  C CA  . ASP A 1 89  ? -1.303  -5.701  0.192   1.00 16.28 ? 99  ASP A CA  1 
ATOM   677  C C   . ASP A 1 89  ? -1.756  -5.918  -1.259  1.00 16.12 ? 99  ASP A C   1 
ATOM   678  O O   . ASP A 1 89  ? -1.530  -5.065  -2.121  1.00 14.98 ? 99  ASP A O   1 
ATOM   679  C CB  . ASP A 1 89  ? -0.006  -6.475  0.441   1.00 15.05 ? 99  ASP A CB  1 
ATOM   680  C CG  . ASP A 1 89  ? 0.710   -6.028  1.694   1.00 15.45 ? 99  ASP A CG  1 
ATOM   681  O OD1 . ASP A 1 89  ? 0.211   -5.115  2.397   1.00 17.37 ? 99  ASP A OD1 1 
ATOM   682  O OD2 . ASP A 1 89  ? 1.787   -6.597  1.963   1.00 16.80 ? 99  ASP A OD2 1 
ATOM   683  N N   . LYS A 1 90  ? -2.366  -7.070  -1.527  1.00 15.95 ? 100 LYS A N   1 
ATOM   684  C CA  . LYS A 1 90  ? -2.874  -7.401  -2.855  1.00 17.24 ? 100 LYS A CA  1 
ATOM   685  C C   . LYS A 1 90  ? -3.910  -6.345  -3.237  1.00 17.83 ? 100 LYS A C   1 
ATOM   686  O O   . LYS A 1 90  ? -3.927  -5.856  -4.370  1.00 18.31 ? 100 LYS A O   1 
ATOM   687  C CB  . LYS A 1 90  ? -3.519  -8.790  -2.818  1.00 17.17 ? 100 LYS A CB  1 
ATOM   688  C CG  . LYS A 1 90  ? -4.456  -9.116  -3.969  1.00 19.62 ? 100 LYS A CG  1 
ATOM   689  C CD  . LYS A 1 90  ? -5.249  -10.392 -3.687  1.00 20.08 ? 100 LYS A CD  1 
ATOM   690  C CE  . LYS A 1 90  ? -5.967  -10.859 -4.945  1.00 22.76 ? 100 LYS A CE  1 
ATOM   691  N NZ  . LYS A 1 90  ? -6.841  -12.052 -4.732  1.00 25.54 ? 100 LYS A NZ  1 
ATOM   692  N N   . ALA A 1 91  ? -4.769  -5.991  -2.282  1.00 16.70 ? 101 ALA A N   1 
ATOM   693  C CA  . ALA A 1 91  ? -5.801  -4.988  -2.517  1.00 16.50 ? 101 ALA A CA  1 
ATOM   694  C C   . ALA A 1 91  ? -5.165  -3.650  -2.866  1.00 16.68 ? 101 ALA A C   1 
ATOM   695  O O   . ALA A 1 91  ? -5.608  -2.975  -3.792  1.00 16.38 ? 101 ALA A O   1 
ATOM   696  C CB  . ALA A 1 91  ? -6.682  -4.842  -1.292  1.00 15.27 ? 101 ALA A CB  1 
ATOM   697  N N   . ALA A 1 92  ? -4.128  -3.262  -2.126  1.00 16.59 ? 102 ALA A N   1 
ATOM   698  C CA  . ALA A 1 92  ? -3.454  -1.996  -2.402  1.00 17.82 ? 102 ALA A CA  1 
ATOM   699  C C   . ALA A 1 92  ? -2.800  -2.021  -3.793  1.00 17.31 ? 102 ALA A C   1 
ATOM   700  O O   . ALA A 1 92  ? -2.932  -1.073  -4.550  1.00 15.71 ? 102 ALA A O   1 
ATOM   701  C CB  . ALA A 1 92  ? -2.402  -1.697  -1.319  1.00 15.76 ? 102 ALA A CB  1 
ATOM   702  N N   . ALA A 1 93  ? -2.101  -3.098  -4.133  1.00 18.36 ? 103 ALA A N   1 
ATOM   703  C CA  . ALA A 1 93  ? -1.449  -3.191  -5.444  1.00 18.64 ? 103 ALA A CA  1 
ATOM   704  C C   . ALA A 1 93  ? -2.463  -3.064  -6.579  1.00 19.19 ? 103 ALA A C   1 
ATOM   705  O O   . ALA A 1 93  ? -2.214  -2.384  -7.594  1.00 18.16 ? 103 ALA A O   1 
ATOM   706  C CB  . ALA A 1 93  ? -0.704  -4.500  -5.562  1.00 17.95 ? 103 ALA A CB  1 
ATOM   707  N N   . ILE A 1 94  ? -3.599  -3.735  -6.429  1.00 19.71 ? 104 ILE A N   1 
ATOM   708  C CA  . ILE A 1 94  ? -4.624  -3.631  -7.446  1.00 19.98 ? 104 ILE A CA  1 
ATOM   709  C C   . ILE A 1 94  ? -5.144  -2.187  -7.445  1.00 19.68 ? 104 ILE A C   1 
ATOM   710  O O   . ILE A 1 94  ? -5.225  -1.587  -8.506  1.00 20.42 ? 104 ILE A O   1 
ATOM   711  C CB  . ILE A 1 94  ? -5.787  -4.655  -7.228  1.00 20.82 ? 104 ILE A CB  1 
ATOM   712  C CG1 . ILE A 1 94  ? -5.408  -5.997  -7.864  1.00 21.89 ? 104 ILE A CG1 1 
ATOM   713  C CG2 . ILE A 1 94  ? -7.081  -4.132  -7.846  1.00 20.40 ? 104 ILE A CG2 1 
ATOM   714  C CD1 . ILE A 1 94  ? -5.750  -7.186  -6.993  1.00 25.18 ? 104 ILE A CD1 1 
ATOM   715  N N   . CYS A 1 95  ? -5.462  -1.611  -6.283  1.00 19.56 ? 105 CYS A N   1 
ATOM   716  C CA  . CYS A 1 95  ? -5.943  -0.222  -6.234  1.00 19.65 ? 105 CYS A CA  1 
ATOM   717  C C   . CYS A 1 95  ? -4.983  0.774   -6.932  1.00 21.22 ? 105 CYS A C   1 
ATOM   718  O O   . CYS A 1 95  ? -5.439  1.687   -7.631  1.00 21.35 ? 105 CYS A O   1 
ATOM   719  C CB  . CYS A 1 95  ? -6.166  0.205   -4.783  1.00 18.03 ? 105 CYS A CB  1 
ATOM   720  S SG  . CYS A 1 95  ? -6.944  1.821   -4.540  1.00 19.51 ? 105 CYS A SG  1 
ATOM   721  N N   . PHE A 1 96  ? -3.670  0.594   -6.754  1.00 21.68 ? 106 PHE A N   1 
ATOM   722  C CA  . PHE A 1 96  ? -2.663  1.471   -7.376  1.00 22.87 ? 106 PHE A CA  1 
ATOM   723  C C   . PHE A 1 96  ? -2.705  1.329   -8.893  1.00 24.31 ? 106 PHE A C   1 
ATOM   724  O O   . PHE A 1 96  ? -2.617  2.317   -9.623  1.00 24.48 ? 106 PHE A O   1 
ATOM   725  C CB  . PHE A 1 96  ? -1.231  1.121   -6.925  1.00 22.05 ? 106 PHE A CB  1 
ATOM   726  C CG  . PHE A 1 96  ? -0.903  1.508   -5.508  1.00 21.30 ? 106 PHE A CG  1 
ATOM   727  C CD1 . PHE A 1 96  ? -1.475  2.635   -4.921  1.00 20.77 ? 106 PHE A CD1 1 
ATOM   728  C CD2 . PHE A 1 96  ? 0.014   0.758   -4.771  1.00 21.76 ? 106 PHE A CD2 1 
ATOM   729  C CE1 . PHE A 1 96  ? -1.123  3.023   -3.625  1.00 22.21 ? 106 PHE A CE1 1 
ATOM   730  C CE2 . PHE A 1 96  ? 0.377   1.133   -3.476  1.00 22.56 ? 106 PHE A CE2 1 
ATOM   731  C CZ  . PHE A 1 96  ? -0.200  2.266   -2.897  1.00 22.24 ? 106 PHE A CZ  1 
ATOM   732  N N   . ARG A 1 97  ? -2.800  0.087   -9.354  1.00 25.09 ? 107 ARG A N   1 
ATOM   733  C CA  . ARG A 1 97  ? -2.858  -0.203  -10.778 1.00 26.57 ? 107 ARG A CA  1 
ATOM   734  C C   . ARG A 1 97  ? -4.108  0.434   -11.370 1.00 26.85 ? 107 ARG A C   1 
ATOM   735  O O   . ARG A 1 97  ? -4.067  1.023   -12.451 1.00 27.48 ? 107 ARG A O   1 
ATOM   736  C CB  . ARG A 1 97  ? -2.889  -1.719  -11.002 1.00 26.84 ? 107 ARG A CB  1 
ATOM   737  C CG  . ARG A 1 97  ? -3.182  -2.137  -12.431 1.00 27.65 ? 107 ARG A CG  1 
ATOM   738  C CD  . ARG A 1 97  ? -2.179  -1.546  -13.414 1.00 29.17 ? 107 ARG A CD  1 
ATOM   739  N NE  . ARG A 1 97  ? -2.420  -2.046  -14.763 1.00 31.04 ? 107 ARG A NE  1 
ATOM   740  C CZ  . ARG A 1 97  ? -2.989  -1.345  -15.739 1.00 31.31 ? 107 ARG A CZ  1 
ATOM   741  N NH1 . ARG A 1 97  ? -3.172  -1.904  -16.930 1.00 32.87 ? 107 ARG A NH1 1 
ATOM   742  N NH2 . ARG A 1 97  ? -3.354  -0.086  -15.532 1.00 29.34 ? 107 ARG A NH2 1 
ATOM   743  N N   . GLN A 1 98  ? -5.216  0.322   -10.644 1.00 27.29 ? 108 GLN A N   1 
ATOM   744  C CA  . GLN A 1 98  ? -6.495  0.866   -11.085 1.00 27.85 ? 108 GLN A CA  1 
ATOM   745  C C   . GLN A 1 98  ? -6.472  2.381   -11.229 1.00 27.85 ? 108 GLN A C   1 
ATOM   746  O O   . GLN A 1 98  ? -7.246  2.949   -11.997 1.00 27.36 ? 108 GLN A O   1 
ATOM   747  C CB  . GLN A 1 98  ? -7.607  0.451   -10.109 1.00 29.16 ? 108 GLN A CB  1 
ATOM   748  C CG  . GLN A 1 98  ? -9.017  0.864   -10.532 1.00 33.18 ? 108 GLN A CG  1 
ATOM   749  C CD  . GLN A 1 98  ? -10.088 -0.146  -10.117 1.00 35.27 ? 108 GLN A CD  1 
ATOM   750  O OE1 . GLN A 1 98  ? -10.927 -0.544  -10.932 1.00 37.71 ? 108 GLN A OE1 1 
ATOM   751  N NE2 . GLN A 1 98  ? -10.065 -0.562  -8.851  1.00 34.66 ? 108 GLN A NE2 1 
ATOM   752  N N   . ASN A 1 99  ? -5.563  3.033   -10.517 1.00 27.72 ? 109 ASN A N   1 
ATOM   753  C CA  . ASN A 1 99  ? -5.483  4.483   -10.557 1.00 27.34 ? 109 ASN A CA  1 
ATOM   754  C C   . ASN A 1 99  ? -4.179  5.058   -11.109 1.00 28.48 ? 109 ASN A C   1 
ATOM   755  O O   . ASN A 1 99  ? -3.811  6.192   -10.787 1.00 28.09 ? 109 ASN A O   1 
ATOM   756  C CB  . ASN A 1 99  ? -5.758  5.009   -9.153  1.00 25.83 ? 109 ASN A CB  1 
ATOM   757  C CG  . ASN A 1 99  ? -7.171  4.699   -8.698  1.00 25.89 ? 109 ASN A CG  1 
ATOM   758  O OD1 . ASN A 1 99  ? -8.137  5.234   -9.246  1.00 24.26 ? 109 ASN A OD1 1 
ATOM   759  N ND2 . ASN A 1 99  ? -7.304  3.821   -7.704  1.00 24.60 ? 109 ASN A ND2 1 
ATOM   760  N N   . LEU A 1 100 ? -3.493  4.277   -11.944 1.00 29.44 ? 110 LEU A N   1 
ATOM   761  C CA  . LEU A 1 100 ? -2.237  4.714   -12.546 1.00 30.24 ? 110 LEU A CA  1 
ATOM   762  C C   . LEU A 1 100 ? -2.422  5.953   -13.406 1.00 30.98 ? 110 LEU A C   1 
ATOM   763  O O   . LEU A 1 100 ? -1.563  6.831   -13.418 1.00 31.90 ? 110 LEU A O   1 
ATOM   764  C CB  . LEU A 1 100 ? -1.620  3.606   -13.407 1.00 29.46 ? 110 LEU A CB  1 
ATOM   765  C CG  . LEU A 1 100 ? -0.476  2.810   -12.772 1.00 29.04 ? 110 LEU A CG  1 
ATOM   766  C CD1 . LEU A 1 100 ? 0.191   1.941   -13.833 1.00 27.23 ? 110 LEU A CD1 1 
ATOM   767  C CD2 . LEU A 1 100 ? 0.549   3.770   -12.167 1.00 28.62 ? 110 LEU A CD2 1 
ATOM   768  N N   . ASN A 1 101 ? -3.542  6.023   -14.122 1.00 31.30 ? 111 ASN A N   1 
ATOM   769  C CA  . ASN A 1 101 ? -3.822  7.159   -14.994 1.00 32.36 ? 111 ASN A CA  1 
ATOM   770  C C   . ASN A 1 101 ? -3.937  8.505   -14.263 1.00 32.04 ? 111 ASN A C   1 
ATOM   771  O O   . ASN A 1 101 ? -3.740  9.552   -14.880 1.00 33.58 ? 111 ASN A O   1 
ATOM   772  C CB  . ASN A 1 101 ? -5.092  6.895   -15.814 1.00 33.30 ? 111 ASN A CB  1 
ATOM   773  C CG  . ASN A 1 101 ? -4.925  5.744   -16.805 1.00 34.94 ? 111 ASN A CG  1 
ATOM   774  O OD1 . ASN A 1 101 ? -5.896  5.092   -17.186 1.00 34.78 ? 111 ASN A OD1 1 
ATOM   775  N ND2 . ASN A 1 101 ? -3.692  5.500   -17.232 1.00 37.62 ? 111 ASN A ND2 1 
ATOM   776  N N   . THR A 1 102 ? -4.250  8.496   -12.966 1.00 30.71 ? 112 THR A N   1 
ATOM   777  C CA  . THR A 1 102 ? -4.355  9.758   -12.228 1.00 29.46 ? 112 THR A CA  1 
ATOM   778  C C   . THR A 1 102 ? -3.176  9.992   -11.282 1.00 29.99 ? 112 THR A C   1 
ATOM   779  O O   . THR A 1 102 ? -3.159  10.966  -10.527 1.00 28.93 ? 112 THR A O   1 
ATOM   780  C CB  . THR A 1 102 ? -5.686  9.874   -11.419 1.00 28.75 ? 112 THR A CB  1 
ATOM   781  O OG1 . THR A 1 102 ? -5.796  8.796   -10.476 1.00 29.00 ? 112 THR A OG1 1 
ATOM   782  C CG2 . THR A 1 102 ? -6.877  9.893   -12.369 1.00 28.87 ? 112 THR A CG2 1 
ATOM   783  N N   . TYR A 1 103 ? -2.184  9.108   -11.325 1.00 30.56 ? 113 TYR A N   1 
ATOM   784  C CA  . TYR A 1 103 ? -1.010  9.261   -10.469 1.00 31.93 ? 113 TYR A CA  1 
ATOM   785  C C   . TYR A 1 103 ? -0.360  10.593  -10.827 1.00 33.93 ? 113 TYR A C   1 
ATOM   786  O O   . TYR A 1 103 ? -0.077  10.861  -11.997 1.00 34.94 ? 113 TYR A O   1 
ATOM   787  C CB  . TYR A 1 103 ? -0.028  8.101   -10.688 1.00 29.43 ? 113 TYR A CB  1 
ATOM   788  C CG  . TYR A 1 103 ? 1.245   8.209   -9.876  1.00 28.72 ? 113 TYR A CG  1 
ATOM   789  C CD1 . TYR A 1 103 ? 2.283   9.048   -10.283 1.00 27.47 ? 113 TYR A CD1 1 
ATOM   790  C CD2 . TYR A 1 103 ? 1.401   7.495   -8.686  1.00 28.28 ? 113 TYR A CD2 1 
ATOM   791  C CE1 . TYR A 1 103 ? 3.447   9.178   -9.524  1.00 28.35 ? 113 TYR A CE1 1 
ATOM   792  C CE2 . TYR A 1 103 ? 2.562   7.616   -7.914  1.00 28.12 ? 113 TYR A CE2 1 
ATOM   793  C CZ  . TYR A 1 103 ? 3.581   8.460   -8.341  1.00 28.52 ? 113 TYR A CZ  1 
ATOM   794  O OH  . TYR A 1 103 ? 4.725   8.588   -7.583  1.00 28.27 ? 113 TYR A OH  1 
ATOM   795  N N   . SER A 1 104 ? -0.122  11.424  -9.813  1.00 35.82 ? 114 SER A N   1 
ATOM   796  C CA  . SER A 1 104 ? 0.459   12.745  -10.031 1.00 36.79 ? 114 SER A CA  1 
ATOM   797  C C   . SER A 1 104 ? 1.760   13.010  -9.270  1.00 36.96 ? 114 SER A C   1 
ATOM   798  O O   . SER A 1 104 ? 1.799   12.936  -8.042  1.00 36.70 ? 114 SER A O   1 
ATOM   799  C CB  . SER A 1 104 ? -0.572  13.808  -9.656  1.00 37.50 ? 114 SER A CB  1 
ATOM   800  O OG  . SER A 1 104 ? -0.399  14.981  -10.427 1.00 40.60 ? 114 SER A OG  1 
ATOM   801  N N   . LYS A 1 105 ? 2.818   13.338  -10.010 1.00 37.96 ? 115 LYS A N   1 
ATOM   802  C CA  . LYS A 1 105 ? 4.124   13.626  -9.418  1.00 38.43 ? 115 LYS A CA  1 
ATOM   803  C C   . LYS A 1 105 ? 4.096   14.822  -8.470  1.00 37.81 ? 115 LYS A C   1 
ATOM   804  O O   . LYS A 1 105 ? 4.938   14.934  -7.582  1.00 37.13 ? 115 LYS A O   1 
ATOM   805  C CB  . LYS A 1 105 ? 5.169   13.879  -10.514 1.00 40.23 ? 115 LYS A CB  1 
ATOM   806  C CG  . LYS A 1 105 ? 5.613   12.622  -11.244 1.00 43.11 ? 115 LYS A CG  1 
ATOM   807  C CD  . LYS A 1 105 ? 6.629   12.919  -12.337 1.00 44.60 ? 115 LYS A CD  1 
ATOM   808  C CE  . LYS A 1 105 ? 7.141   11.621  -12.959 1.00 47.33 ? 115 LYS A CE  1 
ATOM   809  N NZ  . LYS A 1 105 ? 8.281   11.848  -13.897 1.00 48.93 ? 115 LYS A NZ  1 
ATOM   810  N N   . LYS A 1 106 ? 3.130   15.715  -8.638  1.00 37.34 ? 116 LYS A N   1 
ATOM   811  C CA  . LYS A 1 106 ? 3.086   16.867  -7.757  1.00 37.75 ? 116 LYS A CA  1 
ATOM   812  C C   . LYS A 1 106 ? 2.747   16.496  -6.311  1.00 37.32 ? 116 LYS A C   1 
ATOM   813  O O   . LYS A 1 106 ? 2.819   17.345  -5.427  1.00 37.29 ? 116 LYS A O   1 
ATOM   814  C CB  . LYS A 1 106 ? 2.117   17.934  -8.290  1.00 38.88 ? 116 LYS A CB  1 
ATOM   815  C CG  . LYS A 1 106 ? 0.645   17.772  -7.945  1.00 40.48 ? 116 LYS A CG  1 
ATOM   816  C CD  . LYS A 1 106 ? -0.045  19.133  -8.053  1.00 42.39 ? 116 LYS A CD  1 
ATOM   817  C CE  . LYS A 1 106 ? -1.564  19.038  -7.996  1.00 44.07 ? 116 LYS A CE  1 
ATOM   818  N NZ  . LYS A 1 106 ? -2.166  18.618  -9.298  1.00 46.71 ? 116 LYS A NZ  1 
ATOM   819  N N   . TYR A 1 107 ? 2.392   15.231  -6.075  1.00 36.48 ? 117 TYR A N   1 
ATOM   820  C CA  . TYR A 1 107 ? 2.067   14.750  -4.727  1.00 35.21 ? 117 TYR A CA  1 
ATOM   821  C C   . TYR A 1 107 ? 3.218   13.973  -4.068  1.00 34.56 ? 117 TYR A C   1 
ATOM   822  O O   . TYR A 1 107 ? 3.090   13.520  -2.929  1.00 34.04 ? 117 TYR A O   1 
ATOM   823  C CB  . TYR A 1 107 ? 0.797   13.886  -4.748  1.00 34.75 ? 117 TYR A CB  1 
ATOM   824  C CG  . TYR A 1 107 ? -0.472  14.681  -4.968  1.00 35.50 ? 117 TYR A CG  1 
ATOM   825  C CD1 . TYR A 1 107 ? -0.770  15.782  -4.166  1.00 35.72 ? 117 TYR A CD1 1 
ATOM   826  C CD2 . TYR A 1 107 ? -1.368  14.344  -5.986  1.00 35.96 ? 117 TYR A CD2 1 
ATOM   827  C CE1 . TYR A 1 107 ? -1.923  16.532  -4.371  1.00 36.05 ? 117 TYR A CE1 1 
ATOM   828  C CE2 . TYR A 1 107 ? -2.530  15.093  -6.202  1.00 35.71 ? 117 TYR A CE2 1 
ATOM   829  C CZ  . TYR A 1 107 ? -2.795  16.183  -5.389  1.00 36.21 ? 117 TYR A CZ  1 
ATOM   830  O OH  . TYR A 1 107 ? -3.926  16.934  -5.597  1.00 37.23 ? 117 TYR A OH  1 
ATOM   831  N N   . MET A 1 108 ? 4.330   13.813  -4.786  1.00 33.83 ? 118 MET A N   1 
ATOM   832  C CA  . MET A 1 108 ? 5.515   13.125  -4.260  1.00 33.87 ? 118 MET A CA  1 
ATOM   833  C C   . MET A 1 108 ? 6.212   14.095  -3.295  1.00 33.19 ? 118 MET A C   1 
ATOM   834  O O   . MET A 1 108 ? 6.341   15.275  -3.606  1.00 34.00 ? 118 MET A O   1 
ATOM   835  C CB  . MET A 1 108 ? 6.474   12.759  -5.409  1.00 34.58 ? 118 MET A CB  1 
ATOM   836  C CG  . MET A 1 108 ? 6.383   11.312  -5.903  1.00 37.32 ? 118 MET A CG  1 
ATOM   837  S SD  . MET A 1 108 ? 7.334   10.972  -7.415  1.00 39.44 ? 118 MET A SD  1 
ATOM   838  C CE  . MET A 1 108 ? 8.970   10.824  -6.773  1.00 37.83 ? 118 MET A CE  1 
ATOM   839  N N   . LEU A 1 109 ? 6.655   13.610  -2.134  1.00 32.32 ? 119 LEU A N   1 
ATOM   840  C CA  . LEU A 1 109 ? 7.326   14.461  -1.133  1.00 32.00 ? 119 LEU A CA  1 
ATOM   841  C C   . LEU A 1 109 ? 6.433   15.600  -0.652  1.00 30.92 ? 119 LEU A C   1 
ATOM   842  O O   . LEU A 1 109 ? 6.917   16.680  -0.311  1.00 30.76 ? 119 LEU A O   1 
ATOM   843  C CB  . LEU A 1 109 ? 8.610   15.078  -1.698  1.00 33.08 ? 119 LEU A CB  1 
ATOM   844  C CG  . LEU A 1 109 ? 9.653   14.154  -2.319  1.00 33.92 ? 119 LEU A CG  1 
ATOM   845  C CD1 . LEU A 1 109 ? 10.792  15.006  -2.844  1.00 34.87 ? 119 LEU A CD1 1 
ATOM   846  C CD2 . LEU A 1 109 ? 10.158  13.144  -1.294  1.00 34.50 ? 119 LEU A CD2 1 
ATOM   847  N N   . TYR A 1 110 ? 5.133   15.336  -0.631  1.00 29.34 ? 120 TYR A N   1 
ATOM   848  C CA  . TYR A 1 110 ? 4.111   16.291  -0.214  1.00 27.95 ? 120 TYR A CA  1 
ATOM   849  C C   . TYR A 1 110 ? 4.330   16.780  1.222   1.00 26.07 ? 120 TYR A C   1 
ATOM   850  O O   . TYR A 1 110 ? 4.498   15.983  2.142   1.00 25.97 ? 120 TYR A O   1 
ATOM   851  C CB  . TYR A 1 110 ? 2.748   15.606  -0.341  1.00 26.39 ? 120 TYR A CB  1 
ATOM   852  C CG  . TYR A 1 110 ? 1.567   16.529  -0.399  1.00 25.50 ? 120 TYR A CG  1 
ATOM   853  C CD1 . TYR A 1 110 ? 1.316   17.303  -1.530  1.00 26.30 ? 120 TYR A CD1 1 
ATOM   854  C CD2 . TYR A 1 110 ? 0.677   16.607  0.669   1.00 24.04 ? 120 TYR A CD2 1 
ATOM   855  C CE1 . TYR A 1 110 ? 0.199   18.131  -1.597  1.00 25.78 ? 120 TYR A CE1 1 
ATOM   856  C CE2 . TYR A 1 110 ? -0.437  17.425  0.615   1.00 25.16 ? 120 TYR A CE2 1 
ATOM   857  C CZ  . TYR A 1 110 ? -0.673  18.184  -0.521  1.00 26.17 ? 120 TYR A CZ  1 
ATOM   858  O OH  . TYR A 1 110 ? -1.796  18.975  -0.584  1.00 28.84 ? 120 TYR A OH  1 
ATOM   859  N N   . PRO A 1 111 ? 4.330   18.102  1.433   1.00 26.04 ? 121 PRO A N   1 
ATOM   860  C CA  . PRO A 1 111 ? 4.533   18.641  2.787   1.00 25.58 ? 121 PRO A CA  1 
ATOM   861  C C   . PRO A 1 111 ? 3.436   18.189  3.770   1.00 24.98 ? 121 PRO A C   1 
ATOM   862  O O   . PRO A 1 111 ? 2.271   18.070  3.384   1.00 25.11 ? 121 PRO A O   1 
ATOM   863  C CB  . PRO A 1 111 ? 4.486   20.156  2.576   1.00 24.57 ? 121 PRO A CB  1 
ATOM   864  C CG  . PRO A 1 111 ? 4.741   20.352  1.116   1.00 25.11 ? 121 PRO A CG  1 
ATOM   865  C CD  . PRO A 1 111 ? 4.066   19.182  0.468   1.00 25.31 ? 121 PRO A CD  1 
ATOM   866  N N   . ASP A 1 112 ? 3.812   17.979  5.035   1.00 24.87 ? 122 ASP A N   1 
ATOM   867  C CA  . ASP A 1 112 ? 2.901   17.549  6.109   1.00 25.84 ? 122 ASP A CA  1 
ATOM   868  C C   . ASP A 1 112 ? 1.796   18.544  6.496   1.00 26.91 ? 122 ASP A C   1 
ATOM   869  O O   . ASP A 1 112 ? 0.664   18.131  6.772   1.00 25.53 ? 122 ASP A O   1 
ATOM   870  C CB  . ASP A 1 112 ? 3.715   17.180  7.363   1.00 26.36 ? 122 ASP A CB  1 
ATOM   871  C CG  . ASP A 1 112 ? 2.839   16.854  8.577   1.00 26.48 ? 122 ASP A CG  1 
ATOM   872  O OD1 . ASP A 1 112 ? 2.176   17.758  9.140   1.00 27.78 ? 122 ASP A OD1 1 
ATOM   873  O OD2 . ASP A 1 112 ? 2.829   15.673  8.968   1.00 28.35 ? 122 ASP A OD2 1 
ATOM   874  N N   . PHE A 1 113 ? 2.102   19.846  6.507   1.00 27.89 ? 124 PHE A N   1 
ATOM   875  C CA  . PHE A 1 113 ? 1.105   20.852  6.883   1.00 28.23 ? 124 PHE A CA  1 
ATOM   876  C C   . PHE A 1 113 ? -0.077  20.971  5.930   1.00 28.89 ? 124 PHE A C   1 
ATOM   877  O O   . PHE A 1 113 ? -1.074  21.608  6.263   1.00 29.77 ? 124 PHE A O   1 
ATOM   878  C CB  . PHE A 1 113 ? 1.741   22.248  7.043   1.00 27.27 ? 124 PHE A CB  1 
ATOM   879  C CG  . PHE A 1 113 ? 2.021   22.948  5.734   1.00 27.62 ? 124 PHE A CG  1 
ATOM   880  C CD1 . PHE A 1 113 ? 2.950   22.426  4.844   1.00 27.50 ? 124 PHE A CD1 1 
ATOM   881  C CD2 . PHE A 1 113 ? 1.351   24.124  5.386   1.00 28.31 ? 124 PHE A CD2 1 
ATOM   882  C CE1 . PHE A 1 113 ? 3.204   23.043  3.621   1.00 28.29 ? 124 PHE A CE1 1 
ATOM   883  C CE2 . PHE A 1 113 ? 1.600   24.751  4.159   1.00 26.99 ? 124 PHE A CE2 1 
ATOM   884  C CZ  . PHE A 1 113 ? 2.533   24.209  3.278   1.00 28.34 ? 124 PHE A CZ  1 
ATOM   885  N N   . LEU A 1 114 ? 0.021   20.386  4.743   1.00 28.98 ? 125 LEU A N   1 
ATOM   886  C CA  . LEU A 1 114 ? -1.094  20.476  3.817   1.00 30.21 ? 125 LEU A CA  1 
ATOM   887  C C   . LEU A 1 114 ? -2.053  19.297  4.012   1.00 30.89 ? 125 LEU A C   1 
ATOM   888  O O   . LEU A 1 114 ? -3.081  19.209  3.345   1.00 30.86 ? 125 LEU A O   1 
ATOM   889  C CB  . LEU A 1 114 ? -0.587  20.551  2.372   1.00 29.35 ? 125 LEU A CB  1 
ATOM   890  C CG  . LEU A 1 114 ? 0.135   21.847  1.964   1.00 30.29 ? 125 LEU A CG  1 
ATOM   891  C CD1 . LEU A 1 114 ? 0.703   21.666  0.567   1.00 30.02 ? 125 LEU A CD1 1 
ATOM   892  C CD2 . LEU A 1 114 ? -0.818  23.040  2.009   1.00 28.38 ? 125 LEU A CD2 1 
ATOM   893  N N   . CYS A 1 115 ? -1.727  18.396  4.932   1.00 31.43 ? 126 CYS A N   1 
ATOM   894  C CA  . CYS A 1 115 ? -2.612  17.267  5.196   1.00 33.75 ? 126 CYS A CA  1 
ATOM   895  C C   . CYS A 1 115 ? -3.549  17.653  6.354   1.00 37.82 ? 126 CYS A C   1 
ATOM   896  O O   . CYS A 1 115 ? -3.230  17.466  7.541   1.00 38.48 ? 126 CYS A O   1 
ATOM   897  C CB  . CYS A 1 115 ? -1.785  16.007  5.495   1.00 30.04 ? 126 CYS A CB  1 
ATOM   898  S SG  . CYS A 1 115 ? -0.870  15.418  4.028   1.00 26.48 ? 126 CYS A SG  1 
ATOM   899  N N   . LYS A 1 116 ? -4.709  18.206  5.983   1.00 41.29 ? 127 LYS A N   1 
ATOM   900  C CA  . LYS A 1 116 ? -5.714  18.683  6.940   1.00 44.94 ? 127 LYS A CA  1 
ATOM   901  C C   . LYS A 1 116 ? -7.096  18.011  6.855   1.00 47.03 ? 127 LYS A C   1 
ATOM   902  O O   . LYS A 1 116 ? -7.488  17.471  5.814   1.00 47.09 ? 127 LYS A O   1 
ATOM   903  C CB  . LYS A 1 116 ? -5.908  20.192  6.762   1.00 45.46 ? 127 LYS A CB  1 
ATOM   904  C CG  . LYS A 1 116 ? -4.633  20.957  6.418   1.00 47.50 ? 127 LYS A CG  1 
ATOM   905  C CD  . LYS A 1 116 ? -4.939  22.149  5.500   1.00 48.34 ? 127 LYS A CD  1 
ATOM   906  C CE  . LYS A 1 116 ? -4.961  23.489  6.239   1.00 48.85 ? 127 LYS A CE  1 
ATOM   907  N NZ  . LYS A 1 116 ? -3.585  24.035  6.470   1.00 48.56 ? 127 LYS A NZ  1 
ATOM   908  N N   . GLY A 1 117 ? -7.841  18.083  7.956   1.00 48.78 ? 128 GLY A N   1 
ATOM   909  C CA  . GLY A 1 117 ? -9.170  17.494  8.000   1.00 50.38 ? 128 GLY A CA  1 
ATOM   910  C C   . GLY A 1 117 ? -9.152  16.126  8.647   1.00 51.39 ? 128 GLY A C   1 
ATOM   911  O O   . GLY A 1 117 ? -8.090  15.670  9.089   1.00 51.81 ? 128 GLY A O   1 
ATOM   912  N N   . GLU A 1 118 ? -10.295 15.457  8.712   1.00 52.19 ? 129 GLU A N   1 
ATOM   913  C CA  . GLU A 1 118 ? -10.325 14.138  9.324   1.00 52.38 ? 129 GLU A CA  1 
ATOM   914  C C   . GLU A 1 118 ? -11.116 13.068  8.589   1.00 51.63 ? 129 GLU A C   1 
ATOM   915  O O   . GLU A 1 118 ? -12.167 13.339  8.005   1.00 52.42 ? 129 GLU A O   1 
ATOM   916  C CB  . GLU A 1 118 ? -10.814 14.229  10.769  1.00 52.99 ? 129 GLU A CB  1 
ATOM   917  C CG  . GLU A 1 118 ? -9.673  14.195  11.790  1.00 55.54 ? 129 GLU A CG  1 
ATOM   918  C CD  . GLU A 1 118 ? -8.578  13.170  11.465  1.00 56.53 ? 129 GLU A CD  1 
ATOM   919  O OE1 . GLU A 1 118 ? -8.891  11.965  11.365  1.00 56.57 ? 129 GLU A OE1 1 
ATOM   920  O OE2 . GLU A 1 118 ? -7.399  13.581  11.326  1.00 56.93 ? 129 GLU A OE2 1 
ATOM   921  N N   . LEU A 1 119 ? -10.582 11.849  8.611   1.00 49.78 ? 130 LEU A N   1 
ATOM   922  C CA  . LEU A 1 119 ? -11.212 10.692  7.978   1.00 47.91 ? 130 LEU A CA  1 
ATOM   923  C C   . LEU A 1 119 ? -11.023 9.482   8.906   1.00 46.54 ? 130 LEU A C   1 
ATOM   924  O O   . LEU A 1 119 ? -9.894  9.069   9.174   1.00 46.17 ? 130 LEU A O   1 
ATOM   925  C CB  . LEU A 1 119 ? -10.562 10.385  6.618   1.00 47.78 ? 130 LEU A CB  1 
ATOM   926  C CG  . LEU A 1 119 ? -11.488 10.122  5.412   1.00 48.04 ? 130 LEU A CG  1 
ATOM   927  C CD1 . LEU A 1 119 ? -10.709 9.480   4.275   1.00 47.37 ? 130 LEU A CD1 1 
ATOM   928  C CD2 . LEU A 1 119 ? -12.648 9.220   5.818   1.00 47.76 ? 130 LEU A CD2 1 
ATOM   929  N N   . LYS A 1 120 ? -12.127 8.919   9.393   1.00 44.57 ? 131 LYS A N   1 
ATOM   930  C CA  . LYS A 1 120 ? -12.084 7.756   10.275  1.00 41.72 ? 131 LYS A CA  1 
ATOM   931  C C   . LYS A 1 120 ? -12.114 6.504   9.360   1.00 39.19 ? 131 LYS A C   1 
ATOM   932  O O   . LYS A 1 120 ? -12.612 6.568   8.224   1.00 38.05 ? 131 LYS A O   1 
ATOM   933  C CB  . LYS A 1 120 ? -13.303 7.814   11.227  1.00 42.37 ? 131 LYS A CB  1 
ATOM   934  C CG  . LYS A 1 120 ? -13.534 9.216   11.926  1.00 44.76 ? 131 LYS A CG  1 
ATOM   935  C CD  . LYS A 1 120 ? -14.838 9.311   12.762  1.00 45.53 ? 131 LYS A CD  1 
ATOM   936  C CE  . LYS A 1 120 ? -15.152 10.749  13.215  1.00 47.17 ? 131 LYS A CE  1 
ATOM   937  N NZ  . LYS A 1 120 ? -16.596 10.947  13.579  1.00 48.49 ? 131 LYS A NZ  1 
ATOM   938  N N   . CYS A 1 121 ? -11.571 5.371   9.820   1.00 36.74 ? 133 CYS A N   1 
ATOM   939  C CA  . CYS A 1 121 ? -11.554 4.142   9.005   1.00 34.81 ? 133 CYS A CA  1 
ATOM   940  C C   . CYS A 1 121 ? -12.882 3.385   9.038   1.00 35.39 ? 133 CYS A C   1 
ATOM   941  O O   . CYS A 1 121 ? -13.780 3.854   9.764   1.00 36.61 ? 133 CYS A O   1 
ATOM   942  C CB  . CYS A 1 121 ? -10.471 3.155   9.455   1.00 31.60 ? 133 CYS A CB  1 
ATOM   943  S SG  . CYS A 1 121 ? -8.722  3.551   9.170   1.00 26.42 ? 133 CYS A SG  1 
ATOM   944  O OXT . CYS A 1 121 ? -12.991 2.335   8.355   1.00 37.04 ? 133 CYS A OXT 1 
ATOM   945  N N   . ALA B 2 1   ? 11.218  -6.531  -3.679  0.50 58.63 ? 1   ALA P N   1 
ATOM   946  C CA  . ALA B 2 1   ? 11.781  -5.372  -4.421  0.50 58.66 ? 1   ALA P CA  1 
ATOM   947  C C   . ALA B 2 1   ? 11.825  -4.167  -3.495  0.50 58.87 ? 1   ALA P C   1 
ATOM   948  O O   . ALA B 2 1   ? 11.675  -4.380  -2.296  0.50 59.28 ? 1   ALA P O   1 
ATOM   949  C CB  . ALA B 2 1   ? 10.959  -5.127  -5.670  0.50 57.92 ? 1   ALA P CB  1 
ATOM   950  N N   . LEU B 2 2   ? 12.013  -2.915  -3.851  0.50 58.68 ? 2   LEU P N   1 
ATOM   951  C CA  . LEU B 2 2   ? 12.016  -2.345  -2.510  0.50 58.44 ? 2   LEU P CA  1 
ATOM   952  C C   . LEU B 2 2   ? 11.109  -1.193  -2.107  0.50 58.43 ? 2   LEU P C   1 
ATOM   953  O O   . LEU B 2 2   ? 10.901  -0.140  -2.689  0.50 58.37 ? 2   LEU P O   1 
ATOM   954  C CB  . LEU B 2 2   ? 13.464  -2.216  -2.018  0.50 58.10 ? 2   LEU P CB  1 
ATOM   955  C CG  . LEU B 2 2   ? 13.932  -3.292  -1.031  0.50 57.94 ? 2   LEU P CG  1 
ATOM   956  C CD1 . LEU B 2 2   ? 14.715  -4.371  -1.753  0.50 57.66 ? 2   LEU P CD1 1 
ATOM   957  C CD2 . LEU B 2 2   ? 14.775  -2.683  0.063   0.50 57.90 ? 2   LEU P CD2 1 
ATOM   958  N N   . VAL B 2 3   ? 10.546  -1.672  -0.980  0.50 58.27 ? 3   VAL P N   1 
ATOM   959  C CA  . VAL B 2 3   ? 9.726   -1.311  0.157   0.50 58.35 ? 3   VAL P CA  1 
ATOM   960  C C   . VAL B 2 3   ? 8.501   -0.444  0.414   0.50 59.03 ? 3   VAL P C   1 
ATOM   961  O O   . VAL B 2 3   ? 7.895   -0.726  1.465   0.50 59.49 ? 3   VAL P O   1 
ATOM   962  C CB  . VAL B 2 3   ? 10.794  -0.757  1.118   0.50 57.85 ? 3   VAL P CB  1 
ATOM   963  C CG1 . VAL B 2 3   ? 10.282  -0.672  2.542   0.50 57.49 ? 3   VAL P CG1 1 
ATOM   964  C CG2 . VAL B 2 3   ? 12.054  -1.606  1.066   0.50 57.23 ? 3   VAL P CG2 1 
ATOM   965  N N   . TYR B 2 4   ? 7.977   0.554   -0.303  0.50 59.73 ? 4   TYR P N   1 
ATOM   966  C CA  . TYR B 2 4   ? 7.126   1.119   0.634   0.50 59.99 ? 4   TYR P CA  1 
ATOM   967  C C   . TYR B 2 4   ? 5.732   1.398   0.266   0.50 60.88 ? 4   TYR P C   1 
ATOM   968  O O   . TYR B 2 4   ? 5.257   1.553   -0.858  0.50 61.26 ? 4   TYR P O   1 
ATOM   969  C CB  . TYR B 2 4   ? 7.913   2.302   1.281   0.50 59.48 ? 4   TYR P CB  1 
ATOM   970  C CG  . TYR B 2 4   ? 7.949   2.394   2.827   0.50 58.89 ? 4   TYR P CG  1 
ATOM   971  C CD1 . TYR B 2 4   ? 6.948   1.818   3.559   0.50 58.25 ? 4   TYR P CD1 1 
ATOM   972  C CD2 . TYR B 2 4   ? 8.951   3.123   3.489   0.50 58.48 ? 4   TYR P CD2 1 
ATOM   973  C CE1 . TYR B 2 4   ? 6.891   2.009   4.952   0.50 57.81 ? 4   TYR P CE1 1 
ATOM   974  C CE2 . TYR B 2 4   ? 8.881   3.347   4.853   0.50 57.98 ? 4   TYR P CE2 1 
ATOM   975  C CZ  . TYR B 2 4   ? 7.854   2.806   5.585   0.50 58.05 ? 4   TYR P CZ  1 
ATOM   976  O OH  . TYR B 2 4   ? 7.767   3.067   6.935   0.50 58.00 ? 4   TYR P OH  1 
ATOM   977  N N   . LYS B 2 5   ? 5.070   1.346   1.400   0.50 60.84 ? 5   LYS P N   1 
ATOM   978  C CA  . LYS B 2 5   ? 3.643   1.515   1.581   0.50 61.28 ? 5   LYS P CA  1 
ATOM   979  C C   . LYS B 2 5   ? 3.186   0.729   2.798   0.50 61.70 ? 5   LYS P C   1 
ATOM   980  O O   . LYS B 2 5   ? 3.868   0.720   3.823   0.50 62.43 ? 5   LYS P O   1 
ATOM   981  C CB  . LYS B 2 5   ? 2.881   1.094   0.356   0.50 60.15 ? 5   LYS P CB  1 
ATOM   982  C CG  . LYS B 2 5   ? 1.425   1.485   0.503   0.50 59.32 ? 5   LYS P CG  1 
ATOM   983  C CD  . LYS B 2 5   ? 1.230   2.430   1.671   0.50 58.12 ? 5   LYS P CD  1 
ATOM   984  C CE  . LYS B 2 5   ? 0.104   1.994   2.575   0.50 56.96 ? 5   LYS P CE  1 
ATOM   985  N NZ  . LYS B 2 5   ? -0.639  3.155   3.138   0.50 55.60 ? 5   LYS P NZ  1 
HETATM 986  S S   . SO4 C 3 .   ? 7.071   8.714   -10.462 1.00 99.99 ? 201 SO4 A S   1 
HETATM 987  O O1  . SO4 C 3 .   ? 6.412   7.837   -9.276  1.00 99.99 ? 201 SO4 A O1  1 
HETATM 988  O O2  . SO4 C 3 .   ? 6.739   7.916   -11.644 1.00 99.99 ? 201 SO4 A O2  1 
HETATM 989  O O3  . SO4 C 3 .   ? 6.586   9.941   -10.495 1.00 99.99 ? 201 SO4 A O3  1 
HETATM 990  O O4  . SO4 C 3 .   ? 8.502   8.594   -10.150 1.00 99.90 ? 201 SO4 A O4  1 
HETATM 991  O O   . HOH D 4 .   ? -2.244  -18.837 12.476  1.00 20.33 ? 202 HOH A O   1 
HETATM 992  O O   . HOH D 4 .   ? -4.234  9.056   -8.084  1.00 14.80 ? 203 HOH A O   1 
HETATM 993  O O   . HOH D 4 .   ? 3.517   -6.726  4.199   1.00 14.28 ? 204 HOH A O   1 
HETATM 994  O O   . HOH D 4 .   ? -5.705  -0.327  -0.572  1.00 9.73  ? 205 HOH A O   1 
HETATM 995  O O   . HOH D 4 .   ? -7.827  10.983  -8.477  1.00 26.69 ? 206 HOH A O   1 
HETATM 996  O O   . HOH D 4 .   ? 2.715   -14.826 11.654  1.00 14.16 ? 207 HOH A O   1 
HETATM 997  O O   . HOH D 4 .   ? 5.129   -16.548 11.478  1.00 20.10 ? 208 HOH A O   1 
HETATM 998  O O   . HOH D 4 .   ? -5.747  -2.303  1.197   1.00 19.85 ? 209 HOH A O   1 
HETATM 999  O O   . HOH D 4 .   ? -6.805  -8.899  5.669   1.00 18.01 ? 210 HOH A O   1 
HETATM 1000 O O   . HOH D 4 .   ? -9.615  2.641   -6.412  1.00 24.82 ? 211 HOH A O   1 
HETATM 1001 O O   . HOH D 4 .   ? 6.872   -4.816  -13.525 1.00 37.82 ? 212 HOH A O   1 
HETATM 1002 O O   . HOH D 4 .   ? -15.238 1.112   7.871   1.00 21.12 ? 213 HOH A O   1 
HETATM 1003 O O   . HOH D 4 .   ? 2.494   -11.327 14.983  1.00 17.63 ? 214 HOH A O   1 
HETATM 1004 O O   . HOH D 4 .   ? -1.319  4.702   -8.689  1.00 18.94 ? 215 HOH A O   1 
HETATM 1005 O O   . HOH D 4 .   ? -7.950  -6.222  1.314   1.00 17.64 ? 216 HOH A O   1 
HETATM 1006 O O   . HOH D 4 .   ? -7.040  6.512   -13.761 1.00 62.54 ? 217 HOH A O   1 
HETATM 1007 O O   . HOH D 4 .   ? -4.537  -8.856  14.866  1.00 24.27 ? 218 HOH A O   1 
HETATM 1008 O O   . HOH D 4 .   ? 2.379   -11.033 11.916  1.00 16.84 ? 219 HOH A O   1 
HETATM 1009 O O   . HOH D 4 .   ? -7.586  16.991  -0.021  1.00 42.63 ? 220 HOH A O   1 
HETATM 1010 O O   . HOH D 4 .   ? -7.531  -8.378  -1.311  1.00 26.69 ? 221 HOH A O   1 
HETATM 1011 O O   . HOH D 4 .   ? 4.446   -20.376 -4.710  1.00 55.89 ? 222 HOH A O   1 
HETATM 1012 O O   . HOH D 4 .   ? 2.002   -15.482 -15.018 1.00 51.56 ? 223 HOH A O   1 
HETATM 1013 O O   . HOH D 4 .   ? -5.433  -14.514 -2.652  1.00 26.98 ? 224 HOH A O   1 
HETATM 1014 O O   . HOH D 4 .   ? 8.398   -13.834 8.348   1.00 33.87 ? 225 HOH A O   1 
HETATM 1015 O O   . HOH D 4 .   ? -8.971  -11.715 -2.552  1.00 37.22 ? 226 HOH A O   1 
HETATM 1016 O O   . HOH D 4 .   ? -3.820  -16.942 2.453   1.00 39.49 ? 227 HOH A O   1 
HETATM 1017 O O   . HOH D 4 .   ? -0.757  -22.586 -0.219  1.00 45.61 ? 228 HOH A O   1 
HETATM 1018 O O   . HOH D 4 .   ? -5.220  -14.390 1.749   1.00 45.11 ? 229 HOH A O   1 
HETATM 1019 O O   . HOH D 4 .   ? -9.388  0.388   -6.136  1.00 20.04 ? 230 HOH A O   1 
HETATM 1020 O O   . HOH D 4 .   ? -8.817  4.692   -4.413  1.00 25.28 ? 231 HOH A O   1 
HETATM 1021 O O   . HOH D 4 .   ? -10.908 4.823   -8.610  1.00 55.46 ? 232 HOH A O   1 
HETATM 1022 O O   . HOH D 4 .   ? -7.998  7.097   -10.856 1.00 18.82 ? 233 HOH A O   1 
HETATM 1023 O O   . HOH D 4 .   ? -3.749  18.575  -11.612 1.00 81.21 ? 234 HOH A O   1 
HETATM 1024 O O   . HOH D 4 .   ? -11.601 9.431   0.822   1.00 35.29 ? 235 HOH A O   1 
HETATM 1025 O O   . HOH D 4 .   ? 9.287   8.488   14.546  1.00 54.65 ? 236 HOH A O   1 
HETATM 1026 O O   . HOH D 4 .   ? -4.231  13.038  -8.962  1.00 31.80 ? 237 HOH A O   1 
HETATM 1027 O O   . HOH D 4 .   ? -14.968 7.708   7.496   1.00 55.99 ? 238 HOH A O   1 
HETATM 1028 O O   . HOH D 4 .   ? -6.184  5.325   8.253   1.00 40.99 ? 239 HOH A O   1 
HETATM 1029 O O   . HOH D 4 .   ? -4.465  -12.856 12.403  1.00 27.15 ? 240 HOH A O   1 
HETATM 1030 O O   . HOH D 4 .   ? -11.006 -1.059  -13.519 1.00 72.64 ? 241 HOH A O   1 
HETATM 1031 O O   . HOH D 4 .   ? 2.801   20.160  -3.987  1.00 56.46 ? 242 HOH A O   1 
HETATM 1032 O O   . HOH D 4 .   ? -4.212  -20.575 7.687   1.00 85.11 ? 243 HOH A O   1 
HETATM 1033 O O   . HOH D 4 .   ? -10.711 6.429   -4.511  1.00 35.15 ? 244 HOH A O   1 
HETATM 1034 O O   . HOH D 4 .   ? -5.435  -20.348 -8.282  1.00 55.14 ? 245 HOH A O   1 
HETATM 1035 O O   . HOH D 4 .   ? -3.532  1.750   -17.417 1.00 43.24 ? 246 HOH A O   1 
HETATM 1036 O O   . HOH D 4 .   ? -0.451  -15.599 2.707   1.00 37.81 ? 247 HOH A O   1 
HETATM 1037 O O   . HOH D 4 .   ? 1.806   6.499   -14.033 1.00 59.11 ? 248 HOH A O   1 
HETATM 1038 O O   . HOH D 4 .   ? -3.801  -26.720 5.530   1.00 41.77 ? 249 HOH A O   1 
HETATM 1039 O O   . HOH D 4 .   ? -1.333  -15.305 13.035  1.00 31.67 ? 250 HOH A O   1 
HETATM 1040 O O   . HOH D 4 .   ? 11.486  -9.922  7.495   1.00 51.87 ? 251 HOH A O   1 
HETATM 1041 O O   . HOH D 4 .   ? -4.837  -5.622  -11.227 1.00 42.67 ? 252 HOH A O   1 
HETATM 1042 O O   . HOH D 4 .   ? -2.993  -22.167 9.304   1.00 58.83 ? 253 HOH A O   1 
HETATM 1043 O O   . HOH D 4 .   ? 0.372   -17.900 -14.396 1.00 54.12 ? 254 HOH A O   1 
HETATM 1044 O O   . HOH D 4 .   ? -8.318  -3.255  1.408   1.00 22.05 ? 255 HOH A O   1 
HETATM 1045 O O   . HOH D 4 .   ? -1.319  -12.717 16.602  1.00 34.31 ? 256 HOH A O   1 
HETATM 1046 O O   . HOH D 4 .   ? 0.608   -22.938 -4.865  1.00 54.10 ? 257 HOH A O   1 
HETATM 1047 O O   . HOH D 4 .   ? 1.123   -22.968 1.567   1.00 51.12 ? 258 HOH A O   1 
HETATM 1048 O O   . HOH D 4 .   ? -7.707  -18.834 -7.941  1.00 55.64 ? 259 HOH A O   1 
HETATM 1049 O O   . HOH D 4 .   ? 3.157   -15.512 -17.361 1.00 72.31 ? 260 HOH A O   1 
HETATM 1050 O O   . HOH D 4 .   ? -5.257  -10.102 -8.568  1.00 28.22 ? 261 HOH A O   1 
HETATM 1051 O O   . HOH D 4 .   ? -6.135  -17.065 7.747   1.00 58.91 ? 262 HOH A O   1 
HETATM 1052 O O   . HOH D 4 .   ? 5.668   -18.415 -3.627  1.00 56.90 ? 263 HOH A O   1 
HETATM 1053 O O   . HOH D 4 .   ? 2.082   -17.268 2.880   1.00 22.23 ? 264 HOH A O   1 
HETATM 1054 O O   . HOH D 4 .   ? -6.099  -15.715 -17.126 1.00 60.40 ? 265 HOH A O   1 
HETATM 1055 O O   . HOH D 4 .   ? -6.784  13.240  -9.190  1.00 41.32 ? 266 HOH A O   1 
HETATM 1056 O O   . HOH D 4 .   ? -0.023  15.711  -13.333 1.00 76.03 ? 267 HOH A O   1 
HETATM 1057 O O   . HOH D 4 .   ? -3.509  -8.796  -10.650 1.00 56.12 ? 268 HOH A O   1 
HETATM 1058 O O   . HOH D 4 .   ? -14.372 10.149  8.951   1.00 49.19 ? 269 HOH A O   1 
HETATM 1059 O O   . HOH D 4 .   ? -3.167  -23.468 -0.081  1.00 64.72 ? 270 HOH A O   1 
HETATM 1060 O O   . HOH D 4 .   ? 5.597   -13.020 -8.738  1.00 46.58 ? 271 HOH A O   1 
HETATM 1061 O O   . HOH D 4 .   ? 6.301   9.248   13.232  1.00 63.36 ? 272 HOH A O   1 
HETATM 1062 O O   . HOH D 4 .   ? 1.119   12.720  6.411   1.00 39.45 ? 273 HOH A O   1 
HETATM 1063 O O   . HOH D 4 .   ? 14.328  2.411   -5.077  1.00 58.66 ? 274 HOH A O   1 
HETATM 1064 O O   . HOH D 4 .   ? -1.384  15.657  8.565   1.00 73.18 ? 275 HOH A O   1 
HETATM 1065 O O   . HOH D 4 .   ? 5.548   -19.290 -6.910  1.00 51.83 ? 276 HOH A O   1 
HETATM 1066 O O   . HOH D 4 .   ? 0.704   5.465   5.670   1.00 32.90 ? 277 HOH A O   1 
HETATM 1067 O O   . HOH D 4 .   ? 2.932   6.919   11.777  1.00 66.77 ? 278 HOH A O   1 
HETATM 1068 O O   . HOH D 4 .   ? -1.788  1.345   10.212  1.00 38.91 ? 279 HOH A O   1 
HETATM 1069 O O   . HOH D 4 .   ? 10.525  -5.022  7.034   1.00 49.27 ? 280 HOH A O   1 
HETATM 1070 O O   . HOH D 4 .   ? 4.759   -3.520  15.159  1.00 57.22 ? 281 HOH A O   1 
HETATM 1071 O O   . HOH D 4 .   ? 0.516   13.292  15.611  1.00 54.50 ? 282 HOH A O   1 
HETATM 1072 O O   . HOH D 4 .   ? 7.084   1.003   11.947  1.00 65.19 ? 283 HOH A O   1 
HETATM 1073 O O   . HOH D 4 .   ? -12.423 2.055   -6.770  1.00 65.19 ? 284 HOH A O   1 
HETATM 1074 O O   . HOH D 4 .   ? -5.931  -17.136 -2.016  1.00 58.63 ? 285 HOH A O   1 
HETATM 1075 O O   . HOH D 4 .   ? 9.653   -1.905  -5.713  1.00 48.97 ? 286 HOH A O   1 
HETATM 1076 O O   . HOH D 4 .   ? -5.635  16.895  3.046   1.00 29.13 ? 287 HOH A O   1 
HETATM 1077 O O   . HOH D 4 .   ? -5.550  -18.898 0.338   1.00 73.00 ? 288 HOH A O   1 
HETATM 1078 O O   . HOH D 4 .   ? 1.082   20.743  -5.715  1.00 72.17 ? 289 HOH A O   1 
HETATM 1079 O O   . HOH D 4 .   ? 2.634   10.417  2.637   1.00 26.02 ? 290 HOH A O   1 
HETATM 1080 O O   . HOH D 4 .   ? 9.794   -1.632  -14.633 1.00 58.05 ? 291 HOH A O   1 
HETATM 1081 O O   . HOH D 4 .   ? -12.447 11.637  2.425   1.00 66.42 ? 292 HOH A O   1 
HETATM 1082 O O   . HOH D 4 .   ? -5.108  3.270   -14.815 1.00 49.12 ? 293 HOH A O   1 
HETATM 1083 O O   . HOH D 4 .   ? -3.569  6.320   9.333   1.00 81.70 ? 294 HOH A O   1 
HETATM 1084 O O   . HOH D 4 .   ? 1.202   10.842  12.564  1.00 60.46 ? 295 HOH A O   1 
HETATM 1085 O O   . HOH D 4 .   ? 4.475   5.665   14.401  1.00 72.19 ? 296 HOH A O   1 
HETATM 1086 O O   . HOH D 4 .   ? -9.190  -13.987 9.903   1.00 47.53 ? 297 HOH A O   1 
HETATM 1087 O O   . HOH D 4 .   ? 9.400   4.299   -9.679  1.00 60.10 ? 298 HOH A O   1 
HETATM 1088 O O   . HOH D 4 .   ? -1.266  -4.338  12.073  1.00 49.51 ? 299 HOH A O   1 
HETATM 1089 O O   . HOH D 4 .   ? 11.462  -7.397  7.339   1.00 75.78 ? 300 HOH A O   1 
HETATM 1090 O O   . HOH D 4 .   ? -7.755  -16.824 -9.512  1.00 46.99 ? 301 HOH A O   1 
HETATM 1091 O O   . HOH D 4 .   ? -1.136  4.286   10.469  1.00 61.90 ? 302 HOH A O   1 
HETATM 1092 O O   . HOH D 4 .   ? 7.187   -3.149  17.410  1.00 52.43 ? 303 HOH A O   1 
HETATM 1093 O O   . HOH D 4 .   ? 11.316  5.981   15.467  1.00 45.90 ? 304 HOH A O   1 
HETATM 1094 O O   . HOH D 4 .   ? 3.894   -17.083 -9.475  1.00 58.18 ? 305 HOH A O   1 
HETATM 1095 O O   . HOH D 4 .   ? -9.049  0.006   11.000  1.00 62.80 ? 306 HOH A O   1 
HETATM 1096 O O   . HOH D 4 .   ? -1.854  20.964  -2.439  1.00 47.75 ? 307 HOH A O   1 
HETATM 1097 O O   . HOH D 4 .   ? -11.579 18.165  3.015   1.00 69.04 ? 308 HOH A O   1 
HETATM 1098 O O   . HOH D 4 .   ? -0.132  -0.300  11.632  1.00 47.41 ? 309 HOH A O   1 
HETATM 1099 O O   . HOH E 4 .   ? 11.569  -9.745  -2.702  1.00 77.19 ? 82  HOH P O   1 
# 
